data_4V3F
#
_entry.id   4V3F
#
_cell.length_a   69.440
_cell.length_b   82.256
_cell.length_c   88.516
_cell.angle_alpha   79.44
_cell.angle_beta   84.89
_cell.angle_gamma   77.32
#
_symmetry.space_group_name_H-M   'P 1'
#
loop_
_entity.id
_entity.type
_entity.pdbx_description
1 polymer 'BETAINE ALDEHYDE DEHYDROGENASE, CHLOROPLASTIC'
2 polymer 'BETAINE ALDEHYDE DEHYDROGENASE, CHLOROPLASTIC'
3 non-polymer 'IODIDE ION'
4 non-polymer 'CHOLINE ION'
5 non-polymer 'TETRAETHYLENE GLYCOL'
6 non-polymer GLYCEROL
7 non-polymer 2-ETHOXYETHANOL
8 water water
#
loop_
_entity_poly.entity_id
_entity_poly.type
_entity_poly.pdbx_seq_one_letter_code
_entity_poly.pdbx_strand_id
1 'polypeptide(L)'
;MAFPIPARQLFIDGEWREPIKKNRIPVINPSTEEIIGDIPAATAEDVEVAVVAARRAFRRNNWSATSGAHRATYLRAIAA
KITEKKDHFVKLETIDSGKPFDEAVLDIDDVASCFEYFAGQAEALDGKQKAPVTLPMERFKSHVLRQPLGVVGLISPWNY
PLLMATWKIAPALAAGCTAVLKPSELASVTCLEFGEVCNEVGLPPGVLNILTGLGPDAGAPLVSHPDVDKIAFTGSSATG
SKVMASAAQLVKPVTLELGGKSPIVVFEDVDIDKVVEWTIFGCFWTNGQI(CSO)SATSRLLVHESIAAEFVDKLVKWTK
NIKISDPFEEGCRLGPVISKGQYDKIMKFISTAKSEGATILYGGSRPEHLKKGYYIEPTIVTDISTSMQIWKEEVFGPVL
CVKTFSSEDEAIALANDTEYGLAAAVFSNDLERCERITKALEVGAVWVNCSQPCFVQAPWGGIKRSGFGRELGEWGIQNY
LNIKQVTQDISDEPWGWYKSP
;
A,B,D
2 'polypeptide(L)'
;MAFPIPARQLFIDGEWREPIKKNRIPVINPSTEEIIGDIPAATAEDVEVAVVAARRAFRRNNWSATSGAHRATYLRAIAA
KITEKKDHFVKLETIDSGKPFDEAVLDIDDVASCFEYFAGQAEALDGKQKAPVTLPMERFKSHVLRQPLGVVGLISPWNY
PLLMATWKIAPALAAGCTAVLKPSELASVTCLEFGEVCNEVGLPPGVLNILTGLGPDAGAPLVSHPDVDKIAFTGSSATG
SKVMASAAQLVKPVTLELGGKSPIVVFEDVDIDKVVEWTIFGCFWTNGQI(CSO)SATSRLLVHESIAAEFVDKLVKWTK
NIKISDPFEEGCRLGPVISKGQYDKIMKFISTAKSEGATILYGGSRPEHLKKGYYIEPTIVTDISTSMQIWKEEVFGPVL
CVKTFSSEDEAIALANDTEYGLAAAVFSNDLERCERITKALEVGAVWVNCSQP(CSO)FVQAPWGGIKRSGFGRELGEWG
IQNYLNIKQVTQDISDEPWGWYKSP
;
C
#
loop_
_chem_comp.id
_chem_comp.type
_chem_comp.name
_chem_comp.formula
CHT non-polymer 'CHOLINE ION' 'C5 H14 N O 1'
ETX non-polymer 2-ETHOXYETHANOL 'C4 H10 O2'
GOL non-polymer GLYCEROL 'C3 H8 O3'
IOD non-polymer 'IODIDE ION' 'I -1'
PG4 non-polymer 'TETRAETHYLENE GLYCOL' 'C8 H18 O5'
#
# COMPACT_ATOMS: atom_id res chain seq x y z
N PHE A 3 22.92 -2.14 38.19
CA PHE A 3 21.50 -1.83 38.20
C PHE A 3 20.73 -2.64 37.16
N PRO A 4 19.55 -3.11 37.53
CA PRO A 4 18.71 -3.90 36.62
C PRO A 4 17.66 -3.04 35.93
N ILE A 5 16.83 -3.68 35.11
CA ILE A 5 15.77 -2.97 34.39
C ILE A 5 14.38 -3.40 34.85
N PRO A 6 13.43 -2.48 34.80
CA PRO A 6 12.06 -2.78 35.22
C PRO A 6 11.35 -3.76 34.30
N ALA A 7 10.49 -4.60 34.87
CA ALA A 7 9.56 -5.42 34.10
C ALA A 7 8.15 -4.87 34.31
N ARG A 8 7.58 -4.29 33.27
CA ARG A 8 6.25 -3.72 33.41
C ARG A 8 5.18 -4.38 32.56
N GLN A 9 3.94 -4.16 32.95
CA GLN A 9 2.81 -4.49 32.12
C GLN A 9 2.40 -3.22 31.40
N LEU A 10 1.30 -3.27 30.65
CA LEU A 10 0.75 -2.07 30.05
C LEU A 10 0.16 -1.17 31.13
N PHE A 11 0.19 0.14 30.90
CA PHE A 11 -0.41 1.07 31.84
C PHE A 11 -1.76 1.50 31.32
N ILE A 12 -2.82 1.00 31.94
CA ILE A 12 -4.19 1.30 31.50
C ILE A 12 -5.04 1.59 32.72
N ASP A 13 -5.77 2.70 32.67
CA ASP A 13 -6.72 3.08 33.69
C ASP A 13 -6.12 2.97 35.09
N GLY A 14 -4.96 3.60 35.26
CA GLY A 14 -4.34 3.71 36.57
C GLY A 14 -3.69 2.46 37.14
N GLU A 15 -3.82 1.33 36.46
CA GLU A 15 -3.27 0.05 36.92
C GLU A 15 -2.49 -0.69 35.82
N TRP A 16 -1.77 -1.72 36.23
CA TRP A 16 -0.88 -2.47 35.35
C TRP A 16 -1.56 -3.72 34.79
N ARG A 17 -1.72 -3.75 33.47
CA ARG A 17 -2.52 -4.75 32.79
C ARG A 17 -1.70 -5.53 31.78
N GLU A 18 -1.69 -6.86 31.91
CA GLU A 18 -1.11 -7.73 30.91
C GLU A 18 -1.83 -7.50 29.58
N PRO A 19 -1.08 -7.43 28.48
CA PRO A 19 -1.68 -7.53 27.14
C PRO A 19 -2.70 -8.67 27.06
N ILE A 20 -3.83 -8.42 26.43
CA ILE A 20 -4.89 -9.42 26.32
C ILE A 20 -4.42 -10.69 25.61
N LYS A 21 -3.64 -10.54 24.54
CA LYS A 21 -3.02 -11.70 23.86
C LYS A 21 -1.69 -12.13 24.52
N LYS A 22 -1.27 -11.41 25.57
CA LYS A 22 -0.12 -11.77 26.42
C LYS A 22 1.27 -11.77 25.76
N ASN A 23 1.45 -11.06 24.66
CA ASN A 23 2.78 -11.06 24.04
C ASN A 23 3.74 -10.05 24.67
N ARG A 24 5.03 -10.37 24.65
CA ARG A 24 6.07 -9.41 25.04
C ARG A 24 7.17 -9.45 24.01
N ILE A 25 7.93 -8.37 23.87
CA ILE A 25 9.04 -8.31 22.93
C ILE A 25 10.28 -7.87 23.70
N PRO A 26 11.48 -8.12 23.16
CA PRO A 26 12.64 -7.88 24.02
C PRO A 26 13.11 -6.43 24.06
N VAL A 27 13.89 -6.15 25.09
CA VAL A 27 14.65 -4.91 25.14
C VAL A 27 16.10 -5.28 24.92
N ILE A 28 16.70 -4.67 23.90
CA ILE A 28 18.10 -4.91 23.59
C ILE A 28 18.92 -3.67 23.99
N ASN A 29 20.08 -3.88 24.62
CA ASN A 29 21.05 -2.82 24.80
C ASN A 29 21.83 -2.63 23.50
N PRO A 30 21.66 -1.49 22.83
CA PRO A 30 22.35 -1.18 21.56
C PRO A 30 23.88 -1.22 21.70
N SER A 31 24.35 -1.00 22.91
CA SER A 31 25.79 -1.05 23.19
C SER A 31 26.35 -2.48 23.12
N THR A 32 25.53 -3.48 23.45
CA THR A 32 26.02 -4.85 23.57
C THR A 32 25.34 -5.90 22.65
N GLU A 33 24.20 -5.54 22.07
CA GLU A 33 23.39 -6.40 21.19
C GLU A 33 22.74 -7.52 21.99
N GLU A 34 22.68 -7.34 23.30
CA GLU A 34 22.12 -8.37 24.14
C GLU A 34 20.76 -7.96 24.70
N ILE A 35 19.91 -8.98 24.85
CA ILE A 35 18.61 -8.82 25.48
C ILE A 35 18.80 -8.54 26.95
N ILE A 36 18.23 -7.45 27.41
CA ILE A 36 18.39 -7.06 28.81
C ILE A 36 17.06 -7.03 29.53
N GLY A 37 15.99 -7.29 28.82
CA GLY A 37 14.69 -7.37 29.46
C GLY A 37 13.64 -7.48 28.38
N ASP A 38 12.40 -7.24 28.75
CA ASP A 38 11.36 -7.22 27.73
C ASP A 38 10.21 -6.29 28.12
N ILE A 39 9.46 -5.87 27.11
CA ILE A 39 8.34 -4.97 27.28
C ILE A 39 7.08 -5.64 26.78
N PRO A 40 5.93 -5.31 27.40
CA PRO A 40 4.66 -5.86 26.93
C PRO A 40 4.35 -5.39 25.51
N ALA A 41 3.73 -6.27 24.72
CA ALA A 41 3.42 -5.94 23.34
C ALA A 41 1.91 -5.91 23.08
N ALA A 42 1.37 -4.71 23.11
CA ALA A 42 -0.07 -4.51 22.96
C ALA A 42 -0.59 -4.75 21.56
N THR A 43 -1.86 -5.11 21.50
CA THR A 43 -2.57 -5.33 20.25
C THR A 43 -3.87 -4.54 20.24
N ALA A 44 -4.64 -4.68 19.16
CA ALA A 44 -5.87 -3.91 18.96
C ALA A 44 -6.87 -4.06 20.10
N GLU A 45 -6.92 -5.25 20.71
CA GLU A 45 -7.77 -5.50 21.87
C GLU A 45 -7.38 -4.62 23.06
N ASP A 46 -6.09 -4.44 23.27
CA ASP A 46 -5.62 -3.57 24.35
C ASP A 46 -5.90 -2.10 24.03
N VAL A 47 -5.74 -1.74 22.75
CA VAL A 47 -6.04 -0.39 22.29
C VAL A 47 -7.49 -0.09 22.63
N GLU A 48 -8.38 -1.02 22.31
CA GLU A 48 -9.80 -0.84 22.61
C GLU A 48 -10.07 -0.56 24.10
N VAL A 49 -9.42 -1.28 25.02
CA VAL A 49 -9.78 -1.03 26.41
C VAL A 49 -9.12 0.25 26.95
N ALA A 50 -8.00 0.66 26.35
CA ALA A 50 -7.30 1.87 26.77
C ALA A 50 -8.09 3.10 26.36
N VAL A 51 -8.68 3.08 25.16
CA VAL A 51 -9.45 4.23 24.69
C VAL A 51 -10.83 4.28 25.38
N VAL A 52 -11.36 3.13 25.76
CA VAL A 52 -12.62 3.13 26.50
C VAL A 52 -12.37 3.76 27.86
N ALA A 53 -11.26 3.40 28.49
CA ALA A 53 -10.84 4.00 29.75
C ALA A 53 -10.54 5.49 29.59
N ALA A 54 -9.94 5.87 28.46
CA ALA A 54 -9.62 7.26 28.28
C ALA A 54 -10.91 8.05 28.06
N ARG A 55 -11.84 7.47 27.32
CA ARG A 55 -13.14 8.11 27.09
C ARG A 55 -13.91 8.28 28.41
N ARG A 56 -13.97 7.20 29.19
CA ARG A 56 -14.57 7.24 30.53
C ARG A 56 -13.97 8.34 31.40
N ALA A 57 -12.64 8.44 31.41
CA ALA A 57 -11.95 9.47 32.20
C ALA A 57 -12.21 10.88 31.67
N PHE A 58 -12.34 11.01 30.37
CA PHE A 58 -12.63 12.32 29.80
C PHE A 58 -14.03 12.81 30.24
N ARG A 59 -14.93 11.86 30.48
CA ARG A 59 -16.32 12.20 30.78
C ARG A 59 -16.53 12.46 32.27
N ARG A 60 -15.58 12.03 33.09
CA ARG A 60 -15.68 12.25 34.53
C ARG A 60 -15.61 13.76 34.85
N ASN A 61 -15.86 14.08 36.12
CA ASN A 61 -15.99 15.46 36.57
C ASN A 61 -14.72 15.98 37.18
N ASN A 62 -13.60 15.29 36.94
CA ASN A 62 -12.36 15.62 37.62
C ASN A 62 -11.15 15.99 36.77
N TRP A 63 -11.34 16.13 35.46
CA TRP A 63 -10.24 16.40 34.56
C TRP A 63 -10.60 17.36 33.44
N SER A 64 -11.39 16.93 32.49
CA SER A 64 -11.57 17.66 31.23
C SER A 64 -12.31 19.00 31.37
N ALA A 65 -13.29 19.08 32.25
CA ALA A 65 -13.99 20.35 32.49
C ALA A 65 -13.41 21.13 33.68
N THR A 66 -12.39 20.57 34.33
CA THR A 66 -11.70 21.29 35.38
C THR A 66 -10.94 22.47 34.78
N SER A 67 -10.39 23.33 35.63
CA SER A 67 -9.66 24.51 35.17
C SER A 67 -8.21 24.20 34.80
N GLY A 68 -7.61 25.06 33.99
CA GLY A 68 -6.22 24.92 33.62
C GLY A 68 -5.30 24.99 34.83
N ALA A 69 -5.65 25.85 35.77
CA ALA A 69 -4.85 25.97 37.00
C ALA A 69 -4.82 24.65 37.77
N HIS A 70 -5.96 23.98 37.81
CA HIS A 70 -6.10 22.69 38.49
C HIS A 70 -5.18 21.65 37.88
N ARG A 71 -5.29 21.46 36.57
CA ARG A 71 -4.46 20.49 35.89
C ARG A 71 -2.99 20.87 36.00
N ALA A 72 -2.71 22.17 36.11
CA ALA A 72 -1.32 22.62 36.30
C ALA A 72 -0.66 22.04 37.55
N THR A 73 -1.43 21.82 38.62
CA THR A 73 -0.88 21.26 39.85
C THR A 73 -0.37 19.84 39.57
N TYR A 74 -1.09 19.12 38.73
CA TYR A 74 -0.60 17.80 38.31
C TYR A 74 0.65 17.90 37.45
N LEU A 75 0.71 18.86 36.54
CA LEU A 75 1.88 18.93 35.67
C LEU A 75 3.14 19.33 36.45
N ARG A 76 2.99 20.26 37.38
CA ARG A 76 4.10 20.63 38.25
C ARG A 76 4.52 19.44 39.14
N ALA A 77 3.54 18.64 39.58
CA ALA A 77 3.87 17.45 40.39
C ALA A 77 4.70 16.46 39.57
N ILE A 78 4.39 16.36 38.29
CA ILE A 78 5.14 15.48 37.41
C ILE A 78 6.57 15.99 37.24
N ALA A 79 6.71 17.28 36.95
CA ALA A 79 8.04 17.85 36.77
C ALA A 79 8.86 17.65 38.06
N ALA A 80 8.22 17.83 39.20
CA ALA A 80 8.91 17.60 40.48
C ALA A 80 9.34 16.14 40.59
N LYS A 81 8.39 15.22 40.40
CA LYS A 81 8.68 13.81 40.49
C LYS A 81 9.81 13.41 39.55
N ILE A 82 9.70 13.83 38.28
CA ILE A 82 10.72 13.49 37.31
C ILE A 82 12.11 13.94 37.80
N THR A 83 12.14 15.15 38.35
CA THR A 83 13.37 15.71 38.91
C THR A 83 13.86 14.93 40.13
N GLU A 84 12.95 14.58 41.03
CA GLU A 84 13.25 13.73 42.18
C GLU A 84 13.86 12.38 41.78
N LYS A 85 13.32 11.77 40.71
CA LYS A 85 13.78 10.45 40.29
C LYS A 85 14.76 10.56 39.11
N LYS A 86 15.39 11.73 39.02
CA LYS A 86 16.33 12.06 37.94
C LYS A 86 17.34 10.99 37.58
N ASP A 87 18.07 10.46 38.57
CA ASP A 87 19.14 9.50 38.26
C ASP A 87 18.60 8.19 37.70
N HIS A 88 17.44 7.79 38.19
CA HIS A 88 16.77 6.60 37.70
C HIS A 88 16.42 6.71 36.21
N PHE A 89 15.88 7.87 35.81
CA PHE A 89 15.43 8.01 34.43
C PHE A 89 16.61 8.14 33.46
N VAL A 90 17.64 8.88 33.82
CA VAL A 90 18.80 9.03 32.92
C VAL A 90 19.55 7.70 32.70
N LYS A 91 19.58 6.86 33.73
CA LYS A 91 20.24 5.57 33.61
C LYS A 91 19.47 4.69 32.62
N LEU A 92 18.16 4.56 32.85
CA LEU A 92 17.29 3.81 31.95
C LEU A 92 17.32 4.33 30.50
N GLU A 93 17.22 5.65 30.36
CA GLU A 93 17.25 6.27 29.04
C GLU A 93 18.57 5.99 28.32
N THR A 94 19.66 6.00 29.07
CA THR A 94 20.98 5.73 28.50
C THR A 94 21.11 4.28 28.03
N ILE A 95 20.70 3.35 28.87
CA ILE A 95 20.85 1.95 28.46
C ILE A 95 19.85 1.60 27.35
N ASP A 96 18.64 2.17 27.41
CA ASP A 96 17.60 1.87 26.41
C ASP A 96 17.89 2.53 25.05
N SER A 97 18.22 3.82 25.05
CA SER A 97 18.33 4.56 23.79
C SER A 97 19.73 4.50 23.19
N GLY A 98 20.73 4.22 24.01
CA GLY A 98 22.10 4.19 23.55
C GLY A 98 22.80 5.53 23.43
N LYS A 99 22.12 6.61 23.79
CA LYS A 99 22.75 7.92 23.69
C LYS A 99 23.69 8.11 24.86
N PRO A 100 24.74 8.93 24.67
CA PRO A 100 25.67 9.16 25.79
C PRO A 100 24.92 9.62 27.02
N PHE A 101 25.41 9.17 28.18
CA PHE A 101 24.93 9.59 29.49
C PHE A 101 24.72 11.12 29.57
N ASP A 102 25.70 11.87 29.09
CA ASP A 102 25.61 13.33 29.18
C ASP A 102 24.44 13.87 28.36
N GLU A 103 24.14 13.23 27.24
CA GLU A 103 23.00 13.70 26.46
C GLU A 103 21.76 13.36 27.25
N ALA A 104 21.69 12.11 27.71
CA ALA A 104 20.58 11.66 28.52
C ALA A 104 20.20 12.63 29.65
N VAL A 105 21.18 13.11 30.42
CA VAL A 105 20.82 13.95 31.59
C VAL A 105 20.11 15.23 31.14
N LEU A 106 20.48 15.72 29.97
CA LEU A 106 19.87 16.95 29.47
C LEU A 106 18.43 16.67 29.00
N ASP A 107 18.15 15.45 28.54
CA ASP A 107 16.79 15.06 28.16
C ASP A 107 15.87 15.01 29.36
N ILE A 108 16.37 14.45 30.46
CA ILE A 108 15.50 14.30 31.61
C ILE A 108 15.31 15.68 32.28
N ASP A 109 16.34 16.51 32.21
CA ASP A 109 16.19 17.92 32.62
C ASP A 109 15.09 18.54 31.76
N ASP A 110 15.18 18.34 30.44
CA ASP A 110 14.21 18.95 29.54
C ASP A 110 12.82 18.35 29.69
N VAL A 111 12.72 17.12 30.15
CA VAL A 111 11.41 16.55 30.42
C VAL A 111 10.69 17.35 31.52
N ALA A 112 11.38 17.58 32.64
CA ALA A 112 10.79 18.32 33.74
C ALA A 112 10.49 19.77 33.35
N SER A 113 11.38 20.39 32.58
CA SER A 113 11.15 21.77 32.10
C SER A 113 9.92 21.91 31.19
N CYS A 114 9.63 20.84 30.46
N CYS A 114 9.63 20.85 30.45
CA CYS A 114 8.49 20.83 29.56
CA CYS A 114 8.46 20.83 29.56
C CYS A 114 7.18 20.76 30.33
C CYS A 114 7.18 20.78 30.35
N PHE A 115 7.16 19.96 31.39
CA PHE A 115 5.97 19.86 32.23
C PHE A 115 5.78 21.17 33.01
N GLU A 116 6.87 21.76 33.47
CA GLU A 116 6.75 23.09 34.10
C GLU A 116 6.16 24.12 33.13
N TYR A 117 6.81 24.31 31.98
CA TYR A 117 6.33 25.25 30.97
C TYR A 117 4.85 25.13 30.67
N PHE A 118 4.36 23.91 30.50
CA PHE A 118 2.96 23.68 30.18
C PHE A 118 2.00 23.72 31.35
N ALA A 119 2.51 23.54 32.55
CA ALA A 119 1.71 23.88 33.73
C ALA A 119 1.34 25.36 33.63
N GLY A 120 2.31 26.18 33.27
CA GLY A 120 2.07 27.61 33.06
C GLY A 120 1.07 27.85 31.94
N GLN A 121 1.17 27.09 30.84
CA GLN A 121 0.30 27.31 29.71
C GLN A 121 -1.12 26.90 30.07
N ALA A 122 -1.24 25.86 30.90
CA ALA A 122 -2.54 25.47 31.42
C ALA A 122 -3.19 26.64 32.19
N GLU A 123 -2.41 27.25 33.07
CA GLU A 123 -2.89 28.37 33.87
C GLU A 123 -3.34 29.53 32.98
N ALA A 124 -2.47 29.92 32.05
CA ALA A 124 -2.77 31.04 31.15
C ALA A 124 -3.99 30.78 30.29
N LEU A 125 -4.36 29.51 30.16
CA LEU A 125 -5.53 29.12 29.39
C LEU A 125 -6.84 29.58 30.02
N ASP A 126 -6.86 29.68 31.34
CA ASP A 126 -8.06 30.07 32.05
C ASP A 126 -8.54 31.49 31.70
N GLY A 127 -7.61 32.44 31.63
CA GLY A 127 -7.95 33.81 31.28
C GLY A 127 -8.29 33.99 29.80
N LYS A 128 -8.19 32.91 29.01
CA LYS A 128 -8.47 33.01 27.58
C LYS A 128 -9.88 32.52 27.29
N GLN A 129 -10.55 32.03 28.33
CA GLN A 129 -11.87 31.46 28.16
C GLN A 129 -12.90 32.55 28.03
N LYS A 130 -13.92 32.30 27.21
CA LYS A 130 -14.93 33.28 26.84
C LYS A 130 -14.30 34.57 26.31
N ALA A 131 -13.20 34.45 25.57
CA ALA A 131 -12.59 35.62 24.94
C ALA A 131 -13.61 36.22 23.99
N PRO A 132 -13.86 37.52 24.13
CA PRO A 132 -14.94 38.17 23.40
C PRO A 132 -14.60 38.38 21.93
N VAL A 133 -15.58 38.23 21.04
CA VAL A 133 -15.42 38.61 19.62
C VAL A 133 -16.40 39.72 19.22
N THR A 134 -15.88 40.93 19.03
CA THR A 134 -16.71 42.09 18.70
C THR A 134 -17.42 41.90 17.38
N LEU A 135 -18.74 42.02 17.38
CA LEU A 135 -19.52 41.88 16.15
C LEU A 135 -20.00 43.23 15.64
N PRO A 136 -20.16 43.35 14.30
CA PRO A 136 -20.73 44.51 13.61
C PRO A 136 -22.16 44.88 14.05
N MET A 137 -22.96 43.90 14.42
CA MET A 137 -24.39 44.09 14.69
C MET A 137 -24.74 43.96 16.16
N GLU A 138 -25.27 45.03 16.74
CA GLU A 138 -25.49 45.02 18.18
C GLU A 138 -26.51 43.99 18.64
N ARG A 139 -27.29 43.45 17.71
CA ARG A 139 -28.20 42.34 17.99
C ARG A 139 -27.46 41.12 18.58
N PHE A 140 -26.29 40.84 18.01
CA PHE A 140 -25.56 39.61 18.33
C PHE A 140 -24.31 39.91 19.13
N LYS A 141 -23.92 38.96 19.97
CA LYS A 141 -22.60 39.04 20.60
C LYS A 141 -21.97 37.67 20.51
N SER A 142 -20.66 37.64 20.68
CA SER A 142 -19.91 36.42 20.43
C SER A 142 -18.71 36.31 21.33
N HIS A 143 -18.34 35.08 21.66
CA HIS A 143 -17.08 34.82 22.34
C HIS A 143 -16.55 33.44 21.95
N VAL A 144 -15.33 33.12 22.39
CA VAL A 144 -14.66 31.85 22.07
C VAL A 144 -14.38 31.00 23.33
N LEU A 145 -14.78 29.71 23.29
CA LEU A 145 -14.39 28.77 24.33
C LEU A 145 -13.28 27.86 23.81
N ARG A 146 -12.29 27.60 24.65
CA ARG A 146 -11.22 26.68 24.29
C ARG A 146 -11.34 25.40 25.12
N GLN A 147 -12.13 24.46 24.60
CA GLN A 147 -12.37 23.19 25.30
C GLN A 147 -11.40 22.10 24.85
N PRO A 148 -11.19 21.09 25.70
CA PRO A 148 -10.37 19.98 25.23
C PRO A 148 -11.09 19.24 24.12
N LEU A 149 -10.33 18.78 23.13
CA LEU A 149 -10.92 18.15 21.96
C LEU A 149 -11.52 16.79 22.33
N GLY A 150 -10.82 16.05 23.21
CA GLY A 150 -11.29 14.76 23.65
C GLY A 150 -10.23 13.71 23.97
N VAL A 151 -10.38 12.51 23.41
CA VAL A 151 -9.42 11.43 23.59
C VAL A 151 -8.40 11.45 22.45
N VAL A 152 -7.11 11.50 22.77
CA VAL A 152 -6.12 11.68 21.70
C VAL A 152 -5.09 10.58 21.71
N GLY A 153 -4.59 10.24 20.52
CA GLY A 153 -3.53 9.26 20.40
C GLY A 153 -2.21 9.98 20.14
N LEU A 154 -1.23 9.67 20.96
CA LEU A 154 0.10 10.25 20.88
C LEU A 154 1.13 9.19 20.48
N ILE A 155 1.82 9.42 19.38
CA ILE A 155 2.77 8.43 18.90
C ILE A 155 4.17 9.07 18.79
N SER A 156 5.12 8.53 19.57
CA SER A 156 6.39 9.21 19.78
C SER A 156 7.55 8.29 19.45
N PRO A 157 8.62 8.86 18.86
CA PRO A 157 9.81 8.11 18.41
C PRO A 157 10.83 7.83 19.52
N TRP A 158 11.80 6.98 19.20
CA TRP A 158 12.80 6.46 20.14
C TRP A 158 14.08 7.31 20.29
N ASN A 159 14.24 8.40 19.52
CA ASN A 159 15.53 9.11 19.53
C ASN A 159 15.70 9.99 20.77
N TYR A 160 14.60 10.49 21.31
CA TYR A 160 14.57 11.05 22.66
C TYR A 160 13.30 10.48 23.32
N PRO A 161 13.38 9.27 23.89
CA PRO A 161 12.16 8.52 24.20
C PRO A 161 11.19 9.24 25.12
N LEU A 162 11.64 9.58 26.33
CA LEU A 162 10.76 10.23 27.27
C LEU A 162 10.48 11.67 26.87
N LEU A 163 11.48 12.36 26.33
CA LEU A 163 11.28 13.76 25.99
C LEU A 163 10.32 13.89 24.79
N MET A 164 10.41 13.00 23.80
CA MET A 164 9.48 13.12 22.67
C MET A 164 8.06 12.78 23.12
N ALA A 165 7.92 11.85 24.06
CA ALA A 165 6.60 11.55 24.62
C ALA A 165 6.06 12.76 25.37
N THR A 166 6.91 13.42 26.15
N THR A 166 7.03 13.47 25.96
CA THR A 166 6.42 14.53 26.96
CA THR A 166 6.69 14.51 26.92
C THR A 166 5.96 15.69 26.08
C THR A 166 6.25 15.80 26.23
N TRP A 167 6.65 15.92 24.96
CA TRP A 167 6.26 17.00 24.04
C TRP A 167 4.81 16.86 23.59
N LYS A 168 4.28 15.66 23.63
CA LYS A 168 2.90 15.41 23.28
C LYS A 168 2.04 15.24 24.52
N ILE A 169 2.56 14.57 25.53
CA ILE A 169 1.78 14.33 26.76
C ILE A 169 1.50 15.70 27.41
N ALA A 170 2.55 16.49 27.57
CA ALA A 170 2.41 17.76 28.33
C ALA A 170 1.29 18.66 27.78
N PRO A 171 1.35 19.06 26.50
CA PRO A 171 0.26 19.95 26.10
C PRO A 171 -1.14 19.33 26.08
N ALA A 172 -1.23 18.04 25.77
CA ALA A 172 -2.51 17.38 25.71
C ALA A 172 -3.15 17.37 27.09
N LEU A 173 -2.33 17.14 28.11
CA LEU A 173 -2.89 17.11 29.46
C LEU A 173 -3.19 18.56 29.88
N ALA A 174 -2.34 19.49 29.47
CA ALA A 174 -2.60 20.91 29.77
C ALA A 174 -3.95 21.37 29.17
N ALA A 175 -4.27 20.89 27.97
CA ALA A 175 -5.53 21.23 27.32
C ALA A 175 -6.75 20.58 27.97
N GLY A 176 -6.54 19.55 28.79
CA GLY A 176 -7.66 18.86 29.39
C GLY A 176 -8.07 17.60 28.67
N CYS A 177 -7.28 17.18 27.69
CA CYS A 177 -7.55 15.92 26.99
C CYS A 177 -7.16 14.73 27.87
N THR A 178 -7.65 13.56 27.50
CA THR A 178 -7.11 12.29 27.98
C THR A 178 -6.47 11.61 26.78
N ALA A 179 -5.49 10.75 27.02
CA ALA A 179 -4.63 10.34 25.93
C ALA A 179 -4.21 8.89 26.04
N VAL A 180 -3.90 8.33 24.89
CA VAL A 180 -3.26 7.04 24.81
C VAL A 180 -1.89 7.23 24.12
N LEU A 181 -0.83 6.89 24.85
CA LEU A 181 0.55 7.03 24.34
C LEU A 181 1.08 5.72 23.80
N LYS A 182 1.53 5.74 22.56
CA LYS A 182 2.26 4.62 21.95
C LYS A 182 3.72 5.00 21.63
N PRO A 183 4.66 4.68 22.53
CA PRO A 183 6.09 4.89 22.28
C PRO A 183 6.62 3.90 21.25
N SER A 184 7.84 4.10 20.77
CA SER A 184 8.45 3.19 19.81
C SER A 184 8.93 1.91 20.50
N GLU A 185 8.75 0.76 19.85
CA GLU A 185 9.21 -0.54 20.35
C GLU A 185 10.71 -0.59 20.60
N LEU A 186 11.48 0.26 19.92
CA LEU A 186 12.93 0.31 20.10
C LEU A 186 13.38 0.99 21.41
N ALA A 187 12.47 1.66 22.10
CA ALA A 187 12.83 2.43 23.31
C ALA A 187 11.60 2.86 24.11
N SER A 188 11.13 1.97 24.96
CA SER A 188 9.87 2.13 25.67
C SER A 188 10.02 2.12 27.19
N VAL A 189 11.24 1.95 27.69
CA VAL A 189 11.44 1.70 29.13
C VAL A 189 11.05 2.90 30.00
N THR A 190 11.60 4.08 29.71
CA THR A 190 11.22 5.24 30.53
C THR A 190 9.76 5.64 30.38
N CYS A 191 9.21 5.61 29.16
CA CYS A 191 7.77 5.92 28.97
C CYS A 191 6.89 5.01 29.83
N LEU A 192 7.26 3.72 29.92
CA LEU A 192 6.52 2.81 30.78
C LEU A 192 6.67 3.19 32.25
N GLU A 193 7.89 3.52 32.66
CA GLU A 193 8.15 4.01 34.01
C GLU A 193 7.33 5.27 34.31
N PHE A 194 7.05 6.04 33.27
CA PHE A 194 6.25 7.25 33.44
C PHE A 194 4.87 6.94 34.02
N GLY A 195 4.38 5.74 33.75
CA GLY A 195 3.10 5.32 34.29
C GLY A 195 3.08 5.28 35.81
N GLU A 196 4.23 5.03 36.44
CA GLU A 196 4.30 5.07 37.91
C GLU A 196 4.16 6.53 38.41
N VAL A 197 4.95 7.41 37.83
CA VAL A 197 4.88 8.85 38.12
C VAL A 197 3.43 9.32 38.10
N CYS A 198 2.67 8.89 37.10
CA CYS A 198 1.26 9.25 37.03
C CYS A 198 0.49 8.77 38.26
N ASN A 199 0.64 7.51 38.63
CA ASN A 199 0.00 7.02 39.84
C ASN A 199 0.42 7.84 41.04
N GLU A 200 1.74 7.99 41.22
CA GLU A 200 2.27 8.66 42.40
C GLU A 200 1.78 10.12 42.55
N VAL A 201 1.45 10.79 41.44
CA VAL A 201 0.92 12.15 41.56
C VAL A 201 -0.60 12.14 41.61
N GLY A 202 -1.19 10.96 41.58
CA GLY A 202 -2.64 10.86 41.65
C GLY A 202 -3.41 11.33 40.42
N LEU A 203 -2.78 11.26 39.25
CA LEU A 203 -3.47 11.52 37.99
C LEU A 203 -4.67 10.58 37.88
N PRO A 204 -5.90 11.12 37.67
CA PRO A 204 -7.08 10.25 37.61
C PRO A 204 -6.90 9.12 36.60
N PRO A 205 -7.37 7.92 36.96
CA PRO A 205 -7.15 6.75 36.11
C PRO A 205 -7.76 6.93 34.73
N GLY A 206 -6.99 6.61 33.71
CA GLY A 206 -7.46 6.69 32.35
C GLY A 206 -7.16 8.00 31.65
N VAL A 207 -6.55 8.93 32.38
CA VAL A 207 -6.23 10.24 31.81
C VAL A 207 -5.05 10.03 30.85
N LEU A 208 -4.07 9.24 31.28
CA LEU A 208 -3.00 8.79 30.38
C LEU A 208 -2.86 7.26 30.46
N ASN A 209 -2.83 6.65 29.29
CA ASN A 209 -2.65 5.21 29.15
C ASN A 209 -1.48 4.94 28.20
N ILE A 210 -0.59 4.03 28.59
CA ILE A 210 0.65 3.83 27.88
C ILE A 210 0.68 2.41 27.33
N LEU A 211 0.61 2.31 26.02
CA LEU A 211 0.64 1.00 25.38
C LEU A 211 1.91 0.87 24.56
N THR A 212 2.75 -0.09 24.92
CA THR A 212 3.95 -0.37 24.16
C THR A 212 3.65 -1.55 23.24
N GLY A 213 4.43 -1.66 22.17
CA GLY A 213 4.19 -2.72 21.20
C GLY A 213 4.68 -2.31 19.83
N LEU A 214 4.45 -3.21 18.88
CA LEU A 214 4.82 -3.01 17.50
C LEU A 214 3.88 -2.03 16.82
N GLY A 215 4.39 -1.41 15.76
CA GLY A 215 3.63 -0.46 14.97
C GLY A 215 2.30 -0.96 14.47
N PRO A 216 2.30 -2.08 13.74
CA PRO A 216 1.01 -2.44 13.17
C PRO A 216 0.05 -2.93 14.25
N ASP A 217 0.59 -3.34 15.39
CA ASP A 217 -0.25 -3.96 16.42
C ASP A 217 -0.84 -2.96 17.41
N ALA A 218 -0.04 -1.98 17.80
CA ALA A 218 -0.45 -1.03 18.83
C ALA A 218 -0.72 0.36 18.27
N GLY A 219 0.11 0.80 17.34
CA GLY A 219 -0.07 2.09 16.71
C GLY A 219 -1.21 2.18 15.71
N ALA A 220 -1.24 1.27 14.75
CA ALA A 220 -2.27 1.30 13.70
C ALA A 220 -3.70 1.26 14.27
N PRO A 221 -3.98 0.35 15.23
CA PRO A 221 -5.35 0.37 15.80
C PRO A 221 -5.70 1.68 16.51
N LEU A 222 -4.69 2.32 17.07
CA LEU A 222 -4.94 3.60 17.75
C LEU A 222 -5.36 4.60 16.70
N VAL A 223 -4.61 4.65 15.59
CA VAL A 223 -4.88 5.61 14.54
C VAL A 223 -6.25 5.41 13.92
N SER A 224 -6.64 4.15 13.68
CA SER A 224 -7.92 3.87 13.04
C SER A 224 -9.11 3.78 13.99
N HIS A 225 -8.89 3.92 15.30
CA HIS A 225 -9.98 3.71 16.27
C HIS A 225 -11.06 4.81 16.15
N PRO A 226 -12.34 4.40 16.09
CA PRO A 226 -13.45 5.34 15.89
C PRO A 226 -13.67 6.36 17.01
N ASP A 227 -13.23 6.09 18.24
CA ASP A 227 -13.44 7.04 19.31
C ASP A 227 -12.20 7.86 19.67
N VAL A 228 -11.13 7.79 18.87
CA VAL A 228 -9.98 8.65 19.08
C VAL A 228 -10.13 9.91 18.21
N ASP A 229 -10.10 11.07 18.85
CA ASP A 229 -10.45 12.29 18.15
C ASP A 229 -9.32 12.87 17.34
N LYS A 230 -8.09 12.53 17.68
CA LYS A 230 -6.96 13.15 17.02
C LYS A 230 -5.69 12.38 17.29
N ILE A 231 -4.78 12.42 16.32
CA ILE A 231 -3.48 11.79 16.41
C ILE A 231 -2.35 12.83 16.27
N ALA A 232 -1.36 12.73 17.14
CA ALA A 232 -0.16 13.50 17.03
C ALA A 232 0.97 12.53 16.78
N PHE A 233 1.62 12.66 15.64
CA PHE A 233 2.63 11.69 15.24
C PHE A 233 3.94 12.38 14.94
N THR A 234 5.03 11.78 15.44
CA THR A 234 6.39 12.13 15.05
C THR A 234 7.15 10.86 14.72
N GLY A 235 7.85 10.84 13.57
CA GLY A 235 8.53 9.65 13.10
C GLY A 235 8.88 9.84 11.64
N SER A 236 8.89 8.76 10.87
CA SER A 236 9.40 8.83 9.50
C SER A 236 8.35 9.38 8.54
N SER A 237 8.77 10.02 7.46
CA SER A 237 7.81 10.55 6.46
C SER A 237 7.00 9.41 5.83
N ALA A 238 7.65 8.27 5.61
CA ALA A 238 6.95 7.12 5.05
C ALA A 238 5.80 6.70 5.97
N THR A 239 6.08 6.52 7.26
CA THR A 239 5.02 6.13 8.20
C THR A 239 3.97 7.22 8.39
N GLY A 240 4.42 8.48 8.41
CA GLY A 240 3.50 9.59 8.58
C GLY A 240 2.44 9.59 7.48
N SER A 241 2.84 9.19 6.27
CA SER A 241 1.86 9.13 5.18
C SER A 241 0.82 8.07 5.45
N LYS A 242 1.23 6.96 6.05
CA LYS A 242 0.31 5.87 6.33
C LYS A 242 -0.64 6.24 7.45
N VAL A 243 -0.11 6.90 8.47
CA VAL A 243 -0.94 7.41 9.55
C VAL A 243 -2.03 8.35 9.01
N MET A 244 -1.64 9.29 8.17
CA MET A 244 -2.61 10.26 7.69
C MET A 244 -3.63 9.59 6.76
N ALA A 245 -3.19 8.60 5.99
CA ALA A 245 -4.11 7.89 5.10
C ALA A 245 -5.19 7.21 5.92
N SER A 246 -4.76 6.69 7.06
CA SER A 246 -5.65 5.97 7.95
C SER A 246 -6.61 6.94 8.62
N ALA A 247 -6.05 8.02 9.17
CA ALA A 247 -6.88 9.02 9.81
C ALA A 247 -7.97 9.51 8.86
N ALA A 248 -7.61 9.67 7.59
CA ALA A 248 -8.55 10.17 6.57
C ALA A 248 -9.86 9.37 6.45
N GLN A 249 -9.84 8.11 6.88
CA GLN A 249 -11.04 7.28 6.78
C GLN A 249 -12.13 7.86 7.66
N LEU A 250 -11.74 8.41 8.80
CA LEU A 250 -12.73 9.02 9.70
C LEU A 250 -12.60 10.54 9.78
N VAL A 251 -11.98 11.14 8.75
CA VAL A 251 -11.57 12.56 8.71
C VAL A 251 -11.10 13.06 10.07
N LYS A 252 -10.20 12.26 10.64
CA LYS A 252 -9.63 12.45 11.97
C LYS A 252 -8.42 13.39 11.86
N PRO A 253 -8.38 14.48 12.65
CA PRO A 253 -7.24 15.38 12.43
C PRO A 253 -5.92 14.76 12.87
N VAL A 254 -4.81 15.17 12.23
CA VAL A 254 -3.47 14.76 12.65
C VAL A 254 -2.50 15.95 12.71
N THR A 255 -1.43 15.79 13.49
CA THR A 255 -0.21 16.57 13.31
C THR A 255 0.93 15.59 13.03
N LEU A 256 1.89 16.02 12.23
CA LEU A 256 2.97 15.18 11.77
C LEU A 256 4.31 15.91 11.81
N GLU A 257 5.25 15.27 12.49
N GLU A 257 5.30 15.34 12.47
CA GLU A 257 6.65 15.67 12.41
CA GLU A 257 6.63 15.87 12.30
C GLU A 257 7.51 14.60 11.75
C GLU A 257 7.50 14.73 11.77
N LEU A 258 7.97 14.88 10.54
CA LEU A 258 8.49 13.75 9.79
C LEU A 258 9.99 13.77 9.48
N GLY A 259 10.77 14.47 10.31
CA GLY A 259 12.22 14.51 10.12
C GLY A 259 12.52 15.22 8.83
N GLY A 260 13.69 14.99 8.23
CA GLY A 260 14.04 15.77 7.07
C GLY A 260 15.44 15.56 6.53
N LYS A 261 15.93 16.56 5.81
CA LYS A 261 17.30 16.54 5.30
C LYS A 261 17.81 17.97 5.37
N SER A 262 17.99 18.46 6.59
CA SER A 262 18.15 19.90 6.79
C SER A 262 19.55 20.37 6.42
N PRO A 263 19.63 21.52 5.74
CA PRO A 263 20.95 22.02 5.33
C PRO A 263 21.59 22.90 6.40
N ILE A 264 22.91 22.86 6.50
CA ILE A 264 23.64 23.86 7.29
C ILE A 264 24.52 24.69 6.32
N VAL A 265 24.26 25.99 6.27
CA VAL A 265 24.84 26.84 5.23
C VAL A 265 25.90 27.73 5.81
N VAL A 266 27.14 27.55 5.36
CA VAL A 266 28.28 28.23 5.97
C VAL A 266 28.97 29.14 4.97
N PHE A 267 29.05 30.43 5.30
CA PHE A 267 29.67 31.41 4.42
C PHE A 267 31.13 31.64 4.82
N GLU A 268 31.83 32.40 3.98
CA GLU A 268 33.26 32.56 4.18
C GLU A 268 33.62 33.24 5.51
N ASP A 269 32.77 34.13 6.02
CA ASP A 269 33.16 34.98 7.13
C ASP A 269 32.83 34.44 8.52
N VAL A 270 33.45 33.35 8.93
CA VAL A 270 33.15 32.79 10.25
C VAL A 270 34.35 32.32 11.07
N ASP A 271 34.13 32.25 12.38
CA ASP A 271 35.03 31.57 13.30
C ASP A 271 34.88 30.04 13.08
N ILE A 272 35.78 29.47 12.28
CA ILE A 272 35.66 28.09 11.79
C ILE A 272 35.65 27.02 12.89
N ASP A 273 36.26 27.32 14.04
CA ASP A 273 36.29 26.36 15.14
C ASP A 273 34.99 26.31 15.95
N LYS A 274 34.28 27.44 16.03
CA LYS A 274 32.99 27.44 16.69
C LYS A 274 31.94 26.84 15.78
N VAL A 275 32.09 27.07 14.47
CA VAL A 275 31.12 26.59 13.51
C VAL A 275 31.23 25.07 13.33
N VAL A 276 32.45 24.57 13.14
CA VAL A 276 32.67 23.14 12.97
C VAL A 276 32.11 22.31 14.14
N GLU A 277 32.14 22.87 15.34
CA GLU A 277 31.53 22.19 16.48
C GLU A 277 30.01 22.14 16.37
N TRP A 278 29.42 23.20 15.80
CA TRP A 278 27.99 23.22 15.60
C TRP A 278 27.61 22.28 14.46
N THR A 279 28.48 22.13 13.46
CA THR A 279 28.19 21.22 12.36
C THR A 279 28.24 19.79 12.88
N ILE A 280 29.11 19.55 13.84
CA ILE A 280 29.27 18.23 14.41
C ILE A 280 28.04 17.92 15.25
N PHE A 281 27.65 18.89 16.08
CA PHE A 281 26.48 18.75 16.95
C PHE A 281 25.19 18.57 16.13
N GLY A 282 25.17 19.21 14.96
CA GLY A 282 24.00 19.20 14.10
C GLY A 282 23.84 17.94 13.26
N CYS A 283 24.83 17.05 13.32
CA CYS A 283 24.72 15.81 12.51
C CYS A 283 25.16 14.55 13.25
N PHE A 284 25.91 14.70 14.35
CA PHE A 284 26.48 13.52 15.01
C PHE A 284 25.98 13.34 16.44
N TRP A 285 25.55 14.43 17.06
CA TRP A 285 24.90 14.37 18.37
C TRP A 285 23.65 13.49 18.24
N THR A 286 23.20 12.92 19.36
CA THR A 286 22.16 11.87 19.36
C THR A 286 22.53 10.71 18.43
N ASN A 287 23.83 10.45 18.32
CA ASN A 287 24.35 9.39 17.45
C ASN A 287 23.80 9.55 16.02
N GLY A 288 23.62 10.80 15.61
CA GLY A 288 23.16 11.11 14.26
C GLY A 288 21.68 10.90 14.03
N GLN A 289 20.96 10.52 15.08
CA GLN A 289 19.55 10.16 14.95
C GLN A 289 18.66 11.34 15.33
N ILE A 290 18.83 12.40 14.57
CA ILE A 290 18.17 13.68 14.83
C ILE A 290 17.18 13.98 13.71
N CSO A 291 15.90 14.10 14.03
CA CSO A 291 14.92 14.44 13.02
CB CSO A 291 13.52 14.54 13.65
SG CSO A 291 13.47 15.40 15.25
C CSO A 291 15.26 15.75 12.31
O CSO A 291 15.04 15.90 11.11
OD CSO A 291 11.91 15.23 15.94
N CYS A 291 15.90 14.10 14.03
CA CYS A 291 14.91 14.46 13.01
C CYS A 291 15.31 15.74 12.29
N SER A 292 15.82 16.71 13.05
CA SER A 292 16.23 18.00 12.48
C SER A 292 17.72 18.08 12.14
N ALA A 293 18.35 16.92 11.91
CA ALA A 293 19.77 16.83 11.55
C ALA A 293 20.17 17.78 10.44
N THR A 294 21.15 18.66 10.70
CA THR A 294 21.72 19.45 9.62
C THR A 294 22.77 18.60 8.91
N SER A 295 22.26 17.75 8.04
CA SER A 295 23.01 16.65 7.46
C SER A 295 23.46 16.94 6.02
N ARG A 296 23.14 18.13 5.54
CA ARG A 296 23.71 18.64 4.31
C ARG A 296 24.56 19.86 4.65
N LEU A 297 25.88 19.74 4.50
CA LEU A 297 26.76 20.89 4.73
C LEU A 297 26.99 21.59 3.40
N LEU A 298 26.68 22.88 3.38
CA LEU A 298 26.97 23.74 2.23
C LEU A 298 27.90 24.83 2.72
N VAL A 299 29.15 24.76 2.27
CA VAL A 299 30.19 25.66 2.75
C VAL A 299 30.84 26.37 1.57
N HIS A 300 31.06 27.67 1.71
CA HIS A 300 31.60 28.48 0.62
C HIS A 300 33.01 28.00 0.29
N GLU A 301 33.22 27.60 -0.97
CA GLU A 301 34.49 26.99 -1.37
C GLU A 301 35.73 27.80 -1.02
N SER A 302 35.53 29.07 -0.66
CA SER A 302 36.59 29.92 -0.16
C SER A 302 37.26 29.30 1.06
N ILE A 303 36.47 28.92 2.06
CA ILE A 303 37.02 28.31 3.27
C ILE A 303 36.78 26.81 3.35
N ALA A 304 36.33 26.22 2.25
CA ALA A 304 35.97 24.79 2.20
C ALA A 304 37.08 23.87 2.73
N ALA A 305 38.24 23.91 2.07
CA ALA A 305 39.37 23.03 2.40
C ALA A 305 39.79 23.15 3.85
N GLU A 306 39.97 24.38 4.32
CA GLU A 306 40.30 24.63 5.72
C GLU A 306 39.23 24.10 6.64
N PHE A 307 37.96 24.38 6.30
CA PHE A 307 36.82 23.99 7.12
C PHE A 307 36.71 22.48 7.26
N VAL A 308 36.71 21.79 6.12
CA VAL A 308 36.65 20.34 6.09
C VAL A 308 37.80 19.73 6.87
N ASP A 309 38.96 20.37 6.77
CA ASP A 309 40.19 20.01 7.48
C ASP A 309 39.99 19.95 8.99
N LYS A 310 39.54 21.09 9.51
CA LYS A 310 39.30 21.20 10.95
C LYS A 310 38.05 20.39 11.36
N LEU A 311 37.19 20.10 10.39
CA LEU A 311 36.01 19.27 10.66
C LEU A 311 36.46 17.87 11.05
N VAL A 312 37.22 17.23 10.17
CA VAL A 312 37.80 15.92 10.42
C VAL A 312 38.60 15.91 11.73
N LYS A 313 39.21 17.05 12.03
CA LYS A 313 40.05 17.23 13.20
C LYS A 313 39.25 17.11 14.49
N TRP A 314 38.16 17.87 14.52
CA TRP A 314 37.22 17.79 15.64
C TRP A 314 36.53 16.43 15.67
N THR A 315 36.19 15.93 14.49
CA THR A 315 35.48 14.66 14.37
C THR A 315 36.29 13.49 14.94
N LYS A 316 37.57 13.39 14.55
CA LYS A 316 38.46 12.34 15.06
C LYS A 316 38.55 12.34 16.58
N ASN A 317 38.44 13.53 17.17
CA ASN A 317 38.56 13.67 18.61
C ASN A 317 37.30 13.27 19.38
N ILE A 318 36.26 12.85 18.64
CA ILE A 318 35.02 12.37 19.26
C ILE A 318 35.20 10.97 19.83
N LYS A 319 35.20 10.87 21.15
CA LYS A 319 35.32 9.58 21.80
C LYS A 319 34.06 8.75 21.60
N ILE A 320 34.23 7.65 20.87
CA ILE A 320 33.19 6.67 20.64
C ILE A 320 33.35 5.53 21.63
N SER A 321 32.29 5.23 22.38
CA SER A 321 32.36 4.27 23.47
C SER A 321 30.99 3.83 23.97
N ASP A 322 30.98 2.95 24.97
CA ASP A 322 29.78 2.67 25.72
C ASP A 322 29.28 3.96 26.33
N PRO A 323 27.96 4.24 26.21
CA PRO A 323 27.36 5.49 26.68
C PRO A 323 27.52 5.77 28.18
N PHE A 324 27.84 4.77 29.00
CA PHE A 324 27.99 5.05 30.43
C PHE A 324 29.41 5.45 30.85
N GLU A 325 30.36 5.38 29.92
CA GLU A 325 31.72 5.70 30.34
C GLU A 325 32.02 7.18 30.16
N GLU A 326 32.69 7.72 31.18
CA GLU A 326 32.98 9.15 31.26
C GLU A 326 33.60 9.66 29.97
N GLY A 327 33.09 10.78 29.49
CA GLY A 327 33.63 11.43 28.30
C GLY A 327 33.04 10.96 26.98
N CYS A 328 32.13 9.98 27.05
CA CYS A 328 31.47 9.50 25.84
C CYS A 328 30.74 10.65 25.14
N ARG A 329 30.99 10.79 23.84
CA ARG A 329 30.36 11.82 23.03
C ARG A 329 29.59 11.19 21.85
N LEU A 330 29.62 9.86 21.78
CA LEU A 330 28.91 9.14 20.71
C LEU A 330 28.72 7.68 21.07
N GLY A 331 27.46 7.27 21.16
CA GLY A 331 27.11 5.89 21.46
C GLY A 331 26.76 5.13 20.19
N PRO A 332 26.18 3.94 20.36
CA PRO A 332 25.77 3.16 19.20
C PRO A 332 24.41 3.64 18.66
N VAL A 333 24.14 3.39 17.39
CA VAL A 333 22.79 3.60 16.85
C VAL A 333 21.85 2.54 17.46
N ILE A 334 20.55 2.80 17.38
CA ILE A 334 19.54 2.16 18.25
C ILE A 334 19.33 0.65 18.02
N SER A 335 19.45 0.19 16.79
CA SER A 335 19.08 -1.19 16.48
C SER A 335 19.91 -1.77 15.35
N LYS A 336 19.76 -3.08 15.17
CA LYS A 336 20.50 -3.74 14.11
C LYS A 336 19.91 -3.33 12.78
N GLY A 337 18.58 -3.25 12.69
CA GLY A 337 17.90 -2.75 11.50
C GLY A 337 18.44 -1.39 11.11
N GLN A 338 18.61 -0.51 12.09
CA GLN A 338 19.10 0.83 11.80
C GLN A 338 20.58 0.82 11.41
N TYR A 339 21.37 0.02 12.13
CA TYR A 339 22.78 -0.20 11.81
C TYR A 339 22.96 -0.61 10.34
N ASP A 340 22.21 -1.63 9.92
CA ASP A 340 22.26 -2.09 8.52
C ASP A 340 21.86 -1.01 7.54
N LYS A 341 20.76 -0.32 7.85
CA LYS A 341 20.25 0.72 6.98
C LYS A 341 21.30 1.84 6.75
N ILE A 342 21.95 2.28 7.82
CA ILE A 342 22.97 3.32 7.69
C ILE A 342 24.14 2.81 6.84
N MET A 343 24.61 1.60 7.13
CA MET A 343 25.69 1.00 6.34
C MET A 343 25.33 0.91 4.84
N LYS A 344 24.10 0.49 4.55
CA LYS A 344 23.61 0.44 3.17
C LYS A 344 23.62 1.82 2.52
N PHE A 345 23.33 2.86 3.31
CA PHE A 345 23.39 4.24 2.82
C PHE A 345 24.80 4.65 2.47
N ILE A 346 25.74 4.29 3.35
CA ILE A 346 27.15 4.56 3.12
C ILE A 346 27.64 3.72 1.93
N SER A 347 27.33 2.42 1.97
CA SER A 347 27.64 1.52 0.87
C SER A 347 27.17 2.07 -0.48
N THR A 348 25.89 2.41 -0.58
CA THR A 348 25.31 2.88 -1.83
C THR A 348 25.96 4.19 -2.26
N ALA A 349 26.42 4.96 -1.28
CA ALA A 349 27.05 6.23 -1.57
C ALA A 349 28.27 6.06 -2.48
N LYS A 350 29.19 5.16 -2.12
CA LYS A 350 30.39 4.99 -2.95
C LYS A 350 30.05 4.27 -4.26
N SER A 351 29.07 3.36 -4.23
CA SER A 351 28.63 2.68 -5.45
C SER A 351 28.04 3.65 -6.49
N GLU A 352 27.68 4.85 -6.03
CA GLU A 352 27.26 5.92 -6.93
C GLU A 352 28.44 6.89 -7.14
N GLY A 353 29.59 6.57 -6.54
CA GLY A 353 30.81 7.29 -6.84
C GLY A 353 31.09 8.48 -5.97
N ALA A 354 30.81 8.36 -4.68
CA ALA A 354 31.16 9.41 -3.73
C ALA A 354 32.26 8.90 -2.82
N THR A 355 33.14 9.78 -2.37
CA THR A 355 34.29 9.34 -1.60
C THR A 355 34.09 9.53 -0.10
N ILE A 356 34.24 8.45 0.65
CA ILE A 356 34.07 8.49 2.09
C ILE A 356 35.30 9.09 2.73
N LEU A 357 35.29 10.40 2.89
CA LEU A 357 36.46 11.14 3.36
C LEU A 357 36.93 10.63 4.71
N TYR A 358 35.99 10.43 5.62
CA TYR A 358 36.31 9.93 6.95
C TYR A 358 35.20 9.04 7.48
N GLY A 359 35.56 8.10 8.36
CA GLY A 359 34.60 7.19 8.94
C GLY A 359 33.99 6.27 7.90
N GLY A 360 32.78 5.80 8.16
CA GLY A 360 32.08 4.97 7.21
C GLY A 360 32.11 3.51 7.61
N SER A 361 32.61 3.22 8.81
CA SER A 361 32.65 1.84 9.29
C SER A 361 32.69 1.76 10.82
N ARG A 362 32.44 0.56 11.33
CA ARG A 362 32.56 0.31 12.76
C ARG A 362 33.92 0.78 13.31
N PRO A 363 33.88 1.21 14.57
CA PRO A 363 35.14 1.53 15.23
C PRO A 363 35.84 0.24 15.63
N GLU A 364 37.04 0.03 15.09
CA GLU A 364 37.78 -1.22 15.28
C GLU A 364 37.89 -1.62 16.75
N HIS A 365 37.94 -0.63 17.63
CA HIS A 365 38.11 -0.91 19.05
C HIS A 365 36.83 -1.32 19.76
N LEU A 366 35.72 -1.37 19.02
CA LEU A 366 34.45 -1.81 19.59
C LEU A 366 33.89 -3.00 18.84
N LYS A 367 34.02 -4.17 19.42
CA LYS A 367 33.65 -5.32 18.61
C LYS A 367 32.17 -5.61 18.69
N LYS A 368 31.49 -5.27 19.78
CA LYS A 368 30.05 -5.48 19.87
C LYS A 368 29.31 -4.14 19.94
N GLY A 369 28.01 -4.16 19.63
CA GLY A 369 27.21 -2.94 19.64
C GLY A 369 27.08 -2.33 18.27
N TYR A 370 26.01 -1.55 18.06
CA TYR A 370 25.71 -1.02 16.73
C TYR A 370 26.51 0.27 16.50
N TYR A 371 27.83 0.15 16.62
CA TYR A 371 28.67 1.33 16.63
C TYR A 371 29.08 1.69 15.22
N ILE A 372 29.14 2.99 14.99
CA ILE A 372 29.49 3.53 13.67
C ILE A 372 30.36 4.74 13.92
N GLU A 373 31.34 4.94 13.04
CA GLU A 373 32.18 6.13 13.03
C GLU A 373 31.41 7.35 12.53
N PRO A 374 31.63 8.50 13.18
CA PRO A 374 31.18 9.76 12.57
C PRO A 374 31.73 9.83 11.17
N THR A 375 30.86 10.08 10.19
CA THR A 375 31.24 9.89 8.81
C THR A 375 31.03 11.14 7.97
N ILE A 376 32.07 11.53 7.22
CA ILE A 376 32.02 12.68 6.32
C ILE A 376 32.12 12.23 4.87
N VAL A 377 31.07 12.50 4.10
CA VAL A 377 31.02 12.17 2.68
C VAL A 377 31.24 13.44 1.85
N THR A 378 32.13 13.36 0.87
CA THR A 378 32.50 14.49 0.01
C THR A 378 32.42 14.13 -1.48
N ASP A 379 32.74 15.08 -2.34
CA ASP A 379 32.61 14.92 -3.79
C ASP A 379 31.20 14.49 -4.17
N ILE A 380 30.23 15.30 -3.73
CA ILE A 380 28.83 14.91 -3.79
C ILE A 380 28.10 15.50 -4.99
N SER A 381 27.32 14.66 -5.67
CA SER A 381 26.39 15.14 -6.67
C SER A 381 25.02 15.31 -6.03
N THR A 382 24.19 16.21 -6.55
CA THR A 382 22.85 16.38 -5.98
C THR A 382 21.88 15.31 -6.47
N SER A 383 22.39 14.31 -7.19
CA SER A 383 21.55 13.23 -7.70
C SER A 383 21.78 11.93 -6.93
N MET A 384 22.72 11.97 -5.99
CA MET A 384 23.04 10.80 -5.19
C MET A 384 21.96 10.53 -4.14
N GLN A 385 21.78 9.26 -3.80
CA GLN A 385 20.76 8.87 -2.82
C GLN A 385 21.06 9.50 -1.46
N ILE A 386 22.33 9.61 -1.11
CA ILE A 386 22.72 10.07 0.22
C ILE A 386 22.52 11.59 0.36
N TRP A 387 22.32 12.28 -0.75
CA TRP A 387 22.07 13.73 -0.71
C TRP A 387 20.57 13.99 -0.60
N LYS A 388 19.77 13.01 -0.97
CA LYS A 388 18.32 13.14 -1.03
C LYS A 388 17.64 12.63 0.25
N GLU A 389 18.16 11.52 0.77
CA GLU A 389 17.40 10.74 1.72
C GLU A 389 17.91 10.85 3.13
N GLU A 390 16.98 10.80 4.08
CA GLU A 390 17.31 10.80 5.49
C GLU A 390 18.07 9.55 5.92
N VAL A 391 19.26 9.75 6.48
CA VAL A 391 20.11 8.61 6.85
C VAL A 391 19.95 8.24 8.32
N PHE A 392 19.78 9.23 9.17
CA PHE A 392 19.43 9.03 10.57
C PHE A 392 20.54 8.24 11.28
N GLY A 393 21.75 8.39 10.74
CA GLY A 393 22.97 7.94 11.38
C GLY A 393 23.97 9.08 11.33
N PRO A 394 25.12 8.92 12.01
CA PRO A 394 26.13 9.99 12.03
C PRO A 394 26.85 10.12 10.68
N VAL A 395 26.14 10.67 9.70
CA VAL A 395 26.57 10.76 8.31
C VAL A 395 26.32 12.13 7.72
N LEU A 396 27.40 12.83 7.35
CA LEU A 396 27.31 14.18 6.82
C LEU A 396 27.70 14.27 5.34
N CYS A 397 26.82 14.85 4.52
CA CYS A 397 27.16 15.17 3.13
C CYS A 397 27.70 16.58 3.01
N VAL A 398 28.56 16.81 2.01
CA VAL A 398 29.22 18.11 1.82
C VAL A 398 29.36 18.53 0.34
N LYS A 399 28.93 19.76 0.05
CA LYS A 399 29.06 20.36 -1.27
C LYS A 399 29.45 21.81 -1.08
N THR A 400 30.21 22.37 -2.03
CA THR A 400 30.49 23.81 -1.91
C THR A 400 29.55 24.61 -2.79
N PHE A 401 29.49 25.91 -2.54
CA PHE A 401 28.66 26.82 -3.32
C PHE A 401 29.43 28.09 -3.69
N SER A 402 29.09 28.67 -4.83
CA SER A 402 29.74 29.91 -5.28
C SER A 402 29.08 31.16 -4.69
N SER A 403 27.83 31.41 -5.06
CA SER A 403 27.12 32.60 -4.62
C SER A 403 26.03 32.30 -3.60
N GLU A 404 25.58 33.37 -2.93
CA GLU A 404 24.45 33.29 -2.01
C GLU A 404 23.23 32.65 -2.66
N ASP A 405 22.98 32.98 -3.93
CA ASP A 405 21.81 32.47 -4.62
C ASP A 405 21.94 30.97 -4.90
N GLU A 406 23.17 30.50 -5.10
CA GLU A 406 23.40 29.07 -5.29
C GLU A 406 23.23 28.32 -3.98
N ALA A 407 23.72 28.91 -2.89
CA ALA A 407 23.52 28.36 -1.57
C ALA A 407 22.03 28.15 -1.28
N ILE A 408 21.24 29.21 -1.44
CA ILE A 408 19.81 29.15 -1.15
C ILE A 408 19.13 28.03 -1.95
N ALA A 409 19.46 27.94 -3.24
CA ALA A 409 18.83 26.96 -4.14
C ALA A 409 19.23 25.53 -3.77
N LEU A 410 20.51 25.33 -3.45
CA LEU A 410 21.01 24.06 -2.93
C LEU A 410 20.33 23.70 -1.59
N ALA A 411 20.31 24.64 -0.66
CA ALA A 411 19.69 24.42 0.65
C ALA A 411 18.21 24.03 0.52
N ASN A 412 17.51 24.64 -0.45
CA ASN A 412 16.08 24.42 -0.63
C ASN A 412 15.74 23.29 -1.59
N ASP A 413 16.75 22.65 -2.17
CA ASP A 413 16.50 21.60 -3.15
C ASP A 413 16.35 20.26 -2.46
N THR A 414 15.15 20.05 -1.93
CA THR A 414 14.80 18.86 -1.18
C THR A 414 13.29 18.87 -1.04
N GLU A 415 12.71 17.69 -1.02
CA GLU A 415 11.30 17.55 -0.71
C GLU A 415 11.00 17.85 0.76
N TYR A 416 12.00 17.69 1.62
CA TYR A 416 11.81 17.96 3.05
C TYR A 416 11.83 19.46 3.33
N GLY A 417 11.54 19.82 4.57
CA GLY A 417 11.66 21.22 5.00
C GLY A 417 11.38 21.40 6.47
N LEU A 418 12.12 20.71 7.33
CA LEU A 418 11.95 20.82 8.77
C LEU A 418 12.74 22.01 9.33
N ALA A 419 14.07 21.94 9.23
CA ALA A 419 14.92 22.97 9.81
C ALA A 419 16.09 23.32 8.89
N ALA A 420 16.91 24.27 9.34
CA ALA A 420 18.10 24.70 8.63
C ALA A 420 18.93 25.55 9.59
N ALA A 421 20.21 25.68 9.29
CA ALA A 421 21.11 26.53 10.05
C ALA A 421 21.94 27.36 9.07
N VAL A 422 22.24 28.61 9.43
CA VAL A 422 22.99 29.46 8.54
C VAL A 422 24.08 30.16 9.36
N PHE A 423 25.31 30.08 8.87
CA PHE A 423 26.48 30.63 9.57
C PHE A 423 27.18 31.70 8.75
N SER A 424 27.29 32.89 9.35
CA SER A 424 27.90 34.05 8.74
C SER A 424 27.86 35.19 9.75
N ASN A 425 28.89 36.02 9.80
CA ASN A 425 28.90 37.14 10.74
C ASN A 425 28.16 38.32 10.18
N ASP A 426 27.99 38.33 8.87
CA ASP A 426 27.11 39.27 8.21
C ASP A 426 25.68 38.95 8.67
N LEU A 427 25.14 39.77 9.58
CA LEU A 427 23.83 39.44 10.13
C LEU A 427 22.70 39.86 9.19
N GLU A 428 22.99 40.78 8.27
CA GLU A 428 22.03 41.15 7.23
C GLU A 428 21.86 39.95 6.29
N ARG A 429 22.98 39.32 5.99
CA ARG A 429 22.99 38.11 5.15
C ARG A 429 22.25 36.96 5.82
N CYS A 430 22.47 36.78 7.13
CA CYS A 430 21.72 35.79 7.91
C CYS A 430 20.20 35.97 7.82
N GLU A 431 19.75 37.23 7.90
CA GLU A 431 18.32 37.54 7.81
C GLU A 431 17.78 37.20 6.42
N ARG A 432 18.55 37.52 5.38
CA ARG A 432 18.14 37.19 4.01
C ARG A 432 17.98 35.67 3.81
N ILE A 433 18.97 34.91 4.26
CA ILE A 433 18.93 33.45 4.13
C ILE A 433 17.80 32.84 4.97
N THR A 434 17.63 33.38 6.17
CA THR A 434 16.60 32.89 7.08
C THR A 434 15.23 32.96 6.39
N LYS A 435 14.93 34.10 5.76
CA LYS A 435 13.62 34.29 5.12
C LYS A 435 13.41 33.39 3.91
N ALA A 436 14.48 33.15 3.16
CA ALA A 436 14.45 32.35 1.96
C ALA A 436 14.36 30.83 2.21
N LEU A 437 14.76 30.36 3.39
CA LEU A 437 14.79 28.90 3.61
C LEU A 437 13.38 28.34 3.78
N GLU A 438 13.12 27.26 3.03
CA GLU A 438 11.80 26.62 2.98
C GLU A 438 11.72 25.60 4.08
N VAL A 439 11.58 26.15 5.27
CA VAL A 439 11.87 25.45 6.50
C VAL A 439 10.95 25.96 7.62
N GLY A 440 10.69 25.16 8.66
CA GLY A 440 9.82 25.61 9.75
C GLY A 440 10.61 26.14 10.94
N ALA A 441 11.90 25.84 10.95
CA ALA A 441 12.77 26.26 12.03
C ALA A 441 14.14 26.68 11.49
N VAL A 442 14.57 27.92 11.77
CA VAL A 442 15.91 28.30 11.35
C VAL A 442 16.80 28.66 12.53
N TRP A 443 18.00 28.09 12.55
CA TRP A 443 19.00 28.47 13.53
C TRP A 443 20.03 29.40 12.89
N VAL A 444 20.31 30.53 13.55
CA VAL A 444 21.32 31.44 13.08
C VAL A 444 22.58 31.30 13.93
N ASN A 445 23.67 30.92 13.28
CA ASN A 445 24.96 30.79 13.95
C ASN A 445 24.92 29.79 15.12
N CYS A 446 24.01 28.83 15.01
CA CYS A 446 24.03 27.63 15.83
C CYS A 446 23.28 26.56 15.06
N SER A 447 23.22 25.37 15.64
CA SER A 447 22.48 24.24 15.05
C SER A 447 21.97 23.33 16.15
N GLN A 448 20.66 23.18 16.21
CA GLN A 448 19.95 22.19 17.01
C GLN A 448 19.39 22.60 18.37
N PRO A 449 19.56 23.72 19.00
N PRO A 449 19.62 23.75 18.97
CA PRO A 449 18.97 23.97 20.29
CA PRO A 449 18.92 24.01 20.25
C PRO A 449 17.45 24.14 20.18
C PRO A 449 17.41 24.13 20.19
N CYS A 450 16.69 23.30 20.87
N CYS A 450 16.73 23.30 20.96
CA CYS A 450 15.22 23.36 20.78
CA CYS A 450 15.29 23.34 21.04
C CYS A 450 14.61 23.64 22.16
C CYS A 450 14.87 23.81 22.41
N PHE A 451 14.21 24.89 22.38
N PHE A 451 14.11 24.90 22.42
CA PHE A 451 13.55 25.32 23.59
CA PHE A 451 13.47 25.34 23.66
C PHE A 451 12.04 25.12 23.57
C PHE A 451 11.95 25.11 23.62
N VAL A 452 11.46 24.72 24.70
CA VAL A 452 10.03 24.45 24.79
C VAL A 452 9.24 25.75 24.59
N GLN A 453 9.90 26.89 24.79
CA GLN A 453 9.25 28.18 24.62
C GLN A 453 8.84 28.52 23.17
N ALA A 454 9.51 27.92 22.17
CA ALA A 454 9.32 28.33 20.76
C ALA A 454 8.60 27.24 19.92
N PRO A 455 7.80 27.65 18.89
CA PRO A 455 7.02 26.65 18.12
C PRO A 455 7.91 25.76 17.30
N TRP A 456 7.50 24.51 17.11
CA TRP A 456 8.35 23.54 16.44
C TRP A 456 7.55 22.70 15.45
N GLY A 457 8.03 22.66 14.21
CA GLY A 457 7.55 21.70 13.22
C GLY A 457 8.06 22.06 11.84
N GLY A 458 7.63 21.32 10.83
CA GLY A 458 8.20 21.50 9.50
C GLY A 458 7.19 21.88 8.45
N ILE A 459 7.66 22.02 7.23
CA ILE A 459 6.77 22.24 6.09
C ILE A 459 7.15 21.22 5.03
N LYS A 460 6.45 21.25 3.90
CA LYS A 460 6.70 20.31 2.81
C LYS A 460 6.57 18.86 3.28
N ARG A 461 7.48 17.98 2.90
CA ARG A 461 7.30 16.59 3.30
C ARG A 461 7.81 16.32 4.71
N SER A 462 8.17 17.38 5.45
CA SER A 462 8.55 17.19 6.86
C SER A 462 7.32 17.28 7.76
N GLY A 463 6.15 17.45 7.15
CA GLY A 463 4.91 17.42 7.90
C GLY A 463 4.30 18.78 8.13
N PHE A 464 3.48 18.91 9.17
CA PHE A 464 2.74 20.15 9.39
C PHE A 464 2.21 20.16 10.80
N GLY A 465 1.80 21.35 11.27
CA GLY A 465 1.41 21.54 12.66
C GLY A 465 2.62 22.09 13.41
N ARG A 466 2.39 22.89 14.45
CA ARG A 466 3.50 23.33 15.28
C ARG A 466 3.30 22.80 16.69
N GLU A 467 4.34 22.19 17.24
CA GLU A 467 4.28 21.79 18.65
C GLU A 467 4.99 22.80 19.51
N LEU A 468 4.74 22.72 20.82
CA LEU A 468 5.53 23.43 21.83
C LEU A 468 5.23 24.92 21.78
N GLY A 469 5.89 25.67 22.66
CA GLY A 469 5.61 27.08 22.84
C GLY A 469 4.14 27.38 23.08
N GLU A 470 3.71 28.52 22.55
CA GLU A 470 2.33 28.92 22.68
C GLU A 470 1.46 28.24 21.64
N TRP A 471 2.07 27.38 20.82
CA TRP A 471 1.33 26.61 19.81
C TRP A 471 0.96 25.22 20.30
N GLY A 472 1.63 24.74 21.34
CA GLY A 472 1.46 23.35 21.79
C GLY A 472 0.05 22.98 22.24
N ILE A 473 -0.52 23.79 23.13
CA ILE A 473 -1.87 23.55 23.68
C ILE A 473 -2.95 23.53 22.57
N GLN A 474 -2.82 24.41 21.58
CA GLN A 474 -3.89 24.60 20.60
C GLN A 474 -4.14 23.35 19.75
N ASN A 475 -3.14 22.49 19.59
CA ASN A 475 -3.31 21.20 18.90
C ASN A 475 -4.36 20.29 19.52
N TYR A 476 -4.67 20.58 20.78
CA TYR A 476 -5.53 19.70 21.56
C TYR A 476 -6.88 20.32 21.94
N LEU A 477 -7.24 21.41 21.27
CA LEU A 477 -8.43 22.17 21.62
C LEU A 477 -9.55 22.12 20.58
N ASN A 478 -10.78 21.99 21.05
CA ASN A 478 -11.91 22.41 20.26
C ASN A 478 -12.10 23.91 20.42
N ILE A 479 -11.84 24.70 19.39
CA ILE A 479 -12.16 26.14 19.39
C ILE A 479 -13.66 26.32 19.15
N LYS A 480 -14.41 26.64 20.19
CA LYS A 480 -15.86 26.70 20.06
C LYS A 480 -16.31 28.15 19.95
N GLN A 481 -16.90 28.50 18.82
CA GLN A 481 -17.59 29.78 18.67
C GLN A 481 -18.93 29.76 19.41
N VAL A 482 -19.24 30.79 20.17
CA VAL A 482 -20.55 30.87 20.81
C VAL A 482 -21.15 32.23 20.49
N THR A 483 -22.30 32.23 19.85
CA THR A 483 -22.87 33.46 19.36
C THR A 483 -24.33 33.60 19.76
N GLN A 484 -24.60 34.61 20.58
CA GLN A 484 -25.90 34.76 21.22
C GLN A 484 -26.69 35.96 20.75
N ASP A 485 -27.97 35.74 20.46
CA ASP A 485 -28.89 36.84 20.17
C ASP A 485 -29.44 37.42 21.45
N ILE A 486 -29.05 38.67 21.73
CA ILE A 486 -29.49 39.36 22.94
C ILE A 486 -30.63 40.34 22.67
N SER A 487 -31.23 40.29 21.48
CA SER A 487 -32.18 41.33 21.10
C SER A 487 -33.63 41.02 21.52
N ASP A 488 -33.98 39.74 21.57
CA ASP A 488 -35.33 39.43 22.02
C ASP A 488 -36.34 40.02 21.05
N GLU A 489 -36.06 40.06 19.75
CA GLU A 489 -36.99 40.60 18.77
C GLU A 489 -36.98 39.71 17.56
N PRO A 490 -38.14 39.61 16.88
CA PRO A 490 -38.30 38.83 15.65
C PRO A 490 -37.11 39.02 14.71
N TRP A 491 -36.63 37.92 14.13
CA TRP A 491 -35.57 37.96 13.16
C TRP A 491 -36.02 38.90 12.04
N GLY A 492 -37.25 38.70 11.58
CA GLY A 492 -37.87 39.60 10.63
C GLY A 492 -37.57 39.24 9.19
N TRP A 493 -37.13 38.02 8.95
CA TRP A 493 -36.78 37.60 7.60
C TRP A 493 -37.99 36.97 6.90
N TYR A 494 -38.75 36.20 7.67
CA TYR A 494 -39.87 35.45 7.11
C TYR A 494 -41.20 36.12 7.42
N LYS A 495 -42.17 35.98 6.51
CA LYS A 495 -43.40 36.69 6.91
C LYS A 495 -44.31 35.80 7.76
N SER A 496 -44.74 36.49 8.81
CA SER A 496 -45.57 35.87 9.83
C SER A 496 -47.00 35.65 9.34
N PRO A 497 -47.68 34.67 9.93
CA PRO A 497 -49.06 34.37 9.58
C PRO A 497 -50.00 34.71 10.73
N PRO B 4 -28.75 36.40 -19.80
CA PRO B 4 -27.57 36.93 -20.50
C PRO B 4 -26.29 36.52 -19.75
N ILE B 5 -25.92 35.25 -19.74
CA ILE B 5 -24.80 34.79 -18.93
C ILE B 5 -23.49 34.86 -19.71
N PRO B 6 -22.41 35.24 -19.01
CA PRO B 6 -21.07 35.32 -19.60
C PRO B 6 -20.55 34.00 -20.16
N ALA B 7 -19.72 34.10 -21.18
CA ALA B 7 -18.98 32.95 -21.66
C ALA B 7 -17.51 33.19 -21.34
N ARG B 8 -16.94 32.38 -20.45
N ARG B 8 -16.95 32.40 -20.42
CA ARG B 8 -15.58 32.59 -19.98
CA ARG B 8 -15.58 32.60 -19.98
C ARG B 8 -14.72 31.36 -20.22
C ARG B 8 -14.73 31.37 -20.26
N GLN B 9 -13.42 31.57 -20.43
CA GLN B 9 -12.46 30.49 -20.44
C GLN B 9 -12.02 30.25 -19.00
N LEU B 10 -11.03 29.39 -18.82
CA LEU B 10 -10.35 29.26 -17.55
C LEU B 10 -9.58 30.55 -17.28
N PHE B 11 -9.54 30.98 -16.01
CA PHE B 11 -8.69 32.10 -15.62
C PHE B 11 -7.35 31.57 -15.10
N ILE B 12 -6.31 31.71 -15.92
CA ILE B 12 -4.97 31.20 -15.61
C ILE B 12 -3.89 32.22 -15.95
N ASP B 13 -3.03 32.53 -14.97
CA ASP B 13 -1.92 33.45 -15.15
C ASP B 13 -2.39 34.83 -15.69
N GLY B 14 -3.49 35.33 -15.14
CA GLY B 14 -4.04 36.62 -15.53
C GLY B 14 -4.62 36.69 -16.93
N GLU B 15 -4.77 35.52 -17.57
CA GLU B 15 -5.32 35.43 -18.92
C GLU B 15 -6.49 34.46 -18.97
N TRP B 16 -7.39 34.67 -19.94
CA TRP B 16 -8.43 33.69 -20.20
C TRP B 16 -7.89 32.63 -21.13
N ARG B 17 -7.72 31.42 -20.62
CA ARG B 17 -7.13 30.34 -21.38
C ARG B 17 -8.14 29.24 -21.62
N GLU B 18 -8.15 28.71 -22.84
CA GLU B 18 -9.05 27.64 -23.21
C GLU B 18 -8.56 26.35 -22.56
N PRO B 19 -9.50 25.54 -22.04
CA PRO B 19 -9.10 24.20 -21.57
C PRO B 19 -8.25 23.48 -22.63
N ILE B 20 -7.20 22.80 -22.21
CA ILE B 20 -6.29 22.18 -23.17
C ILE B 20 -7.00 21.13 -24.03
N LYS B 21 -8.04 20.50 -23.47
CA LYS B 21 -8.83 19.52 -24.20
C LYS B 21 -10.14 20.13 -24.69
N LYS B 22 -10.23 21.46 -24.50
CA LYS B 22 -11.31 22.34 -24.93
C LYS B 22 -12.74 21.82 -24.78
N ASN B 23 -12.98 21.06 -23.71
CA ASN B 23 -14.34 20.65 -23.38
C ASN B 23 -15.05 21.69 -22.55
N ARG B 24 -16.37 21.64 -22.58
CA ARG B 24 -17.20 22.50 -21.75
C ARG B 24 -18.36 21.69 -21.21
N ILE B 25 -19.05 22.22 -20.21
CA ILE B 25 -20.20 21.55 -19.63
C ILE B 25 -21.32 22.54 -19.44
N PRO B 26 -22.56 22.04 -19.35
CA PRO B 26 -23.72 22.91 -19.16
C PRO B 26 -23.74 23.73 -17.86
N VAL B 27 -24.55 24.78 -17.91
CA VAL B 27 -24.95 25.56 -16.78
C VAL B 27 -26.46 25.59 -16.81
N ILE B 28 -27.09 25.26 -15.69
CA ILE B 28 -28.53 25.09 -15.69
C ILE B 28 -29.19 26.00 -14.69
N ASN B 29 -30.22 26.71 -15.12
CA ASN B 29 -31.06 27.41 -14.19
C ASN B 29 -31.92 26.38 -13.44
N PRO B 30 -31.73 26.26 -12.11
CA PRO B 30 -32.53 25.32 -11.32
C PRO B 30 -34.04 25.61 -11.35
N SER B 31 -34.45 26.78 -11.84
CA SER B 31 -35.86 27.16 -11.81
C SER B 31 -36.62 26.69 -13.03
N THR B 32 -35.89 26.56 -14.13
CA THR B 32 -36.51 26.24 -15.42
C THR B 32 -35.97 24.94 -16.00
N GLU B 33 -34.91 24.42 -15.37
CA GLU B 33 -34.25 23.18 -15.78
C GLU B 33 -33.61 23.28 -17.16
N GLU B 34 -33.51 24.51 -17.69
CA GLU B 34 -33.00 24.81 -19.02
C GLU B 34 -31.51 25.15 -19.04
N ILE B 35 -30.74 24.58 -19.97
CA ILE B 35 -29.35 24.99 -20.17
C ILE B 35 -29.26 26.43 -20.62
N ILE B 36 -28.80 27.30 -19.71
CA ILE B 36 -28.74 28.74 -19.98
C ILE B 36 -27.34 29.19 -20.36
N GLY B 37 -26.41 28.25 -20.48
CA GLY B 37 -25.06 28.57 -20.89
C GLY B 37 -24.07 27.44 -20.66
N ASP B 38 -22.78 27.76 -20.64
CA ASP B 38 -21.79 26.74 -20.35
C ASP B 38 -20.49 27.28 -19.76
N ILE B 39 -19.80 26.43 -19.01
CA ILE B 39 -18.55 26.80 -18.37
C ILE B 39 -17.45 25.87 -18.85
N PRO B 40 -16.20 26.35 -18.81
CA PRO B 40 -15.13 25.44 -19.25
C PRO B 40 -14.91 24.34 -18.24
N ALA B 41 -14.51 23.17 -18.70
CA ALA B 41 -14.23 22.03 -17.82
C ALA B 41 -12.75 21.67 -17.93
N ALA B 42 -12.00 21.92 -16.87
CA ALA B 42 -10.56 21.73 -16.89
C ALA B 42 -10.23 20.27 -16.70
N THR B 43 -9.06 19.87 -17.18
CA THR B 43 -8.56 18.53 -16.92
C THR B 43 -7.19 18.65 -16.24
N ALA B 44 -6.51 17.51 -16.07
CA ALA B 44 -5.29 17.48 -15.29
C ALA B 44 -4.22 18.37 -15.91
N GLU B 45 -4.29 18.52 -17.23
CA GLU B 45 -3.33 19.32 -17.97
C GLU B 45 -3.45 20.78 -17.58
N ASP B 46 -4.69 21.25 -17.53
CA ASP B 46 -5.02 22.61 -17.10
C ASP B 46 -4.56 22.90 -15.68
N VAL B 47 -4.69 21.90 -14.80
CA VAL B 47 -4.27 22.03 -13.42
C VAL B 47 -2.79 22.26 -13.38
N GLU B 48 -2.08 21.41 -14.11
CA GLU B 48 -0.64 21.47 -14.26
C GLU B 48 -0.11 22.83 -14.67
N VAL B 49 -0.80 23.51 -15.60
CA VAL B 49 -0.26 24.79 -16.06
C VAL B 49 -0.68 25.91 -15.11
N ALA B 50 -1.79 25.68 -14.41
CA ALA B 50 -2.31 26.65 -13.45
C ALA B 50 -1.47 26.66 -12.15
N VAL B 51 -1.01 25.48 -11.75
CA VAL B 51 -0.12 25.33 -10.60
C VAL B 51 1.28 25.87 -10.91
N VAL B 52 1.78 25.54 -12.10
CA VAL B 52 3.04 26.10 -12.55
C VAL B 52 2.91 27.64 -12.58
N ALA B 53 1.71 28.13 -12.94
CA ALA B 53 1.47 29.58 -12.98
C ALA B 53 1.39 30.19 -11.57
N ALA B 54 0.83 29.44 -10.61
CA ALA B 54 0.76 29.94 -9.24
C ALA B 54 2.16 29.93 -8.63
N ARG B 55 2.93 28.89 -8.93
CA ARG B 55 4.27 28.74 -8.37
C ARG B 55 5.26 29.82 -8.82
N ARG B 56 5.26 30.13 -10.13
CA ARG B 56 6.09 31.20 -10.63
C ARG B 56 5.66 32.52 -10.00
N ALA B 57 4.36 32.74 -9.89
CA ALA B 57 3.85 33.99 -9.31
C ALA B 57 4.25 34.11 -7.83
N PHE B 58 4.42 32.96 -7.18
CA PHE B 58 4.84 32.92 -5.78
C PHE B 58 6.32 33.23 -5.65
N ARG B 59 7.09 33.01 -6.71
CA ARG B 59 8.54 33.21 -6.65
C ARG B 59 8.96 34.62 -7.04
N ARG B 60 8.08 35.35 -7.74
N ARG B 60 8.08 35.34 -7.74
CA ARG B 60 8.36 36.73 -8.11
CA ARG B 60 8.35 36.73 -8.10
C ARG B 60 8.41 37.63 -6.87
C ARG B 60 8.45 37.61 -6.85
N ASN B 61 8.88 38.86 -7.04
CA ASN B 61 9.03 39.79 -5.92
C ASN B 61 7.99 40.90 -5.89
N ASN B 62 6.72 40.54 -6.10
CA ASN B 62 5.66 41.51 -6.01
C ASN B 62 4.38 41.00 -5.33
N TRP B 63 4.51 39.88 -4.60
CA TRP B 63 3.38 39.31 -3.85
C TRP B 63 3.70 38.62 -2.52
N SER B 64 4.33 37.47 -2.61
CA SER B 64 4.49 36.62 -1.44
C SER B 64 5.44 37.19 -0.38
N ALA B 65 6.49 37.89 -0.79
CA ALA B 65 7.45 38.44 0.17
C ALA B 65 7.17 39.92 0.45
N THR B 66 6.10 40.44 -0.12
CA THR B 66 5.74 41.82 0.16
C THR B 66 4.99 41.88 1.50
N SER B 67 4.68 43.08 2.00
CA SER B 67 3.97 43.15 3.28
C SER B 67 2.49 42.82 3.16
N GLY B 68 1.90 42.43 4.29
CA GLY B 68 0.45 42.29 4.39
C GLY B 68 -0.27 43.55 3.98
N ALA B 69 0.28 44.70 4.40
CA ALA B 69 -0.32 45.98 4.07
C ALA B 69 -0.37 46.20 2.56
N HIS B 70 0.72 45.83 1.88
CA HIS B 70 0.76 45.95 0.42
C HIS B 70 -0.32 45.11 -0.22
N ARG B 71 -0.43 43.85 0.19
CA ARG B 71 -1.46 42.95 -0.31
C ARG B 71 -2.87 43.40 0.08
N ALA B 72 -3.02 43.97 1.27
CA ALA B 72 -4.31 44.54 1.69
C ALA B 72 -4.86 45.60 0.71
N THR B 73 -4.00 46.30 -0.02
CA THR B 73 -4.54 47.33 -0.92
C THR B 73 -5.34 46.66 -2.02
N TYR B 74 -4.88 45.50 -2.44
CA TYR B 74 -5.56 44.72 -3.44
C TYR B 74 -6.83 44.10 -2.87
N LEU B 75 -6.77 43.69 -1.61
CA LEU B 75 -7.95 43.13 -0.96
C LEU B 75 -9.07 44.13 -0.90
N ARG B 76 -8.74 45.35 -0.49
CA ARG B 76 -9.74 46.41 -0.42
C ARG B 76 -10.22 46.80 -1.81
N ALA B 77 -9.34 46.83 -2.79
CA ALA B 77 -9.71 47.15 -4.15
C ALA B 77 -10.72 46.12 -4.68
N ILE B 78 -10.46 44.85 -4.41
CA ILE B 78 -11.41 43.79 -4.78
C ILE B 78 -12.78 44.03 -4.12
N ALA B 79 -12.79 44.26 -2.81
CA ALA B 79 -14.02 44.51 -2.08
C ALA B 79 -14.78 45.70 -2.65
N ALA B 80 -14.04 46.75 -3.02
CA ALA B 80 -14.64 47.93 -3.65
C ALA B 80 -15.20 47.61 -5.04
N LYS B 81 -14.49 46.79 -5.81
CA LYS B 81 -14.93 46.45 -7.15
C LYS B 81 -16.16 45.55 -7.11
N ILE B 82 -16.19 44.61 -6.17
CA ILE B 82 -17.36 43.77 -5.97
C ILE B 82 -18.54 44.65 -5.59
N THR B 83 -18.33 45.58 -4.65
CA THR B 83 -19.41 46.49 -4.26
C THR B 83 -19.93 47.28 -5.46
N GLU B 84 -19.02 47.67 -6.36
CA GLU B 84 -19.37 48.47 -7.52
C GLU B 84 -20.11 47.62 -8.55
N LYS B 85 -19.73 46.36 -8.64
CA LYS B 85 -20.37 45.42 -9.55
C LYS B 85 -21.44 44.56 -8.86
N LYS B 86 -21.96 45.06 -7.75
CA LYS B 86 -22.91 44.33 -6.90
C LYS B 86 -24.07 43.75 -7.68
N ASP B 87 -24.80 44.62 -8.40
CA ASP B 87 -26.04 44.23 -9.08
C ASP B 87 -25.82 43.07 -10.02
N HIS B 88 -24.71 43.17 -10.75
CA HIS B 88 -24.25 42.16 -11.69
C HIS B 88 -24.03 40.80 -11.01
N PHE B 89 -23.24 40.79 -9.94
CA PHE B 89 -22.95 39.55 -9.22
C PHE B 89 -24.21 38.97 -8.55
N VAL B 90 -25.02 39.83 -7.94
CA VAL B 90 -26.25 39.38 -7.27
C VAL B 90 -27.19 38.65 -8.24
N LYS B 91 -27.29 39.14 -9.47
CA LYS B 91 -28.19 38.50 -10.44
C LYS B 91 -27.61 37.20 -10.98
N LEU B 92 -26.30 37.16 -11.26
CA LEU B 92 -25.65 35.95 -11.76
C LEU B 92 -25.68 34.83 -10.75
N GLU B 93 -25.61 35.20 -9.49
CA GLU B 93 -25.66 34.24 -8.41
C GLU B 93 -27.08 33.69 -8.27
N THR B 94 -28.04 34.60 -8.34
CA THR B 94 -29.44 34.23 -8.16
C THR B 94 -29.91 33.26 -9.23
N ILE B 95 -29.36 33.39 -10.44
CA ILE B 95 -29.76 32.49 -11.51
C ILE B 95 -28.92 31.21 -11.51
N ASP B 96 -27.70 31.27 -11.00
CA ASP B 96 -26.82 30.12 -11.08
C ASP B 96 -27.07 29.17 -9.92
N SER B 97 -27.26 29.75 -8.74
CA SER B 97 -27.35 28.97 -7.51
C SER B 97 -28.79 28.62 -7.19
N GLY B 98 -29.69 29.58 -7.35
CA GLY B 98 -31.10 29.31 -7.16
C GLY B 98 -31.69 29.79 -5.84
N LYS B 99 -30.90 30.53 -5.07
CA LYS B 99 -31.41 31.08 -3.82
C LYS B 99 -32.16 32.38 -4.10
N PRO B 100 -33.16 32.71 -3.26
CA PRO B 100 -33.94 33.92 -3.47
C PRO B 100 -33.04 35.15 -3.64
N PHE B 101 -33.44 36.04 -4.53
CA PHE B 101 -32.68 37.25 -4.83
C PHE B 101 -32.23 37.96 -3.55
N ASP B 102 -33.13 38.01 -2.57
CA ASP B 102 -32.85 38.64 -1.29
C ASP B 102 -31.68 37.96 -0.58
N GLU B 103 -31.60 36.63 -0.67
CA GLU B 103 -30.49 35.91 -0.07
C GLU B 103 -29.19 36.25 -0.80
N ALA B 104 -29.29 36.45 -2.11
CA ALA B 104 -28.12 36.73 -2.93
C ALA B 104 -27.50 38.10 -2.62
N VAL B 105 -28.31 39.13 -2.42
CA VAL B 105 -27.75 40.45 -2.12
C VAL B 105 -26.91 40.40 -0.84
N LEU B 106 -27.39 39.65 0.15
CA LEU B 106 -26.69 39.52 1.43
C LEU B 106 -25.35 38.80 1.25
N ASP B 107 -25.37 37.74 0.44
CA ASP B 107 -24.17 37.01 0.05
C ASP B 107 -23.11 37.95 -0.53
N ILE B 108 -23.50 38.76 -1.49
CA ILE B 108 -22.52 39.56 -2.21
C ILE B 108 -21.98 40.67 -1.31
N ASP B 109 -22.85 41.23 -0.46
CA ASP B 109 -22.42 42.17 0.57
C ASP B 109 -21.36 41.51 1.44
N ASP B 110 -21.62 40.25 1.79
CA ASP B 110 -20.73 39.53 2.68
C ASP B 110 -19.37 39.26 2.04
N VAL B 111 -19.29 39.13 0.71
CA VAL B 111 -17.97 38.87 0.13
C VAL B 111 -17.16 40.17 0.14
N ALA B 112 -17.78 41.32 -0.11
CA ALA B 112 -17.08 42.60 0.07
C ALA B 112 -16.56 42.73 1.50
N SER B 113 -17.42 42.47 2.49
CA SER B 113 -17.05 42.62 3.87
C SER B 113 -15.96 41.64 4.24
N CYS B 114 -15.95 40.48 3.58
CA CYS B 114 -15.00 39.45 3.93
C CYS B 114 -13.60 39.83 3.44
N PHE B 115 -13.53 40.43 2.25
CA PHE B 115 -12.26 40.90 1.73
C PHE B 115 -11.76 42.10 2.55
N GLU B 116 -12.68 42.93 3.04
CA GLU B 116 -12.28 44.09 3.84
C GLU B 116 -11.74 43.63 5.20
N TYR B 117 -12.39 42.64 5.79
CA TYR B 117 -11.95 42.12 7.09
C TYR B 117 -10.53 41.58 6.97
N PHE B 118 -10.26 40.84 5.91
CA PHE B 118 -8.97 40.18 5.79
C PHE B 118 -7.85 41.10 5.27
N ALA B 119 -8.23 42.18 4.60
CA ALA B 119 -7.31 43.29 4.42
C ALA B 119 -6.81 43.76 5.79
N GLY B 120 -7.74 43.98 6.71
CA GLY B 120 -7.39 44.32 8.06
C GLY B 120 -6.50 43.29 8.71
N GLN B 121 -6.76 42.00 8.46
CA GLN B 121 -5.99 40.99 9.16
C GLN B 121 -4.60 40.90 8.56
N ALA B 122 -4.48 41.23 7.28
CA ALA B 122 -3.18 41.28 6.60
C ALA B 122 -2.30 42.35 7.22
N GLU B 123 -2.92 43.48 7.56
CA GLU B 123 -2.18 44.58 8.18
C GLU B 123 -1.78 44.18 9.61
N ALA B 124 -2.71 43.60 10.38
CA ALA B 124 -2.36 43.02 11.69
C ALA B 124 -1.19 42.02 11.57
N LEU B 125 -1.10 41.33 10.43
CA LEU B 125 -0.06 40.31 10.23
C LEU B 125 1.34 40.92 10.23
N ASP B 126 1.49 42.10 9.65
CA ASP B 126 2.77 42.81 9.68
C ASP B 126 3.22 43.11 11.11
N GLY B 127 2.27 43.37 11.99
CA GLY B 127 2.59 43.74 13.36
C GLY B 127 3.03 42.56 14.20
N LYS B 128 2.88 41.34 13.68
CA LYS B 128 3.24 40.13 14.41
C LYS B 128 4.57 39.56 13.93
N GLN B 129 5.16 40.15 12.88
CA GLN B 129 6.42 39.63 12.36
C GLN B 129 7.54 39.89 13.37
N LYS B 130 8.41 38.89 13.50
CA LYS B 130 9.50 38.87 14.49
C LYS B 130 9.01 39.10 15.90
N ALA B 131 7.89 38.49 16.25
CA ALA B 131 7.43 38.53 17.63
C ALA B 131 8.47 37.77 18.46
N PRO B 132 9.09 38.46 19.41
CA PRO B 132 10.13 37.85 20.26
C PRO B 132 9.59 36.69 21.08
N VAL B 133 10.38 35.62 21.19
CA VAL B 133 10.05 34.58 22.15
C VAL B 133 11.11 34.55 23.23
N THR B 134 10.69 34.69 24.49
CA THR B 134 11.67 34.74 25.56
C THR B 134 12.26 33.35 25.87
N LEU B 135 13.59 33.26 25.79
CA LEU B 135 14.33 32.03 26.08
C LEU B 135 14.98 32.10 27.46
N PRO B 136 15.17 30.93 28.10
CA PRO B 136 15.80 30.91 29.42
C PRO B 136 17.33 30.79 29.36
N MET B 137 17.92 30.98 28.18
CA MET B 137 19.39 30.97 28.08
C MET B 137 19.88 32.25 27.43
N GLU B 138 20.82 32.94 28.08
CA GLU B 138 21.21 34.28 27.63
C GLU B 138 21.93 34.16 26.29
N ARG B 139 22.47 32.97 26.02
N ARG B 139 22.46 32.97 26.02
CA ARG B 139 23.19 32.72 24.79
CA ARG B 139 23.18 32.70 24.79
C ARG B 139 22.30 32.85 23.54
C ARG B 139 22.30 32.84 23.56
N PHE B 140 21.01 32.54 23.70
CA PHE B 140 20.12 32.49 22.55
C PHE B 140 18.98 33.50 22.57
N LYS B 141 18.64 33.99 21.39
CA LYS B 141 17.42 34.76 21.25
C LYS B 141 16.56 34.08 20.19
N SER B 142 15.27 34.38 20.21
CA SER B 142 14.32 33.72 19.33
C SER B 142 13.21 34.66 18.91
N HIS B 143 12.73 34.49 17.69
CA HIS B 143 11.49 35.12 17.31
C HIS B 143 10.74 34.25 16.30
N VAL B 144 9.55 34.70 15.93
CA VAL B 144 8.65 33.97 15.07
C VAL B 144 8.40 34.78 13.82
N LEU B 145 8.59 34.17 12.66
CA LEU B 145 8.18 34.79 11.40
C LEU B 145 6.95 34.08 10.90
N ARG B 146 6.01 34.84 10.35
CA ARG B 146 4.79 34.28 9.78
CA ARG B 146 4.79 34.28 9.77
C ARG B 146 4.78 34.48 8.26
N GLN B 147 5.29 33.47 7.55
CA GLN B 147 5.44 33.51 6.11
C GLN B 147 4.41 32.67 5.40
N PRO B 148 4.07 33.05 4.16
CA PRO B 148 3.06 32.32 3.41
C PRO B 148 3.56 30.92 3.12
N LEU B 149 2.68 29.95 3.21
CA LEU B 149 3.01 28.55 2.90
C LEU B 149 3.51 28.30 1.47
N GLY B 150 2.81 28.87 0.50
CA GLY B 150 3.15 28.64 -0.90
C GLY B 150 1.94 28.62 -1.81
N VAL B 151 1.84 27.59 -2.64
CA VAL B 151 0.73 27.43 -3.57
C VAL B 151 -0.37 26.64 -2.89
N VAL B 152 -1.59 27.14 -2.87
CA VAL B 152 -2.63 26.40 -2.19
C VAL B 152 -3.82 26.09 -3.08
N GLY B 153 -4.46 24.97 -2.81
CA GLY B 153 -5.61 24.55 -3.58
C GLY B 153 -6.84 24.80 -2.75
N LEU B 154 -7.75 25.61 -3.29
CA LEU B 154 -8.98 25.98 -2.63
C LEU B 154 -10.16 25.33 -3.34
N ILE B 155 -10.99 24.61 -2.62
CA ILE B 155 -12.13 23.94 -3.23
C ILE B 155 -13.41 24.29 -2.52
N SER B 156 -14.29 25.00 -3.21
CA SER B 156 -15.45 25.59 -2.56
C SER B 156 -16.76 25.07 -3.15
N PRO B 157 -17.78 24.93 -2.30
CA PRO B 157 -19.06 24.36 -2.74
C PRO B 157 -20.05 25.40 -3.29
N TRP B 158 -21.16 24.88 -3.82
CA TRP B 158 -22.14 25.64 -4.58
C TRP B 158 -23.26 26.34 -3.83
N ASN B 159 -23.40 26.14 -2.53
CA ASN B 159 -24.53 26.76 -1.82
C ASN B 159 -24.35 28.27 -1.58
N TYR B 160 -23.09 28.73 -1.47
CA TYR B 160 -22.78 30.15 -1.47
C TYR B 160 -21.58 30.27 -2.40
N PRO B 161 -21.82 30.26 -3.71
CA PRO B 161 -20.76 30.08 -4.70
C PRO B 161 -19.56 31.02 -4.49
N LEU B 162 -19.80 32.32 -4.58
CA LEU B 162 -18.71 33.30 -4.44
C LEU B 162 -18.29 33.50 -2.99
N LEU B 163 -19.26 33.49 -2.09
CA LEU B 163 -18.97 33.66 -0.67
C LEU B 163 -18.08 32.56 -0.13
N MET B 164 -18.40 31.30 -0.42
CA MET B 164 -17.57 30.19 0.08
C MET B 164 -16.19 30.25 -0.53
N ALA B 165 -16.10 30.65 -1.80
CA ALA B 165 -14.81 30.80 -2.46
C ALA B 165 -14.02 31.93 -1.78
N THR B 166 -14.71 33.03 -1.54
CA THR B 166 -14.11 34.19 -0.87
C THR B 166 -13.51 33.80 0.49
N TRP B 167 -14.28 33.04 1.26
CA TRP B 167 -13.83 32.55 2.56
C TRP B 167 -12.46 31.86 2.51
N LYS B 168 -12.06 31.41 1.33
CA LYS B 168 -10.75 30.79 1.21
C LYS B 168 -9.74 31.66 0.47
N ILE B 169 -10.19 32.35 -0.56
CA ILE B 169 -9.33 33.24 -1.29
C ILE B 169 -8.82 34.35 -0.36
N ALA B 170 -9.74 34.90 0.43
CA ALA B 170 -9.42 36.11 1.18
C ALA B 170 -8.30 35.85 2.19
N PRO B 171 -8.44 34.83 3.08
CA PRO B 171 -7.29 34.55 3.96
C PRO B 171 -6.01 34.11 3.25
N ALA B 172 -6.10 33.26 2.22
CA ALA B 172 -4.89 32.79 1.54
C ALA B 172 -4.11 33.93 0.90
N LEU B 173 -4.81 34.80 0.20
CA LEU B 173 -4.14 35.94 -0.41
C LEU B 173 -3.61 36.83 0.71
N ALA B 174 -4.39 36.99 1.79
CA ALA B 174 -3.93 37.82 2.90
C ALA B 174 -2.59 37.33 3.43
N ALA B 175 -2.45 36.00 3.51
CA ALA B 175 -1.25 35.34 4.01
C ALA B 175 -0.09 35.45 3.06
N GLY B 176 -0.36 35.76 1.80
CA GLY B 176 0.71 35.89 0.83
C GLY B 176 0.90 34.67 -0.03
N CYS B 177 -0.05 33.74 0.04
CA CYS B 177 0.00 32.56 -0.80
C CYS B 177 -0.49 32.94 -2.18
N THR B 178 -0.23 32.07 -3.13
CA THR B 178 -0.90 32.12 -4.41
C THR B 178 -1.81 30.87 -4.46
N ALA B 179 -2.80 30.89 -5.33
CA ALA B 179 -3.90 29.94 -5.21
C ALA B 179 -4.48 29.46 -6.54
N VAL B 180 -4.91 28.20 -6.54
CA VAL B 180 -5.77 27.69 -7.59
C VAL B 180 -7.13 27.41 -6.97
N LEU B 181 -8.18 27.98 -7.55
CA LEU B 181 -9.52 27.77 -7.02
C LEU B 181 -10.34 26.87 -7.95
N LYS B 182 -10.96 25.88 -7.35
CA LYS B 182 -11.81 24.95 -8.07
C LYS B 182 -13.18 25.03 -7.44
N PRO B 183 -14.06 25.86 -8.02
CA PRO B 183 -15.42 25.89 -7.49
C PRO B 183 -16.19 24.67 -8.00
N SER B 184 -17.38 24.46 -7.46
CA SER B 184 -18.31 23.43 -7.92
C SER B 184 -18.81 23.63 -9.34
N GLU B 185 -18.92 22.52 -10.08
CA GLU B 185 -19.53 22.48 -11.42
C GLU B 185 -20.98 22.98 -11.43
N LEU B 186 -21.63 22.95 -10.28
CA LEU B 186 -23.05 23.27 -10.18
C LEU B 186 -23.36 24.77 -10.02
N ALA B 187 -22.34 25.58 -9.72
CA ALA B 187 -22.50 27.03 -9.61
C ALA B 187 -21.15 27.73 -9.78
N SER B 188 -20.70 27.89 -11.02
CA SER B 188 -19.35 28.35 -11.31
C SER B 188 -19.24 29.73 -11.94
N VAL B 189 -20.37 30.43 -12.13
CA VAL B 189 -20.35 31.61 -12.99
C VAL B 189 -19.82 32.87 -12.29
N THR B 190 -20.24 33.14 -11.05
CA THR B 190 -19.67 34.31 -10.36
C THR B 190 -18.19 34.12 -10.07
N CYS B 191 -17.77 32.87 -9.82
CA CYS B 191 -16.36 32.60 -9.53
C CYS B 191 -15.49 32.84 -10.76
N LEU B 192 -15.97 32.43 -11.92
CA LEU B 192 -15.23 32.72 -13.14
C LEU B 192 -15.18 34.22 -13.34
N GLU B 193 -16.33 34.86 -13.11
CA GLU B 193 -16.49 36.30 -13.24
C GLU B 193 -15.60 37.08 -12.25
N PHE B 194 -15.20 36.42 -11.17
CA PHE B 194 -14.30 37.00 -10.21
C PHE B 194 -12.92 37.20 -10.85
N GLY B 195 -12.59 36.34 -11.80
CA GLY B 195 -11.36 36.48 -12.57
C GLY B 195 -11.14 37.84 -13.19
N GLU B 196 -12.18 38.42 -13.77
CA GLU B 196 -12.03 39.71 -14.44
C GLU B 196 -11.82 40.79 -13.38
N VAL B 197 -12.50 40.65 -12.25
CA VAL B 197 -12.29 41.53 -11.09
C VAL B 197 -10.81 41.60 -10.69
N CYS B 198 -10.15 40.44 -10.65
CA CYS B 198 -8.71 40.38 -10.37
C CYS B 198 -7.90 41.19 -11.39
N ASN B 199 -8.29 41.14 -12.66
CA ASN B 199 -7.53 41.93 -13.63
C ASN B 199 -7.83 43.41 -13.47
N GLU B 200 -9.08 43.74 -13.17
CA GLU B 200 -9.49 45.12 -13.02
C GLU B 200 -8.76 45.82 -11.89
N VAL B 201 -8.34 45.06 -10.85
CA VAL B 201 -7.62 45.65 -9.72
C VAL B 201 -6.11 45.53 -9.87
N GLY B 202 -5.67 44.82 -10.89
CA GLY B 202 -4.25 44.66 -11.17
C GLY B 202 -3.57 43.55 -10.38
N LEU B 203 -4.35 42.57 -9.93
CA LEU B 203 -3.78 41.44 -9.19
C LEU B 203 -2.73 40.76 -10.05
N PRO B 204 -1.54 40.53 -9.50
CA PRO B 204 -0.51 39.97 -10.37
C PRO B 204 -0.92 38.61 -10.94
N PRO B 205 -0.58 38.40 -12.21
CA PRO B 205 -0.89 37.14 -12.88
C PRO B 205 -0.34 35.94 -12.10
N GLY B 206 -1.18 34.91 -11.96
CA GLY B 206 -0.78 33.67 -11.33
C GLY B 206 -1.12 33.63 -9.85
N VAL B 207 -1.39 34.78 -9.24
CA VAL B 207 -1.68 34.85 -7.81
C VAL B 207 -2.98 34.16 -7.48
N LEU B 208 -4.01 34.40 -8.28
CA LEU B 208 -5.22 33.59 -8.18
C LEU B 208 -5.56 33.00 -9.55
N ASN B 209 -5.80 31.69 -9.56
CA ASN B 209 -6.14 30.96 -10.77
C ASN B 209 -7.47 30.22 -10.56
N ILE B 210 -8.37 30.30 -11.54
CA ILE B 210 -9.72 29.76 -11.37
C ILE B 210 -10.06 28.72 -12.43
N LEU B 211 -9.97 27.46 -12.03
CA LEU B 211 -10.30 26.32 -12.89
C LEU B 211 -11.68 25.78 -12.55
N THR B 212 -12.63 25.95 -13.46
CA THR B 212 -13.89 25.25 -13.31
C THR B 212 -13.74 23.89 -13.98
N GLY B 213 -14.65 22.97 -13.70
CA GLY B 213 -14.52 21.62 -14.20
C GLY B 213 -15.20 20.60 -13.32
N LEU B 214 -15.03 19.32 -13.68
CA LEU B 214 -15.55 18.21 -12.89
C LEU B 214 -14.58 17.86 -11.77
N GLY B 215 -15.13 17.45 -10.62
CA GLY B 215 -14.33 16.93 -9.53
C GLY B 215 -13.16 16.07 -9.96
N PRO B 216 -13.45 14.92 -10.58
CA PRO B 216 -12.38 13.99 -10.97
C PRO B 216 -11.43 14.53 -12.02
N ASP B 217 -11.91 15.38 -12.92
CA ASP B 217 -11.02 15.95 -13.94
C ASP B 217 -10.25 17.14 -13.43
N ALA B 218 -10.88 17.97 -12.60
CA ALA B 218 -10.28 19.24 -12.20
C ALA B 218 -9.87 19.26 -10.72
N GLY B 219 -10.75 18.83 -9.83
CA GLY B 219 -10.45 18.85 -8.41
C GLY B 219 -9.41 17.85 -7.95
N ALA B 220 -9.62 16.56 -8.28
CA ALA B 220 -8.71 15.50 -7.86
C ALA B 220 -7.26 15.70 -8.28
N PRO B 221 -7.01 16.22 -9.49
CA PRO B 221 -5.60 16.41 -9.81
C PRO B 221 -4.95 17.57 -9.06
N LEU B 222 -5.75 18.57 -8.70
CA LEU B 222 -5.28 19.69 -7.88
C LEU B 222 -4.88 19.14 -6.52
N VAL B 223 -5.80 18.40 -5.91
CA VAL B 223 -5.56 17.80 -4.60
C VAL B 223 -4.29 16.95 -4.59
N SER B 224 -4.09 16.19 -5.66
CA SER B 224 -2.95 15.28 -5.72
C SER B 224 -1.68 15.89 -6.33
N HIS B 225 -1.73 17.15 -6.80
CA HIS B 225 -0.56 17.73 -7.46
C HIS B 225 0.64 17.87 -6.52
N PRO B 226 1.85 17.45 -6.97
CA PRO B 226 2.96 17.41 -6.01
C PRO B 226 3.51 18.78 -5.65
N ASP B 227 3.09 19.83 -6.34
CA ASP B 227 3.63 21.16 -6.05
C ASP B 227 2.58 22.04 -5.38
N VAL B 228 1.46 21.44 -5.00
CA VAL B 228 0.47 22.17 -4.23
C VAL B 228 0.81 21.95 -2.75
N ASP B 229 0.91 23.02 -1.99
CA ASP B 229 1.41 22.89 -0.62
C ASP B 229 0.32 22.53 0.38
N LYS B 230 -0.92 22.88 0.09
CA LYS B 230 -1.98 22.68 1.07
C LYS B 230 -3.31 22.75 0.36
N ILE B 231 -4.32 22.11 0.93
CA ILE B 231 -5.67 22.11 0.38
C ILE B 231 -6.67 22.54 1.40
N ALA B 232 -7.51 23.50 1.02
CA ALA B 232 -8.62 23.90 1.84
C ALA B 232 -9.90 23.46 1.15
N PHE B 233 -10.71 22.70 1.88
CA PHE B 233 -11.87 22.05 1.32
C PHE B 233 -13.10 22.21 2.20
N THR B 234 -14.19 22.60 1.55
CA THR B 234 -15.52 22.58 2.14
C THR B 234 -16.45 21.78 1.20
N GLY B 235 -17.25 20.89 1.77
CA GLY B 235 -18.06 19.96 1.01
C GLY B 235 -18.65 18.84 1.86
N SER B 236 -18.94 17.70 1.24
CA SER B 236 -19.53 16.58 1.98
C SER B 236 -18.45 15.83 2.74
N SER B 237 -18.85 15.19 3.83
CA SER B 237 -17.96 14.37 4.66
C SER B 237 -17.32 13.28 3.81
N ALA B 238 -18.12 12.66 2.94
CA ALA B 238 -17.63 11.59 2.09
C ALA B 238 -16.51 12.06 1.16
N THR B 239 -16.71 13.17 0.46
CA THR B 239 -15.66 13.69 -0.41
C THR B 239 -14.46 14.13 0.42
N GLY B 240 -14.73 14.65 1.61
CA GLY B 240 -13.67 15.13 2.49
C GLY B 240 -12.73 14.01 2.86
N SER B 241 -13.30 12.86 3.17
CA SER B 241 -12.49 11.68 3.43
C SER B 241 -11.57 11.38 2.26
N LYS B 242 -12.12 11.52 1.05
CA LYS B 242 -11.37 11.20 -0.15
C LYS B 242 -10.28 12.22 -0.41
N VAL B 243 -10.54 13.51 -0.21
CA VAL B 243 -9.48 14.47 -0.49
C VAL B 243 -8.33 14.29 0.53
N MET B 244 -8.66 13.99 1.77
CA MET B 244 -7.67 13.84 2.82
C MET B 244 -6.82 12.63 2.57
N ALA B 245 -7.49 11.54 2.20
CA ALA B 245 -6.80 10.30 1.83
C ALA B 245 -5.82 10.54 0.70
N SER B 246 -6.26 11.29 -0.32
CA SER B 246 -5.39 11.62 -1.44
C SER B 246 -4.24 12.53 -1.01
N ALA B 247 -4.57 13.60 -0.29
CA ALA B 247 -3.53 14.49 0.19
C ALA B 247 -2.51 13.72 1.03
N ALA B 248 -2.97 12.73 1.78
CA ALA B 248 -2.08 11.93 2.63
C ALA B 248 -0.91 11.29 1.86
N GLN B 249 -1.11 10.98 0.60
CA GLN B 249 -0.08 10.33 -0.21
C GLN B 249 1.22 11.13 -0.24
N LEU B 250 1.08 12.45 -0.11
CA LEU B 250 2.23 13.34 -0.14
C LEU B 250 2.28 14.15 1.15
N VAL B 251 1.70 13.58 2.22
CA VAL B 251 1.57 14.24 3.53
C VAL B 251 1.35 15.74 3.44
N LYS B 252 0.42 16.17 2.58
CA LYS B 252 0.15 17.60 2.51
C LYS B 252 -1.03 17.97 3.41
N PRO B 253 -0.93 19.13 4.09
CA PRO B 253 -1.93 19.53 5.08
C PRO B 253 -3.27 19.81 4.44
N VAL B 254 -4.29 19.77 5.25
CA VAL B 254 -5.63 19.92 4.77
C VAL B 254 -6.50 20.56 5.82
N THR B 255 -7.42 21.41 5.40
CA THR B 255 -8.50 21.82 6.26
C THR B 255 -9.81 21.32 5.66
N LEU B 256 -10.76 20.93 6.52
CA LEU B 256 -12.02 20.34 6.12
C LEU B 256 -13.22 20.88 6.88
N GLU B 257 -14.19 21.42 6.17
CA GLU B 257 -15.46 21.73 6.80
C GLU B 257 -16.48 20.92 6.03
N LEU B 258 -17.18 20.02 6.73
CA LEU B 258 -17.86 18.94 6.02
C LEU B 258 -19.35 18.82 6.30
N GLY B 259 -20.01 19.95 6.59
CA GLY B 259 -21.42 19.93 6.92
C GLY B 259 -21.71 19.09 8.14
N GLY B 260 -22.99 18.79 8.38
CA GLY B 260 -23.37 18.00 9.55
C GLY B 260 -24.86 17.71 9.71
N LYS B 261 -25.21 17.28 10.90
CA LYS B 261 -26.60 17.00 11.25
C LYS B 261 -26.82 17.72 12.56
N SER B 262 -26.83 19.06 12.49
CA SER B 262 -26.82 19.91 13.67
C SER B 262 -28.18 20.00 14.36
N PRO B 263 -28.19 19.90 15.69
CA PRO B 263 -29.44 19.99 16.43
C PRO B 263 -29.81 21.41 16.76
N ILE B 264 -31.10 21.69 16.83
CA ILE B 264 -31.57 22.90 17.48
C ILE B 264 -32.38 22.45 18.70
N VAL B 265 -31.94 22.85 19.89
CA VAL B 265 -32.61 22.44 21.12
C VAL B 265 -33.49 23.55 21.65
N VAL B 266 -34.78 23.29 21.79
CA VAL B 266 -35.70 24.32 22.27
C VAL B 266 -36.34 23.92 23.59
N PHE B 267 -36.08 24.71 24.62
CA PHE B 267 -36.64 24.48 25.94
C PHE B 267 -37.97 25.21 26.10
N GLU B 268 -38.66 24.98 27.22
CA GLU B 268 -40.06 25.40 27.37
C GLU B 268 -40.19 26.92 27.50
N ASP B 269 -39.20 27.57 28.12
CA ASP B 269 -39.23 28.99 28.35
C ASP B 269 -38.78 29.79 27.13
N VAL B 270 -39.50 29.67 26.03
CA VAL B 270 -39.20 30.47 24.86
C VAL B 270 -40.45 31.13 24.28
N ASP B 271 -40.26 32.34 23.77
CA ASP B 271 -41.24 32.99 22.93
C ASP B 271 -41.31 32.16 21.64
N ILE B 272 -42.36 31.39 21.47
CA ILE B 272 -42.50 30.42 20.39
C ILE B 272 -42.40 30.91 18.96
N ASP B 273 -42.93 32.09 18.69
CA ASP B 273 -42.93 32.59 17.35
C ASP B 273 -41.56 33.07 16.91
N LYS B 274 -40.80 33.72 17.79
CA LYS B 274 -39.45 34.09 17.46
C LYS B 274 -38.63 32.83 17.19
N VAL B 275 -38.62 31.92 18.16
CA VAL B 275 -37.88 30.67 18.05
C VAL B 275 -38.30 29.85 16.82
N VAL B 276 -39.59 29.84 16.49
CA VAL B 276 -40.06 29.10 15.32
C VAL B 276 -39.48 29.69 14.04
N GLU B 277 -39.38 31.02 13.98
CA GLU B 277 -38.84 31.67 12.78
C GLU B 277 -37.36 31.32 12.57
N TRP B 278 -36.59 31.36 13.65
CA TRP B 278 -35.18 30.98 13.61
C TRP B 278 -35.05 29.53 13.13
N THR B 279 -35.96 28.66 13.59
CA THR B 279 -35.96 27.24 13.21
C THR B 279 -36.19 27.07 11.73
N ILE B 280 -37.09 27.86 11.18
CA ILE B 280 -37.32 27.88 9.74
C ILE B 280 -36.05 28.33 9.02
N PHE B 281 -35.42 29.37 9.57
CA PHE B 281 -34.16 29.90 9.03
C PHE B 281 -33.08 28.82 9.07
N GLY B 282 -33.01 28.11 10.18
CA GLY B 282 -31.98 27.12 10.39
C GLY B 282 -32.05 25.96 9.41
N CYS B 283 -33.24 25.62 8.92
CA CYS B 283 -33.34 24.43 8.07
C CYS B 283 -33.79 24.70 6.64
N PHE B 284 -34.57 25.75 6.39
CA PHE B 284 -35.14 25.98 5.05
C PHE B 284 -34.43 27.05 4.22
N TRP B 285 -33.86 28.06 4.89
CA TRP B 285 -33.03 29.10 4.28
C TRP B 285 -31.93 28.49 3.38
N THR B 286 -31.44 29.26 2.43
CA THR B 286 -30.51 28.75 1.40
C THR B 286 -31.12 27.50 0.74
N ASN B 287 -32.44 27.47 0.67
CA ASN B 287 -33.23 26.35 0.14
C ASN B 287 -32.89 25.01 0.80
N GLY B 288 -32.49 25.09 2.07
CA GLY B 288 -32.14 23.92 2.85
C GLY B 288 -30.73 23.42 2.62
N GLN B 289 -30.01 24.08 1.73
CA GLN B 289 -28.65 23.68 1.40
C GLN B 289 -27.64 24.41 2.30
N ILE B 290 -27.81 24.22 3.61
CA ILE B 290 -26.97 24.80 4.64
C ILE B 290 -26.07 23.76 5.28
N CSO B 291 -24.75 23.91 5.26
N CSO B 291 -24.75 23.93 5.22
CA CSO B 291 -23.84 22.91 5.82
CA CSO B 291 -23.82 22.98 5.79
CB CSO B 291 -22.39 23.26 5.49
CB CSO B 291 -22.38 23.41 5.52
SG CSO B 291 -21.94 24.98 5.81
SG CSO B 291 -22.10 25.19 5.60
C CSO B 291 -24.03 22.80 7.32
C CSO B 291 -24.06 22.81 7.29
O CSO B 291 -23.91 21.71 7.89
O CSO B 291 -24.00 21.70 7.82
OD CSO B 291 -22.96 25.83 4.88
OD CSO B 291 -20.59 25.48 4.98
N CYS B 291 -24.77 23.80 5.01
CA CYS B 291 -23.80 23.03 5.78
C CYS B 291 -24.26 22.82 7.22
N SER B 292 -24.35 23.92 7.97
CA SER B 292 -24.61 23.86 9.40
C SER B 292 -26.10 23.88 9.70
N ALA B 293 -26.91 23.40 8.75
CA ALA B 293 -28.37 23.39 8.92
C ALA B 293 -28.74 22.78 10.26
N THR B 294 -29.49 23.53 11.08
CA THR B 294 -30.06 22.91 12.28
C THR B 294 -31.30 22.11 11.85
N SER B 295 -31.04 20.89 11.38
CA SER B 295 -32.04 20.05 10.73
C SER B 295 -32.72 19.06 11.68
N ARG B 296 -32.40 19.14 12.97
CA ARG B 296 -33.01 18.26 13.94
C ARG B 296 -33.48 19.08 15.13
N LEU B 297 -34.79 19.21 15.21
CA LEU B 297 -35.42 19.98 16.27
C LEU B 297 -35.65 19.11 17.48
N LEU B 298 -34.98 19.44 18.57
CA LEU B 298 -35.23 18.82 19.87
C LEU B 298 -36.00 19.80 20.74
N VAL B 299 -37.30 19.55 20.87
CA VAL B 299 -38.21 20.49 21.51
C VAL B 299 -38.88 19.85 22.73
N HIS B 300 -39.03 20.61 23.81
CA HIS B 300 -39.58 20.09 25.05
C HIS B 300 -41.00 19.54 24.91
N GLU B 301 -41.33 18.53 25.71
CA GLU B 301 -42.68 17.95 25.77
C GLU B 301 -43.75 19.01 25.95
N SER B 302 -43.72 19.64 27.13
CA SER B 302 -44.72 20.61 27.55
C SER B 302 -45.05 21.66 26.50
N ILE B 303 -44.12 21.92 25.56
CA ILE B 303 -44.36 22.93 24.53
C ILE B 303 -44.18 22.39 23.12
N ALA B 304 -44.32 21.09 22.94
CA ALA B 304 -44.08 20.46 21.64
C ALA B 304 -45.15 20.79 20.58
N ALA B 305 -46.32 20.20 20.73
CA ALA B 305 -47.38 20.28 19.71
C ALA B 305 -47.80 21.70 19.35
N GLU B 306 -47.67 22.63 20.29
CA GLU B 306 -47.95 24.03 20.07
C GLU B 306 -46.91 24.61 19.12
N PHE B 307 -45.67 24.39 19.54
CA PHE B 307 -44.48 24.80 18.80
C PHE B 307 -44.56 24.36 17.33
N VAL B 308 -44.93 23.10 17.11
CA VAL B 308 -44.98 22.54 15.76
C VAL B 308 -46.23 23.00 15.00
N ASP B 309 -47.25 23.45 15.70
CA ASP B 309 -48.35 24.00 14.94
C ASP B 309 -48.00 25.35 14.35
N LYS B 310 -47.54 26.24 15.22
CA LYS B 310 -47.12 27.57 14.83
C LYS B 310 -45.92 27.41 13.91
N LEU B 311 -45.24 26.28 14.04
CA LEU B 311 -44.12 26.01 13.13
C LEU B 311 -44.59 25.81 11.70
N VAL B 312 -45.63 24.99 11.53
CA VAL B 312 -46.15 24.73 10.20
C VAL B 312 -46.94 25.96 9.71
N LYS B 313 -47.43 26.76 10.66
CA LYS B 313 -48.17 27.96 10.32
C LYS B 313 -47.23 29.09 9.85
N TRP B 314 -45.94 28.92 10.13
CA TRP B 314 -44.90 29.77 9.56
C TRP B 314 -44.45 29.21 8.22
N THR B 315 -44.21 27.90 8.22
CA THR B 315 -43.79 27.17 7.03
C THR B 315 -44.82 27.34 5.90
N LYS B 316 -46.07 27.59 6.28
CA LYS B 316 -47.15 27.65 5.31
C LYS B 316 -47.06 28.84 4.34
N ASN B 317 -46.96 30.07 4.84
CA ASN B 317 -46.81 31.21 3.93
C ASN B 317 -45.35 31.64 3.72
N ILE B 318 -44.50 30.67 3.40
CA ILE B 318 -43.20 30.95 2.82
C ILE B 318 -43.35 30.96 1.30
N LYS B 319 -43.15 32.12 0.69
CA LYS B 319 -43.36 32.22 -0.75
C LYS B 319 -42.34 31.41 -1.52
N ILE B 320 -42.82 30.37 -2.20
CA ILE B 320 -41.98 29.53 -3.03
C ILE B 320 -42.13 29.92 -4.51
N SER B 321 -41.32 30.89 -4.94
CA SER B 321 -41.39 31.49 -6.26
C SER B 321 -40.10 31.26 -7.01
N ASP B 322 -40.09 31.66 -8.26
CA ASP B 322 -38.81 31.79 -8.93
C ASP B 322 -38.00 32.79 -8.09
N PRO B 323 -36.68 32.58 -7.99
CA PRO B 323 -35.83 33.42 -7.12
C PRO B 323 -35.86 34.94 -7.41
N PHE B 324 -36.14 35.34 -8.64
CA PHE B 324 -36.18 36.77 -8.97
C PHE B 324 -37.53 37.42 -8.65
N GLU B 325 -38.57 36.62 -8.45
CA GLU B 325 -39.88 37.23 -8.19
C GLU B 325 -39.93 37.87 -6.82
N GLU B 326 -40.83 38.84 -6.69
CA GLU B 326 -40.91 39.65 -5.47
C GLU B 326 -41.41 38.85 -4.29
N GLY B 327 -40.72 38.98 -3.17
CA GLY B 327 -41.12 38.34 -1.92
C GLY B 327 -40.69 36.90 -1.79
N CYS B 328 -39.90 36.40 -2.73
CA CYS B 328 -39.50 34.99 -2.71
C CYS B 328 -38.67 34.66 -1.47
N ARG B 329 -39.11 33.69 -0.69
CA ARG B 329 -38.42 33.30 0.55
C ARG B 329 -38.00 31.83 0.52
N LEU B 330 -37.97 31.27 -0.68
CA LEU B 330 -37.53 29.90 -0.94
C LEU B 330 -37.50 29.61 -2.44
N GLY B 331 -36.41 29.02 -2.90
CA GLY B 331 -36.24 28.74 -4.30
C GLY B 331 -35.97 27.28 -4.57
N PRO B 332 -35.63 26.95 -5.82
CA PRO B 332 -35.38 25.56 -6.19
C PRO B 332 -34.06 25.08 -5.61
N VAL B 333 -33.90 23.79 -5.42
CA VAL B 333 -32.62 23.24 -5.05
C VAL B 333 -31.74 23.20 -6.31
N ILE B 334 -30.45 22.95 -6.14
CA ILE B 334 -29.44 23.29 -7.15
C ILE B 334 -29.50 22.49 -8.46
N SER B 335 -29.91 21.22 -8.39
CA SER B 335 -29.86 20.38 -9.57
C SER B 335 -30.86 19.23 -9.48
N LYS B 336 -31.06 18.49 -10.57
CA LYS B 336 -32.02 17.39 -10.42
C LYS B 336 -31.34 16.25 -9.69
N GLY B 337 -30.04 16.06 -9.87
CA GLY B 337 -29.28 15.08 -9.11
C GLY B 337 -29.57 15.18 -7.63
N GLN B 338 -29.43 16.40 -7.12
CA GLN B 338 -29.73 16.70 -5.73
C GLN B 338 -31.23 16.59 -5.46
N TYR B 339 -32.04 16.93 -6.45
CA TYR B 339 -33.49 16.89 -6.32
C TYR B 339 -33.95 15.46 -6.05
N ASP B 340 -33.43 14.52 -6.84
CA ASP B 340 -33.76 13.11 -6.67
C ASP B 340 -33.42 12.61 -5.26
N LYS B 341 -32.15 12.78 -4.87
CA LYS B 341 -31.79 12.15 -3.61
C LYS B 341 -32.49 12.81 -2.41
N ILE B 342 -32.97 14.03 -2.54
CA ILE B 342 -33.82 14.62 -1.49
C ILE B 342 -35.21 14.00 -1.51
N MET B 343 -35.68 13.67 -2.71
CA MET B 343 -36.94 12.97 -2.84
C MET B 343 -36.84 11.58 -2.25
N LYS B 344 -35.79 10.84 -2.62
CA LYS B 344 -35.48 9.51 -2.09
C LYS B 344 -35.40 9.52 -0.57
N PHE B 345 -34.83 10.59 -0.03
CA PHE B 345 -34.69 10.74 1.41
C PHE B 345 -36.05 10.86 2.09
N ILE B 346 -37.01 11.43 1.36
CA ILE B 346 -38.33 11.67 1.91
C ILE B 346 -39.21 10.43 1.81
N SER B 347 -39.20 9.76 0.67
CA SER B 347 -39.94 8.50 0.55
C SER B 347 -39.39 7.45 1.53
N THR B 348 -38.07 7.31 1.59
CA THR B 348 -37.42 6.38 2.52
C THR B 348 -37.83 6.65 3.97
N ALA B 349 -38.14 7.90 4.26
CA ALA B 349 -38.61 8.26 5.60
C ALA B 349 -40.00 7.68 5.90
N LYS B 350 -40.90 7.78 4.91
CA LYS B 350 -42.26 7.25 4.99
C LYS B 350 -42.25 5.73 5.15
N SER B 351 -41.37 5.09 4.38
CA SER B 351 -41.21 3.65 4.42
C SER B 351 -40.77 3.18 5.81
N GLU B 352 -39.75 3.84 6.37
CA GLU B 352 -39.26 3.52 7.70
C GLU B 352 -40.27 3.93 8.77
N GLY B 353 -41.41 4.47 8.33
CA GLY B 353 -42.51 4.74 9.22
C GLY B 353 -42.56 6.11 9.86
N ALA B 354 -42.00 7.11 9.18
CA ALA B 354 -42.10 8.49 9.65
C ALA B 354 -43.35 9.11 9.05
N THR B 355 -43.85 10.21 9.64
CA THR B 355 -45.01 10.89 9.04
C THR B 355 -44.57 12.27 8.57
N ILE B 356 -44.83 12.52 7.28
CA ILE B 356 -44.67 13.82 6.67
C ILE B 356 -45.82 14.65 7.23
N LEU B 357 -45.54 15.38 8.31
CA LEU B 357 -46.49 16.31 8.89
C LEU B 357 -46.80 17.49 7.95
N TYR B 358 -45.88 17.79 7.03
CA TYR B 358 -46.16 18.75 5.97
C TYR B 358 -45.15 18.66 4.81
N GLY B 359 -45.64 18.93 3.61
CA GLY B 359 -44.80 18.97 2.43
C GLY B 359 -44.49 17.60 1.87
N GLY B 360 -43.22 17.36 1.61
CA GLY B 360 -42.78 16.06 1.12
C GLY B 360 -42.85 15.91 -0.39
N SER B 361 -43.45 16.88 -1.06
CA SER B 361 -43.64 16.80 -2.50
C SER B 361 -43.29 18.09 -3.23
N ARG B 362 -43.40 18.08 -4.55
CA ARG B 362 -43.31 19.18 -5.50
C ARG B 362 -44.26 20.30 -5.06
N PRO B 363 -43.91 21.59 -5.06
CA PRO B 363 -44.90 22.67 -4.87
C PRO B 363 -46.03 22.58 -5.88
N GLU B 364 -47.26 22.77 -5.39
CA GLU B 364 -48.48 22.62 -6.17
C GLU B 364 -48.52 23.54 -7.39
N HIS B 365 -48.12 24.78 -7.15
CA HIS B 365 -48.28 25.82 -8.16
C HIS B 365 -47.04 26.03 -9.02
N LEU B 366 -46.01 25.21 -8.98
CA LEU B 366 -44.91 25.60 -9.87
C LEU B 366 -44.54 24.43 -10.71
N LYS B 367 -45.00 24.32 -11.93
CA LYS B 367 -44.86 23.07 -12.64
C LYS B 367 -43.43 22.53 -12.98
N LYS B 368 -42.47 23.37 -13.32
CA LYS B 368 -41.12 22.91 -13.62
C LYS B 368 -40.07 23.56 -12.69
N GLY B 369 -38.83 23.09 -12.74
CA GLY B 369 -37.81 23.53 -11.81
C GLY B 369 -37.69 22.51 -10.70
N TYR B 370 -36.53 22.46 -10.08
CA TYR B 370 -36.24 21.52 -9.00
C TYR B 370 -36.77 22.02 -7.68
N TYR B 371 -38.06 22.37 -7.63
CA TYR B 371 -38.67 22.92 -6.42
C TYR B 371 -39.20 21.84 -5.47
N ILE B 372 -39.12 22.11 -4.17
CA ILE B 372 -39.58 21.19 -3.12
C ILE B 372 -40.16 22.00 -1.97
N GLU B 373 -41.33 21.60 -1.46
CA GLU B 373 -41.93 22.35 -0.35
C GLU B 373 -41.10 22.17 0.90
N PRO B 374 -41.10 23.19 1.78
CA PRO B 374 -40.45 23.02 3.08
C PRO B 374 -41.11 21.90 3.88
N THR B 375 -40.31 20.89 4.23
CA THR B 375 -40.83 19.64 4.76
C THR B 375 -40.56 19.49 6.25
N ILE B 376 -41.59 19.09 7.00
CA ILE B 376 -41.47 18.83 8.41
C ILE B 376 -41.80 17.36 8.71
N VAL B 377 -40.86 16.66 9.36
CA VAL B 377 -41.03 15.22 9.60
C VAL B 377 -41.01 14.85 11.08
N THR B 378 -42.11 14.27 11.56
CA THR B 378 -42.22 13.83 12.95
C THR B 378 -42.36 12.30 13.00
N ASP B 379 -42.61 11.77 14.19
CA ASP B 379 -42.71 10.33 14.44
C ASP B 379 -41.38 9.67 14.08
N ILE B 380 -40.33 10.15 14.74
CA ILE B 380 -38.96 9.74 14.46
C ILE B 380 -38.41 8.76 15.49
N SER B 381 -37.76 7.71 15.02
CA SER B 381 -36.88 6.92 15.89
C SER B 381 -35.44 7.22 15.47
N THR B 382 -34.55 7.30 16.45
CA THR B 382 -33.17 7.70 16.17
C THR B 382 -32.42 6.76 15.23
N SER B 383 -33.02 5.62 14.89
CA SER B 383 -32.36 4.67 14.00
CA SER B 383 -32.36 4.67 14.00
C SER B 383 -32.73 4.91 12.54
N MET B 384 -33.60 5.91 12.31
CA MET B 384 -34.04 6.19 10.94
C MET B 384 -32.92 6.83 10.14
N GLN B 385 -32.91 6.57 8.83
CA GLN B 385 -31.94 7.18 7.93
C GLN B 385 -31.99 8.70 8.02
N ILE B 386 -33.20 9.25 8.04
CA ILE B 386 -33.39 10.69 7.93
C ILE B 386 -32.90 11.40 9.19
N TRP B 387 -32.72 10.66 10.27
CA TRP B 387 -32.24 11.24 11.52
C TRP B 387 -30.72 11.33 11.55
N LYS B 388 -30.08 10.39 10.87
CA LYS B 388 -28.62 10.29 10.88
C LYS B 388 -27.97 11.12 9.78
N GLU B 389 -28.55 11.11 8.59
CA GLU B 389 -27.87 11.57 7.38
C GLU B 389 -28.20 13.00 6.99
N GLU B 390 -27.22 13.65 6.40
CA GLU B 390 -27.42 14.99 5.88
C GLU B 390 -28.25 14.97 4.61
N VAL B 391 -29.40 15.63 4.62
CA VAL B 391 -30.25 15.66 3.44
C VAL B 391 -29.85 16.77 2.47
N PHE B 392 -29.46 17.93 3.03
CA PHE B 392 -29.01 19.07 2.24
C PHE B 392 -30.18 19.54 1.38
N GLY B 393 -31.34 19.65 2.02
CA GLY B 393 -32.57 20.09 1.38
C GLY B 393 -33.51 20.62 2.44
N PRO B 394 -34.63 21.22 2.03
CA PRO B 394 -35.50 21.90 3.01
C PRO B 394 -36.33 20.96 3.88
N VAL B 395 -35.67 20.05 4.59
CA VAL B 395 -36.37 19.00 5.33
C VAL B 395 -35.95 18.91 6.80
N LEU B 396 -36.89 19.10 7.71
CA LEU B 396 -36.61 19.14 9.14
C LEU B 396 -37.15 17.92 9.89
N CYS B 397 -36.35 17.42 10.84
CA CYS B 397 -36.80 16.37 11.75
C CYS B 397 -37.15 16.97 13.08
N VAL B 398 -38.20 16.46 13.70
CA VAL B 398 -38.60 16.90 15.02
C VAL B 398 -38.65 15.71 15.98
N LYS B 399 -38.22 15.93 17.21
CA LYS B 399 -38.38 14.96 18.28
C LYS B 399 -38.54 15.67 19.61
N THR B 400 -39.21 14.99 20.54
CA THR B 400 -39.45 15.47 21.90
C THR B 400 -38.32 15.07 22.83
N PHE B 401 -38.21 15.77 23.96
CA PHE B 401 -37.41 15.32 25.08
C PHE B 401 -37.97 15.99 26.33
N SER B 402 -37.50 15.57 27.50
CA SER B 402 -38.05 16.14 28.73
C SER B 402 -36.95 16.44 29.74
N SER B 403 -35.88 15.65 29.72
CA SER B 403 -34.79 15.99 30.62
C SER B 403 -33.80 16.88 29.86
N GLU B 404 -33.09 17.70 30.62
CA GLU B 404 -32.00 18.48 30.07
C GLU B 404 -30.87 17.54 29.65
N ASP B 405 -30.64 16.50 30.46
CA ASP B 405 -29.60 15.52 30.16
C ASP B 405 -29.99 14.65 28.96
N GLU B 406 -31.29 14.51 28.73
CA GLU B 406 -31.82 13.77 27.58
C GLU B 406 -31.64 14.55 26.26
N ALA B 407 -31.81 15.86 26.31
CA ALA B 407 -31.63 16.68 25.13
C ALA B 407 -30.16 16.69 24.73
N ILE B 408 -29.30 16.94 25.70
CA ILE B 408 -27.86 16.85 25.54
C ILE B 408 -27.42 15.58 24.81
N ALA B 409 -27.96 14.43 25.23
CA ALA B 409 -27.57 13.15 24.69
C ALA B 409 -28.08 12.96 23.27
N LEU B 410 -29.30 13.43 23.02
CA LEU B 410 -29.90 13.34 21.70
C LEU B 410 -29.20 14.29 20.72
N ALA B 411 -28.87 15.47 21.21
CA ALA B 411 -28.17 16.46 20.40
C ALA B 411 -26.80 15.93 19.98
N ASN B 412 -26.07 15.34 20.92
CA ASN B 412 -24.73 14.80 20.66
C ASN B 412 -24.74 13.42 20.02
N ASP B 413 -25.93 12.82 19.90
CA ASP B 413 -26.03 11.50 19.28
C ASP B 413 -25.92 11.57 17.76
N THR B 414 -24.77 12.04 17.29
N THR B 414 -24.78 12.08 17.31
CA THR B 414 -24.46 12.05 15.87
CA THR B 414 -24.44 12.12 15.88
C THR B 414 -22.96 11.98 15.70
C THR B 414 -22.95 11.92 15.74
N GLU B 415 -22.51 11.40 14.59
CA GLU B 415 -21.09 11.32 14.33
C GLU B 415 -20.58 12.68 13.83
N TYR B 416 -21.51 13.56 13.43
CA TYR B 416 -21.17 14.91 13.01
C TYR B 416 -20.92 15.81 14.20
N GLY B 417 -20.52 17.05 13.95
CA GLY B 417 -20.29 18.00 15.01
C GLY B 417 -19.90 19.37 14.51
N LEU B 418 -20.66 19.89 13.54
CA LEU B 418 -20.40 21.18 12.97
C LEU B 418 -20.93 22.30 13.87
N ALA B 419 -22.25 22.43 13.98
CA ALA B 419 -22.85 23.49 14.79
C ALA B 419 -24.07 23.00 15.58
N ALA B 420 -24.68 23.94 16.30
CA ALA B 420 -25.85 23.65 17.13
C ALA B 420 -26.49 24.95 17.61
N ALA B 421 -27.80 24.91 17.78
CA ALA B 421 -28.53 26.05 18.32
C ALA B 421 -29.27 25.65 19.60
N VAL B 422 -29.20 26.49 20.64
CA VAL B 422 -29.95 26.22 21.85
C VAL B 422 -30.81 27.43 22.21
N PHE B 423 -32.09 27.19 22.50
CA PHE B 423 -33.01 28.25 22.85
C PHE B 423 -33.55 28.09 24.28
N SER B 424 -33.44 29.15 25.08
CA SER B 424 -33.97 29.15 26.45
C SER B 424 -33.74 30.54 27.06
N ASN B 425 -34.81 31.09 27.65
CA ASN B 425 -34.74 32.38 28.32
C ASN B 425 -33.72 32.36 29.46
N ASP B 426 -33.61 31.21 30.12
CA ASP B 426 -32.62 31.05 31.19
C ASP B 426 -31.24 30.90 30.58
N LEU B 427 -30.38 31.89 30.83
CA LEU B 427 -29.08 31.94 30.19
C LEU B 427 -28.07 31.03 30.87
N GLU B 428 -28.32 30.72 32.14
CA GLU B 428 -27.52 29.72 32.85
C GLU B 428 -27.63 28.39 32.12
N ARG B 429 -28.86 28.02 31.77
CA ARG B 429 -29.13 26.77 31.09
C ARG B 429 -28.55 26.79 29.68
N CYS B 430 -28.58 27.96 29.05
CA CYS B 430 -27.93 28.16 27.76
C CYS B 430 -26.44 27.86 27.88
N GLU B 431 -25.80 28.41 28.91
CA GLU B 431 -24.38 28.19 29.12
C GLU B 431 -24.07 26.70 29.29
N ARG B 432 -24.80 26.02 30.19
CA ARG B 432 -24.57 24.61 30.44
C ARG B 432 -24.67 23.78 29.17
N ILE B 433 -25.68 24.07 28.35
CA ILE B 433 -25.89 23.29 27.14
C ILE B 433 -24.78 23.56 26.09
N THR B 434 -24.41 24.83 25.94
CA THR B 434 -23.44 25.18 24.89
C THR B 434 -22.09 24.51 25.17
N LYS B 435 -21.75 24.39 26.46
CA LYS B 435 -20.52 23.67 26.85
C LYS B 435 -20.58 22.17 26.58
N ALA B 436 -21.76 21.57 26.69
CA ALA B 436 -21.89 20.13 26.58
C ALA B 436 -22.00 19.64 25.13
N LEU B 437 -22.31 20.57 24.23
CA LEU B 437 -22.53 20.20 22.83
C LEU B 437 -21.19 19.92 22.15
N GLU B 438 -21.07 18.74 21.55
CA GLU B 438 -19.86 18.32 20.86
C GLU B 438 -19.84 18.90 19.45
N VAL B 439 -19.49 20.17 19.39
CA VAL B 439 -19.73 20.90 18.18
C VAL B 439 -18.79 22.09 18.12
N GLY B 440 -18.60 22.60 16.91
CA GLY B 440 -17.61 23.63 16.65
C GLY B 440 -18.15 25.04 16.83
N ALA B 441 -19.47 25.19 16.76
CA ALA B 441 -20.13 26.49 16.88
C ALA B 441 -21.52 26.34 17.51
N VAL B 442 -21.80 27.10 18.55
CA VAL B 442 -23.12 27.10 19.15
C VAL B 442 -23.79 28.46 18.98
N TRP B 443 -24.99 28.48 18.44
CA TRP B 443 -25.83 29.67 18.47
C TRP B 443 -26.76 29.62 19.66
N VAL B 444 -26.85 30.75 20.35
CA VAL B 444 -27.70 30.88 21.53
C VAL B 444 -28.86 31.83 21.26
N ASN B 445 -30.06 31.27 21.28
CA ASN B 445 -31.30 32.00 20.99
C ASN B 445 -31.33 32.61 19.58
N CYS B 446 -30.66 31.94 18.66
CA CYS B 446 -30.74 32.24 17.24
C CYS B 446 -30.24 31.00 16.53
N SER B 447 -30.18 31.03 15.20
CA SER B 447 -29.60 29.92 14.45
C SER B 447 -29.14 30.43 13.08
N GLN B 448 -27.86 30.24 12.81
CA GLN B 448 -27.23 30.47 11.53
C GLN B 448 -26.45 31.78 11.32
N PRO B 449 -26.53 32.75 12.18
N PRO B 449 -26.27 32.75 12.21
CA PRO B 449 -25.69 33.91 11.82
CA PRO B 449 -25.61 34.00 11.86
C PRO B 449 -24.12 33.66 11.84
C PRO B 449 -24.09 33.87 11.86
N CYS B 450 -23.47 33.81 10.69
N CYS B 450 -23.50 33.76 10.67
CA CYS B 450 -22.02 33.59 10.59
CA CYS B 450 -22.06 33.63 10.57
C CYS B 450 -21.27 34.88 10.25
C CYS B 450 -21.44 34.98 10.29
N PHE B 451 -20.57 35.45 11.23
N PHE B 451 -20.74 35.50 11.27
CA PHE B 451 -19.85 36.68 11.01
CA PHE B 451 -19.94 36.70 11.05
C PHE B 451 -18.41 36.36 10.68
C PHE B 451 -18.50 36.34 10.72
N VAL B 452 -17.84 37.07 9.72
CA VAL B 452 -16.45 36.85 9.34
C VAL B 452 -15.52 37.08 10.54
N GLN B 453 -16.01 37.76 11.57
CA GLN B 453 -15.20 38.08 12.76
C GLN B 453 -14.83 36.90 13.63
N ALA B 454 -15.55 35.79 13.48
CA ALA B 454 -15.53 34.70 14.47
C ALA B 454 -15.02 33.40 13.85
N PRO B 455 -14.33 32.56 14.64
CA PRO B 455 -13.76 31.33 14.05
C PRO B 455 -14.84 30.31 13.71
N TRP B 456 -14.68 29.65 12.58
CA TRP B 456 -15.71 28.75 12.05
C TRP B 456 -15.12 27.42 11.64
N GLY B 457 -15.79 26.33 12.00
CA GLY B 457 -15.36 24.99 11.63
C GLY B 457 -15.94 23.95 12.57
N GLY B 458 -15.77 22.67 12.27
CA GLY B 458 -16.42 21.68 13.11
C GLY B 458 -15.45 20.75 13.84
N ILE B 459 -16.01 19.76 14.55
CA ILE B 459 -15.23 18.67 15.10
C ILE B 459 -15.87 17.36 14.61
N LYS B 460 -15.32 16.22 15.03
CA LYS B 460 -15.88 14.91 14.66
C LYS B 460 -15.91 14.68 13.14
N ARG B 461 -17.02 14.13 12.65
N ARG B 461 -17.00 14.12 12.62
CA ARG B 461 -17.16 13.78 11.23
CA ARG B 461 -17.04 13.80 11.20
C ARG B 461 -17.31 15.04 10.37
C ARG B 461 -17.39 15.03 10.36
N SER B 462 -17.57 16.17 11.02
CA SER B 462 -17.76 17.44 10.31
C SER B 462 -16.42 18.08 9.95
N GLY B 463 -15.33 17.41 10.28
CA GLY B 463 -14.02 17.89 9.87
C GLY B 463 -13.20 18.55 10.97
N PHE B 464 -12.26 19.40 10.55
CA PHE B 464 -11.37 20.08 11.49
C PHE B 464 -10.74 21.34 10.87
N GLY B 465 -10.19 22.17 11.73
CA GLY B 465 -9.65 23.43 11.26
C GLY B 465 -10.65 24.51 11.53
N ARG B 466 -10.14 25.70 11.74
CA ARG B 466 -10.98 26.88 11.93
C ARG B 466 -10.66 27.88 10.84
N GLU B 467 -11.71 28.31 10.13
CA GLU B 467 -11.59 29.37 9.16
C GLU B 467 -12.15 30.65 9.76
N LEU B 468 -12.01 31.73 9.00
CA LEU B 468 -12.51 33.06 9.36
C LEU B 468 -11.93 33.58 10.67
N GLY B 469 -12.35 34.80 11.02
CA GLY B 469 -11.89 35.48 12.21
C GLY B 469 -10.37 35.59 12.27
N GLU B 470 -9.82 35.56 13.48
CA GLU B 470 -8.38 35.68 13.67
C GLU B 470 -7.70 34.33 13.48
N TRP B 471 -8.49 33.31 13.16
CA TRP B 471 -7.97 32.00 12.78
C TRP B 471 -7.77 31.87 11.27
N GLY B 472 -8.45 32.68 10.48
CA GLY B 472 -8.49 32.50 9.04
C GLY B 472 -7.13 32.42 8.36
N ILE B 473 -6.31 33.44 8.59
CA ILE B 473 -4.99 33.55 7.96
C ILE B 473 -4.01 32.43 8.29
N GLN B 474 -4.03 31.96 9.52
CA GLN B 474 -2.98 31.06 10.02
C GLN B 474 -3.02 29.68 9.33
N ASN B 475 -4.11 29.38 8.63
CA ASN B 475 -4.24 28.14 7.83
C ASN B 475 -3.30 28.18 6.64
N TYR B 476 -2.86 29.38 6.31
CA TYR B 476 -2.09 29.57 5.08
C TYR B 476 -0.68 30.01 5.34
N LEU B 477 -0.24 29.82 6.59
CA LEU B 477 1.04 30.31 7.06
C LEU B 477 2.04 29.21 7.43
N ASN B 478 3.30 29.48 7.17
CA ASN B 478 4.43 28.75 7.76
C ASN B 478 4.89 29.53 8.99
N ILE B 479 4.57 29.01 10.17
CA ILE B 479 5.12 29.59 11.40
C ILE B 479 6.57 29.20 11.50
N LYS B 480 7.47 30.16 11.29
CA LYS B 480 8.89 29.85 11.24
C LYS B 480 9.62 30.31 12.50
N GLN B 481 10.17 29.34 13.22
CA GLN B 481 11.02 29.63 14.36
C GLN B 481 12.39 30.09 13.89
N VAL B 482 12.87 31.19 14.46
CA VAL B 482 14.21 31.63 14.14
C VAL B 482 14.93 31.87 15.46
N THR B 483 15.92 31.04 15.77
CA THR B 483 16.61 31.15 17.03
C THR B 483 18.13 31.31 16.80
N GLN B 484 18.68 32.40 17.34
CA GLN B 484 20.03 32.84 17.01
C GLN B 484 20.96 32.80 18.21
N ASP B 485 22.18 32.31 17.98
CA ASP B 485 23.25 32.30 18.96
C ASP B 485 23.96 33.67 18.93
N ILE B 486 23.76 34.47 19.97
CA ILE B 486 24.41 35.79 20.00
C ILE B 486 25.60 35.82 20.96
N SER B 487 26.19 34.67 21.24
CA SER B 487 27.31 34.63 22.19
C SER B 487 28.66 34.78 21.50
N ASP B 488 28.78 34.20 20.31
CA ASP B 488 30.05 34.10 19.59
C ASP B 488 31.09 33.38 20.45
N GLU B 489 30.59 32.57 21.38
CA GLU B 489 31.43 31.74 22.24
C GLU B 489 31.31 30.30 21.77
N PRO B 490 32.31 29.48 22.11
CA PRO B 490 32.19 28.06 21.74
C PRO B 490 31.00 27.39 22.42
N TRP B 491 30.33 26.50 21.70
CA TRP B 491 29.24 25.72 22.27
C TRP B 491 29.77 24.92 23.46
N GLY B 492 30.91 24.27 23.25
CA GLY B 492 31.61 23.61 24.35
C GLY B 492 31.10 22.24 24.69
N TRP B 493 30.55 21.55 23.70
CA TRP B 493 30.05 20.19 23.92
C TRP B 493 31.16 19.16 23.75
N TYR B 494 31.75 19.15 22.57
CA TYR B 494 32.79 18.20 22.22
C TYR B 494 34.15 18.69 22.72
N LYS B 495 35.19 17.93 22.46
CA LYS B 495 36.51 18.35 22.85
C LYS B 495 37.36 18.87 21.74
N SER B 496 37.81 20.11 21.96
CA SER B 496 38.69 20.88 21.10
C SER B 496 39.91 20.06 20.74
N PRO B 497 40.23 19.86 19.46
CA PRO B 497 41.45 19.14 19.08
C PRO B 497 42.70 20.00 19.24
N PHE C 3 -23.13 -10.44 -44.34
CA PHE C 3 -21.70 -10.63 -44.57
C PHE C 3 -21.29 -12.00 -44.02
N PRO C 4 -20.61 -12.78 -44.86
CA PRO C 4 -20.24 -14.16 -44.51
C PRO C 4 -19.09 -14.26 -43.51
N ILE C 5 -18.34 -15.36 -43.58
CA ILE C 5 -17.26 -15.61 -42.65
C ILE C 5 -15.98 -15.89 -43.44
N PRO C 6 -14.84 -15.36 -42.98
CA PRO C 6 -13.58 -15.61 -43.68
C PRO C 6 -13.17 -17.07 -43.60
N ALA C 7 -12.42 -17.53 -44.60
CA ALA C 7 -11.94 -18.90 -44.61
C ALA C 7 -10.43 -18.90 -44.59
N ARG C 8 -9.85 -19.14 -43.41
CA ARG C 8 -8.41 -19.02 -43.25
C ARG C 8 -7.71 -20.37 -43.14
N GLN C 9 -6.38 -20.32 -43.22
CA GLN C 9 -5.55 -21.45 -42.87
C GLN C 9 -4.93 -21.15 -41.51
N LEU C 10 -4.00 -22.00 -41.09
CA LEU C 10 -3.20 -21.76 -39.89
C LEU C 10 -2.30 -20.54 -40.09
N PHE C 11 -2.00 -19.84 -39.00
CA PHE C 11 -1.07 -18.74 -39.07
C PHE C 11 0.27 -19.19 -38.47
N ILE C 12 1.23 -19.48 -39.32
CA ILE C 12 2.54 -19.96 -38.88
C ILE C 12 3.66 -19.24 -39.61
N ASP C 13 4.57 -18.65 -38.85
CA ASP C 13 5.72 -17.92 -39.39
C ASP C 13 5.33 -16.82 -40.37
N GLY C 14 4.37 -15.98 -39.96
CA GLY C 14 3.93 -14.86 -40.77
C GLY C 14 3.03 -15.20 -41.95
N GLU C 15 2.92 -16.49 -42.29
CA GLU C 15 2.17 -16.90 -43.48
C GLU C 15 1.06 -17.90 -43.21
N TRP C 16 0.06 -17.91 -44.08
CA TRP C 16 -1.08 -18.82 -43.99
C TRP C 16 -0.72 -20.21 -44.51
N ARG C 17 -0.87 -21.21 -43.65
CA ARG C 17 -0.45 -22.57 -43.98
C ARG C 17 -1.58 -23.59 -43.82
N GLU C 18 -1.77 -24.43 -44.83
CA GLU C 18 -2.76 -25.47 -44.65
C GLU C 18 -2.20 -26.52 -43.70
N PRO C 19 -3.09 -27.02 -42.83
CA PRO C 19 -2.72 -28.10 -41.90
C PRO C 19 -2.07 -29.26 -42.66
N ILE C 20 -0.94 -29.75 -42.16
CA ILE C 20 -0.18 -30.79 -42.86
C ILE C 20 -1.07 -31.98 -43.30
N LYS C 21 -2.05 -32.32 -42.47
CA LYS C 21 -2.96 -33.39 -42.87
C LYS C 21 -4.33 -32.87 -43.31
N LYS C 22 -4.39 -31.57 -43.57
CA LYS C 22 -5.50 -30.94 -44.29
C LYS C 22 -6.91 -31.21 -43.76
N ASN C 23 -7.03 -31.43 -42.45
CA ASN C 23 -8.36 -31.50 -41.83
C ASN C 23 -8.91 -30.11 -41.51
N ARG C 24 -10.22 -29.95 -41.63
CA ARG C 24 -10.94 -28.74 -41.27
C ARG C 24 -12.26 -29.14 -40.65
N ILE C 25 -12.74 -28.34 -39.71
N ILE C 25 -12.95 -28.30 -39.92
CA ILE C 25 -13.97 -28.66 -39.00
CA ILE C 25 -13.97 -28.69 -39.02
C ILE C 25 -14.90 -27.47 -39.13
C ILE C 25 -14.92 -27.52 -39.18
N PRO C 26 -16.23 -27.70 -38.99
CA PRO C 26 -17.24 -26.64 -39.10
C PRO C 26 -17.12 -25.47 -38.11
N VAL C 27 -17.65 -24.33 -38.51
CA VAL C 27 -18.03 -23.32 -37.56
C VAL C 27 -19.53 -23.09 -37.78
N ILE C 28 -20.27 -23.07 -36.68
CA ILE C 28 -21.74 -23.01 -36.70
C ILE C 28 -22.22 -21.75 -36.00
N ASN C 29 -23.19 -21.06 -36.59
CA ASN C 29 -23.84 -19.94 -35.94
C ASN C 29 -24.78 -20.45 -34.83
N PRO C 30 -24.44 -20.13 -33.57
CA PRO C 30 -25.21 -20.55 -32.39
C PRO C 30 -26.67 -20.13 -32.46
N SER C 31 -26.95 -18.95 -33.02
CA SER C 31 -28.31 -18.43 -33.06
C SER C 31 -29.20 -19.22 -34.01
N THR C 32 -28.62 -19.73 -35.08
CA THR C 32 -29.41 -20.33 -36.15
C THR C 32 -29.09 -21.82 -36.37
N GLU C 33 -28.02 -22.29 -35.75
CA GLU C 33 -27.57 -23.68 -35.91
C GLU C 33 -27.14 -24.00 -37.33
N GLU C 34 -26.77 -22.97 -38.10
CA GLU C 34 -26.38 -22.95 -39.51
C GLU C 34 -24.87 -23.10 -39.73
N ILE C 35 -24.35 -24.06 -40.49
CA ILE C 35 -22.95 -24.08 -40.86
C ILE C 35 -22.65 -22.82 -41.68
N ILE C 36 -21.93 -21.89 -41.07
CA ILE C 36 -21.62 -20.62 -41.73
C ILE C 36 -20.18 -20.59 -42.20
N GLY C 37 -19.42 -21.61 -41.82
CA GLY C 37 -18.00 -21.61 -42.12
C GLY C 37 -17.25 -22.89 -41.84
N ASP C 38 -15.96 -22.72 -41.68
CA ASP C 38 -15.00 -23.77 -41.90
C ASP C 38 -13.68 -23.28 -41.28
N ILE C 39 -13.10 -24.04 -40.35
CA ILE C 39 -11.79 -23.66 -39.80
C ILE C 39 -10.84 -24.86 -39.77
N PRO C 40 -9.53 -24.60 -39.90
CA PRO C 40 -8.51 -25.65 -39.92
C PRO C 40 -8.37 -26.38 -38.59
N ALA C 41 -8.05 -27.67 -38.67
CA ALA C 41 -7.96 -28.53 -37.49
C ALA C 41 -6.53 -29.00 -37.28
N ALA C 42 -5.73 -28.23 -36.55
CA ALA C 42 -4.30 -28.49 -36.54
C ALA C 42 -3.98 -29.82 -35.89
N THR C 43 -2.82 -30.35 -36.24
CA THR C 43 -2.39 -31.63 -35.72
C THR C 43 -1.02 -31.45 -35.04
N ALA C 44 -0.53 -32.51 -34.37
CA ALA C 44 0.77 -32.48 -33.70
C ALA C 44 1.87 -32.11 -34.69
N GLU C 45 1.69 -32.52 -35.96
CA GLU C 45 2.62 -32.16 -37.04
C GLU C 45 2.67 -30.64 -37.24
N ASP C 46 1.50 -30.00 -37.22
CA ASP C 46 1.38 -28.54 -37.33
C ASP C 46 2.02 -27.80 -36.15
N VAL C 47 1.78 -28.32 -34.95
CA VAL C 47 2.36 -27.72 -33.76
C VAL C 47 3.88 -27.72 -33.90
N GLU C 48 4.43 -28.86 -34.30
CA GLU C 48 5.87 -29.00 -34.54
C GLU C 48 6.45 -27.89 -35.41
N VAL C 49 5.77 -27.50 -36.47
CA VAL C 49 6.37 -26.48 -37.35
C VAL C 49 6.21 -25.09 -36.71
N ALA C 50 5.09 -24.85 -36.04
CA ALA C 50 4.85 -23.55 -35.42
C ALA C 50 5.74 -23.27 -34.20
N VAL C 51 6.11 -24.32 -33.47
CA VAL C 51 7.01 -24.11 -32.34
C VAL C 51 8.44 -23.92 -32.87
N VAL C 52 8.80 -24.66 -33.91
CA VAL C 52 10.09 -24.47 -34.56
C VAL C 52 10.17 -23.03 -35.06
N ALA C 53 9.06 -22.54 -35.63
CA ALA C 53 9.00 -21.18 -36.17
C ALA C 53 9.09 -20.13 -35.06
N ALA C 54 8.25 -20.32 -34.04
CA ALA C 54 8.31 -19.52 -32.81
C ALA C 54 9.74 -19.51 -32.25
N ARG C 55 10.34 -20.69 -32.08
CA ARG C 55 11.69 -20.78 -31.51
C ARG C 55 12.74 -20.08 -32.38
N ARG C 56 12.62 -20.23 -33.69
CA ARG C 56 13.49 -19.50 -34.62
C ARG C 56 13.35 -17.99 -34.43
N ALA C 57 12.11 -17.53 -34.32
CA ALA C 57 11.85 -16.11 -34.19
C ALA C 57 12.34 -15.54 -32.85
N PHE C 58 12.36 -16.39 -31.82
CA PHE C 58 12.88 -15.97 -30.51
C PHE C 58 14.40 -15.78 -30.52
N ARG C 59 15.12 -16.61 -31.27
CA ARG C 59 16.58 -16.54 -31.33
C ARG C 59 17.15 -15.37 -32.12
N ARG C 60 16.31 -14.59 -32.76
N ARG C 60 16.31 -14.59 -32.78
CA ARG C 60 16.78 -13.45 -33.55
CA ARG C 60 16.76 -13.48 -33.61
C ARG C 60 17.36 -12.37 -32.67
C ARG C 60 17.01 -12.23 -32.74
N ASN C 61 17.73 -11.25 -33.30
CA ASN C 61 18.00 -9.99 -32.60
C ASN C 61 16.74 -9.14 -32.60
N ASN C 62 15.79 -9.60 -33.40
CA ASN C 62 14.57 -8.88 -33.81
C ASN C 62 13.51 -8.59 -32.74
N TRP C 63 13.32 -9.52 -31.82
CA TRP C 63 12.20 -9.40 -30.87
C TRP C 63 12.60 -9.55 -29.40
N SER C 64 13.22 -10.67 -29.06
CA SER C 64 13.46 -10.99 -27.66
C SER C 64 14.58 -10.15 -27.02
N ALA C 65 15.57 -9.77 -27.82
CA ALA C 65 16.70 -9.00 -27.29
C ALA C 65 16.49 -7.48 -27.38
N THR C 66 15.45 -7.04 -28.08
N THR C 66 15.43 -7.07 -28.07
CA THR C 66 15.19 -5.61 -28.19
CA THR C 66 15.08 -5.65 -28.19
C THR C 66 14.63 -5.06 -26.89
C THR C 66 14.67 -5.05 -26.86
N SER C 67 14.41 -3.75 -26.86
CA SER C 67 13.86 -3.07 -25.69
C SER C 67 12.35 -3.31 -25.57
N GLY C 68 11.78 -2.93 -24.42
CA GLY C 68 10.34 -2.97 -24.24
C GLY C 68 9.66 -1.89 -25.05
N ALA C 69 10.19 -0.67 -24.99
CA ALA C 69 9.68 0.46 -25.75
C ALA C 69 9.57 0.11 -27.22
N HIS C 70 10.57 -0.58 -27.75
CA HIS C 70 10.52 -1.03 -29.13
C HIS C 70 9.39 -2.04 -29.34
N ARG C 71 9.25 -2.99 -28.41
CA ARG C 71 8.16 -3.96 -28.51
C ARG C 71 6.83 -3.25 -28.32
N ALA C 72 6.84 -2.18 -27.54
CA ALA C 72 5.61 -1.44 -27.25
C ALA C 72 4.95 -0.88 -28.52
N THR C 73 5.76 -0.33 -29.41
CA THR C 73 5.25 0.30 -30.61
C THR C 73 4.45 -0.68 -31.45
N TYR C 74 4.91 -1.92 -31.48
CA TYR C 74 4.14 -2.99 -32.10
C TYR C 74 2.79 -3.22 -31.39
N LEU C 75 2.78 -3.16 -30.07
CA LEU C 75 1.55 -3.40 -29.32
C LEU C 75 0.55 -2.29 -29.62
N ARG C 76 1.03 -1.05 -29.60
CA ARG C 76 0.20 0.10 -29.93
C ARG C 76 -0.27 0.03 -31.39
N ALA C 77 0.63 -0.35 -32.29
CA ALA C 77 0.22 -0.61 -33.66
C ALA C 77 -0.91 -1.65 -33.66
N ILE C 78 -0.78 -2.68 -32.83
CA ILE C 78 -1.83 -3.70 -32.72
C ILE C 78 -3.12 -3.12 -32.14
N ALA C 79 -3.03 -2.35 -31.06
CA ALA C 79 -4.20 -1.71 -30.49
C ALA C 79 -4.87 -0.82 -31.54
N ALA C 80 -4.07 -0.02 -32.23
CA ALA C 80 -4.57 0.90 -33.24
C ALA C 80 -5.40 0.17 -34.28
N LYS C 81 -4.88 -0.94 -34.79
CA LYS C 81 -5.51 -1.62 -35.89
C LYS C 81 -6.79 -2.33 -35.46
N ILE C 82 -6.88 -2.69 -34.18
CA ILE C 82 -8.10 -3.32 -33.67
C ILE C 82 -9.23 -2.31 -33.58
N THR C 83 -8.96 -1.10 -33.05
CA THR C 83 -10.00 -0.08 -33.01
C THR C 83 -10.39 0.33 -34.44
N GLU C 84 -9.41 0.39 -35.33
CA GLU C 84 -9.66 0.74 -36.73
C GLU C 84 -10.60 -0.25 -37.43
N LYS C 85 -10.42 -1.54 -37.14
CA LYS C 85 -11.26 -2.56 -37.77
C LYS C 85 -12.28 -3.16 -36.80
N LYS C 86 -12.70 -2.39 -35.80
CA LYS C 86 -13.52 -2.95 -34.69
C LYS C 86 -14.89 -3.44 -35.13
N ASP C 87 -15.46 -2.80 -36.15
CA ASP C 87 -16.77 -3.21 -36.65
C ASP C 87 -16.68 -4.56 -37.36
N HIS C 88 -15.53 -4.84 -37.94
CA HIS C 88 -15.28 -6.14 -38.57
C HIS C 88 -15.14 -7.23 -37.49
N PHE C 89 -14.54 -6.85 -36.35
CA PHE C 89 -14.29 -7.79 -35.25
C PHE C 89 -15.50 -7.99 -34.33
N VAL C 90 -16.25 -6.93 -34.03
CA VAL C 90 -17.47 -7.11 -33.22
C VAL C 90 -18.50 -7.97 -33.98
N LYS C 91 -18.55 -7.82 -35.30
CA LYS C 91 -19.48 -8.54 -36.16
C LYS C 91 -19.14 -10.02 -36.18
N LEU C 92 -17.86 -10.32 -36.32
CA LEU C 92 -17.37 -11.69 -36.36
C LEU C 92 -17.51 -12.35 -35.00
N GLU C 93 -17.30 -11.59 -33.94
CA GLU C 93 -17.31 -12.17 -32.60
C GLU C 93 -18.73 -12.53 -32.23
N THR C 94 -19.65 -11.66 -32.63
CA THR C 94 -21.06 -11.82 -32.35
C THR C 94 -21.60 -13.09 -33.01
N ILE C 95 -21.35 -13.22 -34.30
CA ILE C 95 -21.84 -14.37 -35.04
C ILE C 95 -21.17 -15.68 -34.58
N ASP C 96 -19.88 -15.63 -34.24
CA ASP C 96 -19.16 -16.85 -33.85
C ASP C 96 -19.51 -17.29 -32.42
N SER C 97 -19.54 -16.32 -31.50
CA SER C 97 -19.68 -16.60 -30.06
C SER C 97 -21.11 -16.61 -29.57
N GLY C 98 -21.99 -15.94 -30.31
CA GLY C 98 -23.39 -15.87 -29.93
C GLY C 98 -23.70 -14.88 -28.82
N LYS C 99 -22.68 -14.16 -28.36
CA LYS C 99 -22.95 -13.18 -27.31
C LYS C 99 -23.58 -11.93 -27.95
N PRO C 100 -24.44 -11.23 -27.18
CA PRO C 100 -25.17 -10.03 -27.64
C PRO C 100 -24.21 -9.03 -28.24
N PHE C 101 -24.58 -8.44 -29.38
CA PHE C 101 -23.78 -7.42 -30.06
C PHE C 101 -23.20 -6.36 -29.11
N ASP C 102 -24.00 -5.92 -28.14
CA ASP C 102 -23.58 -4.87 -27.21
C ASP C 102 -22.48 -5.33 -26.27
N GLU C 103 -22.48 -6.62 -25.96
CA GLU C 103 -21.40 -7.21 -25.19
C GLU C 103 -20.15 -7.30 -26.08
N ALA C 104 -20.33 -7.81 -27.31
CA ALA C 104 -19.23 -7.98 -28.25
C ALA C 104 -18.46 -6.70 -28.56
N VAL C 105 -19.13 -5.55 -28.54
CA VAL C 105 -18.40 -4.32 -28.80
C VAL C 105 -17.48 -3.98 -27.61
N LEU C 106 -17.87 -4.30 -26.37
CA LEU C 106 -17.03 -4.07 -25.20
C LEU C 106 -15.75 -4.89 -25.23
N ASP C 107 -15.94 -6.16 -25.60
CA ASP C 107 -14.85 -7.13 -25.72
C ASP C 107 -13.76 -6.59 -26.65
N ILE C 108 -14.18 -6.13 -27.82
CA ILE C 108 -13.25 -5.64 -28.83
C ILE C 108 -12.63 -4.33 -28.37
N ASP C 109 -13.39 -3.52 -27.64
CA ASP C 109 -12.80 -2.34 -26.98
C ASP C 109 -11.70 -2.80 -26.04
N ASP C 110 -12.06 -3.74 -25.17
CA ASP C 110 -11.11 -4.22 -24.17
C ASP C 110 -9.90 -4.84 -24.83
N VAL C 111 -10.09 -5.48 -25.98
CA VAL C 111 -8.94 -6.01 -26.72
C VAL C 111 -7.93 -4.90 -27.01
N ALA C 112 -8.41 -3.80 -27.55
CA ALA C 112 -7.57 -2.63 -27.84
C ALA C 112 -6.94 -2.06 -26.58
N SER C 113 -7.78 -1.82 -25.57
CA SER C 113 -7.32 -1.29 -24.29
C SER C 113 -6.29 -2.22 -23.62
N CYS C 114 -6.46 -3.52 -23.80
CA CYS C 114 -5.52 -4.47 -23.21
C CYS C 114 -4.15 -4.31 -23.85
N PHE C 115 -4.09 -4.26 -25.18
CA PHE C 115 -2.81 -4.15 -25.84
C PHE C 115 -2.13 -2.82 -25.51
N GLU C 116 -2.92 -1.78 -25.26
CA GLU C 116 -2.35 -0.49 -24.88
C GLU C 116 -1.66 -0.60 -23.54
N TYR C 117 -2.36 -1.12 -22.55
CA TYR C 117 -1.84 -1.27 -21.19
C TYR C 117 -0.49 -1.98 -21.18
N PHE C 118 -0.37 -3.05 -21.96
CA PHE C 118 0.87 -3.82 -21.96
C PHE C 118 1.95 -3.22 -22.85
N ALA C 119 1.55 -2.31 -23.73
CA ALA C 119 2.55 -1.43 -24.35
C ALA C 119 3.26 -0.67 -23.22
N GLY C 120 2.44 -0.08 -22.34
CA GLY C 120 2.96 0.72 -21.23
C GLY C 120 3.77 -0.10 -20.24
N GLN C 121 3.39 -1.35 -20.03
CA GLN C 121 4.11 -2.17 -19.05
C GLN C 121 5.43 -2.61 -19.64
N ALA C 122 5.43 -2.85 -20.97
CA ALA C 122 6.67 -3.12 -21.71
C ALA C 122 7.67 -1.99 -21.51
N GLU C 123 7.20 -0.76 -21.69
CA GLU C 123 8.06 0.43 -21.48
C GLU C 123 8.58 0.48 -20.06
N ALA C 124 7.68 0.28 -19.11
CA ALA C 124 8.04 0.20 -17.70
C ALA C 124 9.13 -0.83 -17.46
N LEU C 125 9.07 -1.91 -18.22
CA LEU C 125 10.03 -3.00 -18.07
C LEU C 125 11.48 -2.56 -18.27
N ASP C 126 11.71 -1.61 -19.17
CA ASP C 126 13.09 -1.22 -19.52
C ASP C 126 13.83 -0.62 -18.34
N GLY C 127 13.11 0.10 -17.48
CA GLY C 127 13.70 0.76 -16.33
C GLY C 127 13.91 -0.14 -15.13
N LYS C 128 13.39 -1.35 -15.20
CA LYS C 128 13.56 -2.31 -14.11
C LYS C 128 14.83 -3.17 -14.28
N GLN C 129 15.47 -3.06 -15.43
CA GLN C 129 16.57 -3.98 -15.74
C GLN C 129 17.79 -3.60 -14.92
N LYS C 130 18.58 -4.60 -14.56
CA LYS C 130 19.77 -4.41 -13.73
C LYS C 130 19.44 -3.75 -12.38
N ALA C 131 18.21 -3.92 -11.91
CA ALA C 131 17.83 -3.45 -10.58
C ALA C 131 18.79 -4.00 -9.54
N PRO C 132 19.48 -3.10 -8.82
CA PRO C 132 20.55 -3.54 -7.91
C PRO C 132 20.04 -4.28 -6.70
N VAL C 133 20.77 -5.29 -6.25
CA VAL C 133 20.48 -6.02 -5.02
C VAL C 133 21.69 -5.86 -4.10
N THR C 134 21.48 -5.22 -2.96
CA THR C 134 22.57 -5.00 -2.00
C THR C 134 22.97 -6.28 -1.27
N LEU C 135 24.28 -6.54 -1.20
CA LEU C 135 24.79 -7.73 -0.54
C LEU C 135 25.64 -7.39 0.68
N PRO C 136 25.79 -8.35 1.60
CA PRO C 136 26.63 -8.20 2.80
C PRO C 136 28.09 -7.90 2.49
N MET C 137 28.77 -8.77 1.75
CA MET C 137 30.20 -8.60 1.46
C MET C 137 30.47 -7.55 0.38
N GLU C 138 31.46 -6.70 0.63
CA GLU C 138 31.82 -5.64 -0.31
C GLU C 138 32.42 -6.27 -1.57
N ARG C 139 32.89 -7.50 -1.43
CA ARG C 139 33.53 -8.24 -2.51
C ARG C 139 32.61 -8.52 -3.70
N PHE C 140 31.31 -8.68 -3.43
CA PHE C 140 30.34 -9.05 -4.45
C PHE C 140 29.29 -7.99 -4.70
N LYS C 141 28.84 -7.94 -5.95
CA LYS C 141 27.76 -7.07 -6.38
C LYS C 141 26.71 -7.89 -7.12
N SER C 142 25.46 -7.42 -7.15
CA SER C 142 24.41 -8.25 -7.70
C SER C 142 23.32 -7.39 -8.30
N HIS C 143 22.71 -7.86 -9.37
CA HIS C 143 21.51 -7.22 -9.88
C HIS C 143 20.61 -8.26 -10.54
N VAL C 144 19.43 -7.81 -10.94
CA VAL C 144 18.43 -8.68 -11.49
C VAL C 144 18.17 -8.28 -12.92
N LEU C 145 18.11 -9.25 -13.81
CA LEU C 145 17.61 -9.01 -15.15
C LEU C 145 16.22 -9.59 -15.32
N ARG C 146 15.38 -8.85 -16.04
N ARG C 146 15.37 -8.88 -16.05
CA ARG C 146 14.05 -9.31 -16.43
CA ARG C 146 14.05 -9.38 -16.39
C ARG C 146 14.03 -9.66 -17.92
C ARG C 146 13.98 -9.68 -17.89
N GLN C 147 14.45 -10.89 -18.22
CA GLN C 147 14.50 -11.37 -19.61
C GLN C 147 13.27 -12.19 -19.99
N PRO C 148 12.93 -12.21 -21.28
CA PRO C 148 11.86 -13.12 -21.71
C PRO C 148 12.24 -14.57 -21.46
N LEU C 149 11.22 -15.34 -21.09
CA LEU C 149 11.38 -16.74 -20.75
C LEU C 149 11.69 -17.56 -21.99
N GLY C 150 11.07 -17.24 -23.12
CA GLY C 150 11.26 -18.03 -24.33
C GLY C 150 10.00 -18.22 -25.17
N VAL C 151 9.73 -19.46 -25.57
CA VAL C 151 8.53 -19.75 -26.34
C VAL C 151 7.45 -20.25 -25.39
N VAL C 152 6.28 -19.64 -25.49
CA VAL C 152 5.16 -20.00 -24.62
C VAL C 152 3.96 -20.51 -25.42
N GLY C 153 3.24 -21.47 -24.83
CA GLY C 153 1.97 -21.92 -25.38
C GLY C 153 0.80 -21.27 -24.66
N LEU C 154 -0.05 -20.60 -25.42
CA LEU C 154 -1.19 -19.89 -24.84
C LEU C 154 -2.50 -20.54 -25.25
N ILE C 155 -3.23 -21.06 -24.26
CA ILE C 155 -4.48 -21.74 -24.53
C ILE C 155 -5.64 -20.97 -23.91
N SER C 156 -6.51 -20.44 -24.76
CA SER C 156 -7.54 -19.52 -24.32
C SER C 156 -8.92 -20.09 -24.63
N PRO C 157 -9.93 -19.67 -23.86
CA PRO C 157 -11.28 -20.23 -23.97
C PRO C 157 -12.18 -19.41 -24.89
N TRP C 158 -13.36 -19.95 -25.16
CA TRP C 158 -14.28 -19.38 -26.14
C TRP C 158 -15.24 -18.29 -25.63
N ASN C 159 -15.33 -18.07 -24.33
CA ASN C 159 -16.41 -17.20 -23.85
C ASN C 159 -16.13 -15.70 -24.09
N TYR C 160 -14.87 -15.32 -24.23
CA TYR C 160 -14.51 -13.98 -24.74
C TYR C 160 -13.36 -14.15 -25.74
N PRO C 161 -13.68 -14.68 -26.94
CA PRO C 161 -12.63 -15.31 -27.77
C PRO C 161 -11.38 -14.43 -27.98
N LEU C 162 -11.53 -13.28 -28.64
CA LEU C 162 -10.35 -12.43 -28.89
C LEU C 162 -9.80 -11.87 -27.59
N LEU C 163 -10.70 -11.43 -26.71
CA LEU C 163 -10.28 -10.80 -25.46
C LEU C 163 -9.52 -11.79 -24.58
N MET C 164 -9.96 -13.05 -24.52
CA MET C 164 -9.25 -13.98 -23.64
C MET C 164 -7.90 -14.33 -24.28
N ALA C 165 -7.86 -14.44 -25.60
CA ALA C 165 -6.59 -14.68 -26.29
C ALA C 165 -5.62 -13.52 -26.02
N THR C 166 -6.16 -12.31 -26.08
CA THR C 166 -5.37 -11.10 -25.84
C THR C 166 -4.71 -11.10 -24.46
N TRP C 167 -5.52 -11.40 -23.43
CA TRP C 167 -5.04 -11.48 -22.04
C TRP C 167 -3.73 -12.23 -21.91
N LYS C 168 -3.50 -13.18 -22.81
CA LYS C 168 -2.27 -13.98 -22.77
C LYS C 168 -1.29 -13.48 -23.83
N ILE C 169 -1.81 -13.17 -25.02
CA ILE C 169 -0.95 -12.66 -26.10
C ILE C 169 -0.22 -11.40 -25.69
N ALA C 170 -0.97 -10.43 -25.18
CA ALA C 170 -0.40 -9.12 -24.91
C ALA C 170 0.77 -9.15 -23.91
N PRO C 171 0.56 -9.66 -22.67
CA PRO C 171 1.73 -9.63 -21.78
C PRO C 171 2.88 -10.53 -22.24
N ALA C 172 2.59 -11.61 -22.96
CA ALA C 172 3.67 -12.48 -23.43
C ALA C 172 4.56 -11.73 -24.42
N LEU C 173 3.94 -10.99 -25.34
CA LEU C 173 4.68 -10.24 -26.35
C LEU C 173 5.41 -9.08 -25.70
N ALA C 174 4.80 -8.45 -24.71
CA ALA C 174 5.47 -7.38 -23.97
C ALA C 174 6.74 -7.91 -23.30
N ALA C 175 6.68 -9.14 -22.78
CA ALA C 175 7.81 -9.71 -22.07
C ALA C 175 8.96 -10.03 -23.02
N GLY C 176 8.64 -10.16 -24.30
CA GLY C 176 9.65 -10.48 -25.29
C GLY C 176 9.60 -11.95 -25.67
N CYS C 177 8.63 -12.70 -25.15
CA CYS C 177 8.48 -14.10 -25.58
C CYS C 177 7.96 -14.15 -27.00
N THR C 178 8.08 -15.30 -27.65
CA THR C 178 7.30 -15.60 -28.85
C THR C 178 6.28 -16.66 -28.46
N ALA C 179 5.17 -16.72 -29.18
CA ALA C 179 4.02 -17.48 -28.72
C ALA C 179 3.37 -18.32 -29.84
N VAL C 180 2.75 -19.42 -29.40
CA VAL C 180 1.80 -20.18 -30.20
C VAL C 180 0.46 -20.13 -29.46
N LEU C 181 -0.57 -19.63 -30.13
CA LEU C 181 -1.91 -19.52 -29.54
C LEU C 181 -2.75 -20.68 -30.00
N LYS C 182 -3.42 -21.35 -29.06
CA LYS C 182 -4.53 -22.21 -29.47
C LYS C 182 -5.84 -21.76 -28.86
N PRO C 183 -6.69 -21.15 -29.68
CA PRO C 183 -8.02 -20.75 -29.23
C PRO C 183 -8.96 -21.95 -29.13
N SER C 184 -10.17 -21.73 -28.62
CA SER C 184 -11.16 -22.81 -28.56
C SER C 184 -11.81 -23.07 -29.91
N GLU C 185 -11.98 -24.35 -30.24
CA GLU C 185 -12.59 -24.73 -31.49
C GLU C 185 -14.08 -24.37 -31.55
N LEU C 186 -14.64 -23.94 -30.43
CA LEU C 186 -16.03 -23.46 -30.40
C LEU C 186 -16.14 -22.03 -30.94
N ALA C 187 -15.02 -21.32 -30.99
CA ALA C 187 -15.02 -19.93 -31.43
C ALA C 187 -13.62 -19.45 -31.80
N SER C 188 -13.19 -19.76 -33.02
CA SER C 188 -11.82 -19.51 -33.45
C SER C 188 -11.72 -18.45 -34.53
N VAL C 189 -12.85 -17.89 -34.96
CA VAL C 189 -12.88 -16.96 -36.08
C VAL C 189 -12.05 -15.68 -35.86
N THR C 190 -12.36 -14.87 -34.84
CA THR C 190 -11.59 -13.62 -34.71
C THR C 190 -10.11 -13.91 -34.38
N CYS C 191 -9.84 -15.03 -33.69
CA CYS C 191 -8.46 -15.35 -33.37
C CYS C 191 -7.67 -15.65 -34.64
N LEU C 192 -8.29 -16.35 -35.58
CA LEU C 192 -7.63 -16.57 -36.86
C LEU C 192 -7.41 -15.23 -37.56
N GLU C 193 -8.41 -14.35 -37.45
CA GLU C 193 -8.33 -13.02 -38.04
C GLU C 193 -7.20 -12.18 -37.46
N PHE C 194 -6.82 -12.44 -36.21
CA PHE C 194 -5.74 -11.69 -35.57
C PHE C 194 -4.41 -11.89 -36.33
N GLY C 195 -4.23 -13.04 -36.96
CA GLY C 195 -3.03 -13.32 -37.74
C GLY C 195 -2.79 -12.24 -38.78
N GLU C 196 -3.86 -11.75 -39.40
N GLU C 196 -3.88 -11.80 -39.40
CA GLU C 196 -3.73 -10.70 -40.41
CA GLU C 196 -3.89 -10.70 -40.36
C GLU C 196 -3.30 -9.36 -39.80
C GLU C 196 -3.31 -9.40 -39.79
N VAL C 197 -3.81 -9.03 -38.61
CA VAL C 197 -3.36 -7.83 -37.92
C VAL C 197 -1.86 -7.91 -37.64
N CYS C 198 -1.36 -9.09 -37.29
CA CYS C 198 0.06 -9.24 -37.02
C CYS C 198 0.91 -8.97 -38.26
N ASN C 199 0.49 -9.54 -39.38
CA ASN C 199 1.16 -9.27 -40.65
C ASN C 199 1.00 -7.78 -41.02
N GLU C 200 -0.12 -7.18 -40.61
CA GLU C 200 -0.38 -5.79 -41.00
C GLU C 200 0.46 -4.78 -40.24
N VAL C 201 0.88 -5.10 -39.02
CA VAL C 201 1.71 -4.17 -38.26
C VAL C 201 3.18 -4.61 -38.33
N GLY C 202 3.46 -5.53 -39.25
CA GLY C 202 4.84 -5.98 -39.47
C GLY C 202 5.52 -6.72 -38.33
N LEU C 203 4.73 -7.33 -37.45
CA LEU C 203 5.27 -8.27 -36.46
C LEU C 203 6.17 -9.32 -37.16
N PRO C 204 7.41 -9.51 -36.66
CA PRO C 204 8.32 -10.47 -37.28
C PRO C 204 7.74 -11.88 -37.33
N PRO C 205 8.03 -12.60 -38.40
CA PRO C 205 7.42 -13.92 -38.62
C PRO C 205 7.80 -14.93 -37.53
N GLY C 206 6.81 -15.66 -37.05
CA GLY C 206 7.05 -16.69 -36.05
C GLY C 206 6.91 -16.12 -34.65
N VAL C 207 6.65 -14.83 -34.52
CA VAL C 207 6.59 -14.24 -33.20
C VAL C 207 5.25 -14.60 -32.52
N LEU C 208 4.18 -14.57 -33.32
CA LEU C 208 2.86 -15.08 -32.90
C LEU C 208 2.33 -16.06 -33.94
N ASN C 209 2.13 -17.29 -33.50
CA ASN C 209 1.57 -18.36 -34.32
C ASN C 209 0.20 -18.82 -33.78
N ILE C 210 -0.77 -18.96 -34.68
CA ILE C 210 -2.14 -19.31 -34.31
C ILE C 210 -2.54 -20.66 -34.90
N LEU C 211 -2.79 -21.62 -34.04
CA LEU C 211 -3.23 -22.95 -34.48
C LEU C 211 -4.63 -23.19 -33.97
N THR C 212 -5.51 -23.59 -34.88
CA THR C 212 -6.87 -23.93 -34.50
C THR C 212 -7.06 -25.42 -34.65
N GLY C 213 -8.08 -25.93 -33.95
CA GLY C 213 -8.41 -27.35 -33.97
C GLY C 213 -9.00 -27.72 -32.62
N LEU C 214 -9.06 -29.01 -32.33
CA LEU C 214 -9.68 -29.41 -31.07
C LEU C 214 -8.61 -29.69 -30.01
N GLY C 215 -9.03 -29.61 -28.76
CA GLY C 215 -8.19 -29.80 -27.59
C GLY C 215 -7.12 -30.84 -27.75
N PRO C 216 -7.51 -32.11 -27.90
CA PRO C 216 -6.52 -33.19 -27.87
C PRO C 216 -5.68 -33.32 -29.14
N ASP C 217 -6.14 -32.77 -30.26
CA ASP C 217 -5.43 -32.89 -31.53
C ASP C 217 -4.38 -31.80 -31.73
N ALA C 218 -4.79 -30.58 -31.37
CA ALA C 218 -3.99 -29.38 -31.53
C ALA C 218 -3.36 -28.91 -30.21
N GLY C 219 -4.18 -28.86 -29.16
CA GLY C 219 -3.77 -28.30 -27.87
C GLY C 219 -2.89 -29.22 -27.04
N ALA C 220 -3.20 -30.51 -27.04
CA ALA C 220 -2.39 -31.43 -26.25
C ALA C 220 -0.95 -31.57 -26.76
N PRO C 221 -0.75 -31.64 -28.09
CA PRO C 221 0.67 -31.68 -28.50
C PRO C 221 1.45 -30.41 -28.18
N LEU C 222 0.75 -29.29 -28.08
CA LEU C 222 1.38 -28.04 -27.70
C LEU C 222 1.96 -28.12 -26.28
N VAL C 223 1.13 -28.59 -25.35
CA VAL C 223 1.49 -28.71 -23.95
C VAL C 223 2.62 -29.70 -23.74
N SER C 224 2.62 -30.76 -24.53
CA SER C 224 3.64 -31.79 -24.35
C SER C 224 4.93 -31.47 -25.12
N HIS C 225 4.92 -30.46 -25.98
CA HIS C 225 6.08 -30.20 -26.85
C HIS C 225 7.31 -29.77 -26.08
N PRO C 226 8.41 -30.51 -26.25
CA PRO C 226 9.65 -30.36 -25.48
C PRO C 226 10.31 -28.99 -25.62
N ASP C 227 9.98 -28.21 -26.64
CA ASP C 227 10.63 -26.92 -26.79
C ASP C 227 9.71 -25.75 -26.46
N VAL C 228 8.50 -26.04 -25.97
CA VAL C 228 7.67 -25.00 -25.37
C VAL C 228 8.17 -24.79 -23.93
N ASP C 229 8.37 -23.55 -23.51
CA ASP C 229 8.95 -23.29 -22.18
C ASP C 229 7.92 -23.05 -21.08
N LYS C 230 6.71 -22.66 -21.45
CA LYS C 230 5.67 -22.43 -20.46
C LYS C 230 4.27 -22.46 -21.08
N ILE C 231 3.31 -23.00 -20.35
CA ILE C 231 1.92 -22.95 -20.78
C ILE C 231 1.12 -21.98 -19.91
N ALA C 232 0.35 -21.11 -20.55
CA ALA C 232 -0.66 -20.37 -19.82
C ALA C 232 -2.03 -20.88 -20.29
N PHE C 233 -2.82 -21.39 -19.34
CA PHE C 233 -4.07 -22.05 -19.67
C PHE C 233 -5.23 -21.49 -18.90
N THR C 234 -6.35 -21.23 -19.59
CA THR C 234 -7.65 -20.93 -18.97
C THR C 234 -8.75 -21.88 -19.50
N GLY C 235 -9.50 -22.52 -18.61
CA GLY C 235 -10.54 -23.45 -19.04
C GLY C 235 -11.20 -24.21 -17.91
N SER C 236 -11.55 -25.48 -18.12
CA SER C 236 -12.25 -26.22 -17.07
C SER C 236 -11.21 -26.78 -16.08
N SER C 237 -11.62 -27.11 -14.86
CA SER C 237 -10.66 -27.60 -13.90
C SER C 237 -10.19 -29.00 -14.31
N ALA C 238 -11.12 -29.82 -14.82
CA ALA C 238 -10.77 -31.18 -15.23
C ALA C 238 -9.61 -31.15 -16.21
N THR C 239 -9.78 -30.35 -17.25
CA THR C 239 -8.79 -30.20 -18.30
C THR C 239 -7.51 -29.54 -17.77
N GLY C 240 -7.62 -28.46 -16.99
CA GLY C 240 -6.46 -27.87 -16.33
C GLY C 240 -5.57 -28.91 -15.64
N SER C 241 -6.20 -29.83 -14.94
CA SER C 241 -5.46 -30.90 -14.29
C SER C 241 -4.73 -31.75 -15.33
N LYS C 242 -5.37 -31.99 -16.47
CA LYS C 242 -4.73 -32.82 -17.46
C LYS C 242 -3.54 -32.09 -18.10
N VAL C 243 -3.63 -30.78 -18.28
CA VAL C 243 -2.52 -30.09 -18.96
C VAL C 243 -1.34 -29.96 -18.00
N MET C 244 -1.62 -29.90 -16.70
CA MET C 244 -0.55 -29.77 -15.71
C MET C 244 0.12 -31.11 -15.54
N ALA C 245 -0.69 -32.18 -15.61
CA ALA C 245 -0.16 -33.54 -15.55
C ALA C 245 0.80 -33.76 -16.72
N SER C 246 0.37 -33.34 -17.90
CA SER C 246 1.19 -33.40 -19.09
C SER C 246 2.45 -32.57 -18.99
N ALA C 247 2.31 -31.31 -18.58
CA ALA C 247 3.46 -30.42 -18.48
C ALA C 247 4.51 -30.99 -17.51
N ALA C 248 4.03 -31.77 -16.54
CA ALA C 248 4.88 -32.22 -15.46
C ALA C 248 5.91 -33.19 -15.98
N GLN C 249 5.56 -33.85 -17.09
CA GLN C 249 6.43 -34.82 -17.74
C GLN C 249 7.77 -34.19 -18.07
N LEU C 250 7.74 -32.89 -18.30
CA LEU C 250 8.95 -32.15 -18.64
C LEU C 250 9.22 -31.00 -17.70
N VAL C 251 8.67 -31.08 -16.49
CA VAL C 251 8.58 -29.96 -15.53
C VAL C 251 8.47 -28.59 -16.19
N LYS C 252 7.51 -28.49 -17.10
CA LYS C 252 7.13 -27.24 -17.73
C LYS C 252 6.21 -26.44 -16.81
N PRO C 253 6.53 -25.14 -16.56
CA PRO C 253 5.64 -24.40 -15.68
C PRO C 253 4.34 -24.07 -16.36
N VAL C 254 3.25 -24.00 -15.59
CA VAL C 254 1.95 -23.60 -16.09
C VAL C 254 1.31 -22.52 -15.21
N THR C 255 0.43 -21.74 -15.80
CA THR C 255 -0.47 -20.94 -14.99
C THR C 255 -1.89 -21.33 -15.37
N LEU C 256 -2.75 -21.51 -14.36
CA LEU C 256 -4.08 -22.03 -14.57
C LEU C 256 -5.16 -21.17 -13.95
N GLU C 257 -6.07 -20.35 -14.47
N GLU C 257 -6.09 -20.97 -14.87
CA GLU C 257 -7.35 -20.11 -13.83
CA GLU C 257 -7.36 -20.31 -14.56
C GLU C 257 -8.46 -20.88 -14.52
C GLU C 257 -8.54 -21.25 -14.82
N LEU C 258 -9.20 -21.68 -13.75
CA LEU C 258 -10.06 -22.80 -14.09
C LEU C 258 -11.56 -22.61 -13.80
N GLY C 259 -12.04 -21.38 -13.71
CA GLY C 259 -13.45 -21.15 -13.46
C GLY C 259 -13.77 -21.47 -12.01
N GLY C 260 -15.04 -21.70 -11.71
CA GLY C 260 -15.44 -21.81 -10.31
C GLY C 260 -16.92 -22.00 -10.04
N LYS C 261 -17.27 -21.79 -8.78
CA LYS C 261 -18.66 -21.80 -8.31
C LYS C 261 -18.69 -20.67 -7.31
N SER C 262 -18.62 -19.47 -7.86
CA SER C 262 -18.36 -18.26 -7.08
C SER C 262 -19.61 -17.77 -6.35
N PRO C 263 -19.41 -17.32 -5.11
CA PRO C 263 -20.53 -16.87 -4.30
C PRO C 263 -20.74 -15.38 -4.45
N ILE C 264 -22.01 -14.98 -4.43
CA ILE C 264 -22.36 -13.57 -4.24
C ILE C 264 -23.18 -13.52 -2.95
N VAL C 265 -22.67 -12.83 -1.94
CA VAL C 265 -23.31 -12.84 -0.64
C VAL C 265 -23.95 -11.47 -0.39
N VAL C 266 -25.25 -11.50 -0.10
CA VAL C 266 -26.05 -10.28 -0.02
C VAL C 266 -26.67 -10.17 1.36
N PHE C 267 -26.31 -9.13 2.09
CA PHE C 267 -26.86 -8.89 3.43
C PHE C 267 -28.13 -7.99 3.38
N GLU C 268 -28.74 -7.79 4.54
CA GLU C 268 -30.03 -7.10 4.49
C GLU C 268 -29.89 -5.58 4.27
N ASP C 269 -28.81 -4.95 4.73
CA ASP C 269 -28.67 -3.51 4.56
C ASP C 269 -28.26 -3.14 3.13
N VAL C 270 -29.10 -3.43 2.15
CA VAL C 270 -28.78 -3.06 0.77
C VAL C 270 -29.96 -2.50 -0.04
N ASP C 271 -29.64 -1.76 -1.09
CA ASP C 271 -30.61 -1.38 -2.10
C ASP C 271 -30.89 -2.61 -2.95
N ILE C 272 -32.00 -3.28 -2.68
CA ILE C 272 -32.29 -4.55 -3.33
C ILE C 272 -32.30 -4.43 -4.85
N ASP C 273 -32.80 -3.31 -5.36
CA ASP C 273 -32.87 -3.27 -6.82
C ASP C 273 -31.53 -2.93 -7.49
N LYS C 274 -30.53 -2.45 -6.75
CA LYS C 274 -29.19 -2.32 -7.33
C LYS C 274 -28.47 -3.67 -7.27
N VAL C 275 -28.69 -4.40 -6.18
CA VAL C 275 -28.01 -5.68 -6.00
C VAL C 275 -28.54 -6.74 -6.98
N VAL C 276 -29.86 -6.75 -7.22
CA VAL C 276 -30.47 -7.67 -8.17
C VAL C 276 -29.86 -7.57 -9.58
N GLU C 277 -29.66 -6.36 -10.08
CA GLU C 277 -29.11 -6.23 -11.44
C GLU C 277 -27.69 -6.78 -11.51
N TRP C 278 -26.89 -6.50 -10.47
CA TRP C 278 -25.53 -6.99 -10.37
C TRP C 278 -25.51 -8.51 -10.35
N THR C 279 -26.48 -9.07 -9.65
CA THR C 279 -26.60 -10.51 -9.47
C THR C 279 -26.88 -11.18 -10.81
N ILE C 280 -27.79 -10.58 -11.56
CA ILE C 280 -28.14 -11.08 -12.86
C ILE C 280 -26.96 -10.89 -13.81
N PHE C 281 -26.27 -9.77 -13.68
CA PHE C 281 -25.07 -9.55 -14.47
C PHE C 281 -24.03 -10.58 -14.04
N GLY C 282 -24.05 -10.93 -12.74
CA GLY C 282 -23.10 -11.86 -12.16
C GLY C 282 -23.28 -13.32 -12.55
N CYS C 283 -24.38 -13.65 -13.23
CA CYS C 283 -24.65 -15.04 -13.55
C CYS C 283 -25.27 -15.28 -14.94
N PHE C 284 -25.99 -14.29 -15.48
CA PHE C 284 -26.64 -14.46 -16.80
C PHE C 284 -25.96 -13.69 -17.94
N TRP C 285 -25.19 -12.65 -17.61
CA TRP C 285 -24.32 -11.97 -18.59
C TRP C 285 -23.37 -12.97 -19.31
N THR C 286 -22.85 -12.61 -20.48
CA THR C 286 -22.10 -13.56 -21.34
C THR C 286 -22.89 -14.87 -21.55
N ASN C 287 -24.22 -14.74 -21.53
CA ASN C 287 -25.15 -15.86 -21.62
C ASN C 287 -24.83 -16.93 -20.57
N GLY C 288 -24.44 -16.46 -19.38
CA GLY C 288 -24.13 -17.33 -18.25
C GLY C 288 -22.77 -18.00 -18.26
N GLN C 289 -22.01 -17.72 -19.30
CA GLN C 289 -20.81 -18.46 -19.58
C GLN C 289 -19.60 -17.70 -19.06
N ILE C 290 -19.68 -17.33 -17.78
CA ILE C 290 -18.63 -16.61 -17.07
C ILE C 290 -17.81 -17.56 -16.19
N CSO C 291 -16.50 -17.59 -16.38
CA CSO C 291 -15.64 -18.40 -15.53
CB CSO C 291 -14.19 -18.41 -16.04
SG CSO C 291 -13.60 -16.71 -16.16
C CSO C 291 -15.75 -17.98 -14.05
O CSO C 291 -15.79 -18.83 -13.16
OD CSO C 291 -11.94 -16.65 -16.78
N SER C 292 -15.83 -16.67 -13.79
CA SER C 292 -16.02 -16.16 -12.42
C SER C 292 -17.49 -15.89 -12.06
N ALA C 293 -18.42 -16.49 -12.80
CA ALA C 293 -19.86 -16.32 -12.56
C ALA C 293 -20.21 -16.47 -11.08
N THR C 294 -20.77 -15.43 -10.47
CA THR C 294 -21.34 -15.63 -9.15
C THR C 294 -22.64 -16.45 -9.31
N SER C 295 -22.52 -17.76 -9.49
CA SER C 295 -23.68 -18.62 -9.77
C SER C 295 -24.33 -19.17 -8.51
N ARG C 296 -23.84 -18.72 -7.36
CA ARG C 296 -24.38 -19.13 -6.09
C ARG C 296 -24.74 -17.89 -5.30
N LEU C 297 -26.05 -17.64 -5.22
CA LEU C 297 -26.57 -16.50 -4.50
C LEU C 297 -26.83 -16.90 -3.06
N LEU C 298 -26.09 -16.29 -2.15
CA LEU C 298 -26.35 -16.42 -0.72
C LEU C 298 -26.96 -15.12 -0.22
N VAL C 299 -28.24 -15.18 0.15
CA VAL C 299 -28.98 -13.97 0.54
C VAL C 299 -29.64 -14.12 1.92
N HIS C 300 -29.43 -13.13 2.79
CA HIS C 300 -29.98 -13.13 4.16
C HIS C 300 -31.49 -13.38 4.14
N GLU C 301 -31.96 -14.22 5.06
CA GLU C 301 -33.36 -14.70 5.04
C GLU C 301 -34.38 -13.56 5.10
N SER C 302 -34.07 -12.51 5.85
CA SER C 302 -35.04 -11.43 6.05
C SER C 302 -35.46 -10.73 4.75
N ILE C 303 -34.50 -10.49 3.85
CA ILE C 303 -34.83 -9.83 2.59
C ILE C 303 -35.01 -10.81 1.42
N ALA C 304 -34.95 -12.10 1.73
CA ALA C 304 -34.88 -13.16 0.71
C ALA C 304 -36.06 -13.18 -0.26
N ALA C 305 -37.27 -13.19 0.27
CA ALA C 305 -38.48 -13.27 -0.55
C ALA C 305 -38.64 -12.01 -1.41
N GLU C 306 -38.38 -10.85 -0.81
CA GLU C 306 -38.46 -9.61 -1.56
C GLU C 306 -37.44 -9.59 -2.68
N PHE C 307 -36.24 -10.05 -2.36
CA PHE C 307 -35.12 -10.00 -3.28
C PHE C 307 -35.40 -10.85 -4.50
N VAL C 308 -35.84 -12.08 -4.27
CA VAL C 308 -35.99 -13.02 -5.36
C VAL C 308 -37.22 -12.68 -6.21
N ASP C 309 -38.22 -12.05 -5.60
CA ASP C 309 -39.35 -11.54 -6.36
C ASP C 309 -38.84 -10.47 -7.34
N LYS C 310 -38.07 -9.51 -6.85
CA LYS C 310 -37.48 -8.51 -7.75
C LYS C 310 -36.51 -9.17 -8.73
N LEU C 311 -35.81 -10.20 -8.26
CA LEU C 311 -34.94 -10.97 -9.15
C LEU C 311 -35.71 -11.55 -10.33
N VAL C 312 -36.82 -12.23 -10.09
CA VAL C 312 -37.52 -12.88 -11.21
C VAL C 312 -38.12 -11.87 -12.22
N LYS C 313 -38.52 -10.71 -11.72
CA LYS C 313 -39.11 -9.68 -12.57
C LYS C 313 -38.06 -9.10 -13.50
N TRP C 314 -36.91 -8.76 -12.92
CA TRP C 314 -35.77 -8.26 -13.69
C TRP C 314 -35.38 -9.31 -14.72
N THR C 315 -35.27 -10.55 -14.25
CA THR C 315 -34.93 -11.67 -15.11
C THR C 315 -35.93 -11.80 -16.28
N LYS C 316 -37.20 -11.62 -15.95
CA LYS C 316 -38.28 -11.70 -16.92
C LYS C 316 -38.15 -10.64 -18.02
N ASN C 317 -37.63 -9.49 -17.71
CA ASN C 317 -37.53 -8.41 -18.68
C ASN C 317 -36.24 -8.37 -19.47
N ILE C 318 -35.48 -9.45 -19.40
CA ILE C 318 -34.30 -9.61 -20.26
C ILE C 318 -34.69 -10.11 -21.63
N LYS C 319 -34.49 -9.28 -22.65
CA LYS C 319 -34.84 -9.68 -24.02
C LYS C 319 -33.87 -10.71 -24.57
N ILE C 320 -34.34 -11.92 -24.82
CA ILE C 320 -33.52 -12.91 -25.52
C ILE C 320 -33.84 -12.90 -27.00
N SER C 321 -32.81 -12.97 -27.84
CA SER C 321 -32.97 -12.89 -29.28
C SER C 321 -31.67 -13.22 -29.99
N ASP C 322 -31.74 -13.30 -31.33
CA ASP C 322 -30.53 -13.27 -32.15
C ASP C 322 -29.69 -12.09 -31.73
N PRO C 323 -28.39 -12.33 -31.44
CA PRO C 323 -27.51 -11.34 -30.81
C PRO C 323 -27.42 -10.01 -31.56
N PHE C 324 -27.71 -10.00 -32.85
CA PHE C 324 -27.66 -8.79 -33.65
C PHE C 324 -28.90 -7.89 -33.48
N GLU C 325 -30.01 -8.46 -33.02
CA GLU C 325 -31.23 -7.65 -32.88
C GLU C 325 -31.08 -6.50 -31.88
N GLU C 326 -31.96 -5.51 -32.02
CA GLU C 326 -31.87 -4.34 -31.17
C GLU C 326 -32.29 -4.68 -29.75
N GLY C 327 -31.42 -4.34 -28.79
CA GLY C 327 -31.76 -4.51 -27.40
C GLY C 327 -31.53 -5.89 -26.80
N CYS C 328 -30.95 -6.79 -27.59
N CYS C 328 -30.92 -6.79 -27.57
CA CYS C 328 -30.65 -8.14 -27.10
CA CYS C 328 -30.58 -8.11 -27.03
C CYS C 328 -29.79 -8.09 -25.83
C CYS C 328 -29.83 -7.98 -25.73
N ARG C 329 -30.23 -8.79 -24.78
CA ARG C 329 -29.50 -8.83 -23.51
C ARG C 329 -29.26 -10.28 -23.07
N LEU C 330 -29.48 -11.21 -23.99
CA LEU C 330 -29.18 -12.63 -23.79
C LEU C 330 -29.28 -13.33 -25.13
N GLY C 331 -28.16 -13.90 -25.58
CA GLY C 331 -28.13 -14.66 -26.82
C GLY C 331 -28.16 -16.14 -26.50
N PRO C 332 -27.89 -16.99 -27.50
CA PRO C 332 -27.87 -18.44 -27.33
C PRO C 332 -26.53 -18.91 -26.74
N VAL C 333 -26.51 -20.04 -26.03
CA VAL C 333 -25.23 -20.56 -25.57
C VAL C 333 -24.38 -21.01 -26.79
N ILE C 334 -23.09 -21.20 -26.58
CA ILE C 334 -22.10 -21.25 -27.65
C ILE C 334 -22.23 -22.45 -28.63
N SER C 335 -22.76 -23.57 -28.16
CA SER C 335 -22.72 -24.78 -28.98
C SER C 335 -23.80 -25.78 -28.61
N LYS C 336 -24.04 -26.74 -29.52
CA LYS C 336 -24.95 -27.84 -29.24
C LYS C 336 -24.47 -28.61 -28.01
N GLY C 337 -23.16 -28.84 -27.95
CA GLY C 337 -22.59 -29.59 -26.83
C GLY C 337 -22.88 -28.94 -25.49
N GLN C 338 -22.64 -27.64 -25.41
CA GLN C 338 -22.88 -26.89 -24.17
C GLN C 338 -24.35 -26.86 -23.80
N TYR C 339 -25.19 -26.60 -24.81
CA TYR C 339 -26.65 -26.64 -24.70
C TYR C 339 -27.17 -27.90 -23.97
N ASP C 340 -26.85 -29.06 -24.53
CA ASP C 340 -27.19 -30.35 -23.93
C ASP C 340 -26.66 -30.46 -22.50
N LYS C 341 -25.41 -30.06 -22.28
CA LYS C 341 -24.83 -30.07 -20.94
C LYS C 341 -25.61 -29.19 -19.94
N ILE C 342 -26.05 -28.01 -20.38
CA ILE C 342 -26.78 -27.13 -19.47
C ILE C 342 -28.17 -27.69 -19.19
N MET C 343 -28.84 -28.17 -20.23
CA MET C 343 -30.14 -28.80 -20.05
C MET C 343 -30.04 -30.00 -19.10
N LYS C 344 -28.99 -30.80 -19.26
CA LYS C 344 -28.78 -31.94 -18.34
C LYS C 344 -28.53 -31.46 -16.89
N PHE C 345 -27.74 -30.41 -16.73
CA PHE C 345 -27.63 -29.78 -15.42
C PHE C 345 -29.01 -29.41 -14.89
N ILE C 346 -29.86 -28.86 -15.76
CA ILE C 346 -31.18 -28.44 -15.31
C ILE C 346 -32.06 -29.64 -14.93
N SER C 347 -32.10 -30.64 -15.81
CA SER C 347 -32.88 -31.85 -15.52
C SER C 347 -32.45 -32.52 -14.21
N THR C 348 -31.14 -32.59 -13.98
CA THR C 348 -30.58 -33.21 -12.78
C THR C 348 -31.03 -32.47 -11.51
N ALA C 349 -30.94 -31.16 -11.55
CA ALA C 349 -31.44 -30.30 -10.48
C ALA C 349 -32.86 -30.69 -10.05
N LYS C 350 -33.76 -30.79 -11.03
CA LYS C 350 -35.16 -31.16 -10.75
C LYS C 350 -35.23 -32.58 -10.21
N SER C 351 -34.39 -33.46 -10.76
CA SER C 351 -34.36 -34.85 -10.33
C SER C 351 -33.82 -35.00 -8.92
N GLU C 352 -33.06 -34.02 -8.43
CA GLU C 352 -32.50 -34.15 -7.09
C GLU C 352 -33.36 -33.37 -6.09
N GLY C 353 -34.41 -32.73 -6.60
CA GLY C 353 -35.44 -32.17 -5.75
C GLY C 353 -35.34 -30.66 -5.56
N ALA C 354 -34.70 -29.98 -6.50
CA ALA C 354 -34.59 -28.54 -6.42
C ALA C 354 -35.78 -27.91 -7.16
N THR C 355 -36.10 -26.66 -6.82
CA THR C 355 -37.16 -25.93 -7.48
C THR C 355 -36.64 -25.05 -8.60
N ILE C 356 -37.06 -25.32 -9.84
CA ILE C 356 -36.84 -24.38 -10.93
C ILE C 356 -37.85 -23.25 -10.75
N LEU C 357 -37.45 -22.20 -10.05
CA LEU C 357 -38.35 -21.08 -9.76
C LEU C 357 -38.74 -20.33 -11.04
N TYR C 358 -37.76 -20.14 -11.92
CA TYR C 358 -38.02 -19.47 -13.18
C TYR C 358 -37.10 -20.00 -14.27
N GLY C 359 -37.59 -19.98 -15.51
CA GLY C 359 -36.83 -20.42 -16.65
C GLY C 359 -36.77 -21.94 -16.73
N GLY C 360 -35.63 -22.47 -17.16
CA GLY C 360 -35.41 -23.90 -17.12
C GLY C 360 -35.65 -24.61 -18.44
N SER C 361 -36.25 -23.91 -19.38
CA SER C 361 -36.47 -24.53 -20.68
C SER C 361 -36.13 -23.58 -21.82
N ARG C 362 -36.22 -24.09 -23.03
CA ARG C 362 -36.05 -23.27 -24.22
C ARG C 362 -37.12 -22.17 -24.25
N PRO C 363 -36.70 -20.92 -24.53
CA PRO C 363 -37.61 -19.78 -24.70
C PRO C 363 -38.74 -20.07 -25.70
N GLU C 364 -39.96 -19.68 -25.34
CA GLU C 364 -41.16 -19.91 -26.14
C GLU C 364 -41.13 -19.38 -27.60
N HIS C 365 -40.49 -18.23 -27.81
CA HIS C 365 -40.57 -17.52 -29.09
C HIS C 365 -39.37 -17.84 -29.97
N LEU C 366 -38.46 -18.66 -29.46
CA LEU C 366 -37.25 -19.04 -30.18
C LEU C 366 -37.17 -20.56 -30.30
N LYS C 367 -37.66 -21.08 -31.42
CA LYS C 367 -37.72 -22.52 -31.62
C LYS C 367 -36.41 -23.09 -32.17
N LYS C 368 -35.49 -22.23 -32.59
CA LYS C 368 -34.19 -22.69 -33.10
C LYS C 368 -32.98 -21.90 -32.59
N GLY C 369 -31.82 -22.55 -32.60
CA GLY C 369 -30.60 -22.00 -32.00
C GLY C 369 -30.52 -22.46 -30.55
N TYR C 370 -29.33 -22.43 -29.95
CA TYR C 370 -29.16 -22.97 -28.60
C TYR C 370 -29.56 -22.00 -27.51
N TYR C 371 -30.83 -21.58 -27.53
CA TYR C 371 -31.32 -20.61 -26.56
C TYR C 371 -31.86 -21.30 -25.32
N ILE C 372 -31.49 -20.73 -24.17
CA ILE C 372 -31.93 -21.22 -22.88
C ILE C 372 -32.40 -20.03 -22.06
N GLU C 373 -33.57 -20.16 -21.44
CA GLU C 373 -34.05 -19.11 -20.56
C GLU C 373 -33.08 -18.90 -19.41
N PRO C 374 -32.93 -17.66 -18.97
CA PRO C 374 -32.26 -17.43 -17.68
C PRO C 374 -33.04 -18.20 -16.62
N THR C 375 -32.33 -18.89 -15.74
CA THR C 375 -32.95 -19.82 -14.82
C THR C 375 -32.56 -19.52 -13.39
N ILE C 376 -33.50 -19.70 -12.50
CA ILE C 376 -33.25 -19.47 -11.08
C ILE C 376 -33.67 -20.71 -10.30
N VAL C 377 -32.69 -21.31 -9.62
CA VAL C 377 -32.90 -22.56 -8.90
C VAL C 377 -32.92 -22.35 -7.39
N THR C 378 -34.03 -22.77 -6.79
CA THR C 378 -34.27 -22.61 -5.37
C THR C 378 -34.53 -23.95 -4.72
N ASP C 379 -34.76 -23.94 -3.41
CA ASP C 379 -34.94 -25.15 -2.62
C ASP C 379 -33.74 -26.06 -2.84
N ILE C 380 -32.59 -25.46 -2.57
CA ILE C 380 -31.28 -26.07 -2.76
C ILE C 380 -30.75 -26.80 -1.53
N SER C 381 -30.20 -27.99 -1.77
CA SER C 381 -29.34 -28.66 -0.80
C SER C 381 -27.89 -28.57 -1.28
N THR C 382 -26.96 -28.36 -0.36
CA THR C 382 -25.54 -28.30 -0.69
C THR C 382 -25.00 -29.67 -1.08
N SER C 383 -25.85 -30.68 -1.03
CA SER C 383 -25.58 -32.05 -1.44
C SER C 383 -25.70 -32.16 -2.97
N MET C 384 -26.59 -31.33 -3.52
CA MET C 384 -26.96 -31.42 -4.94
C MET C 384 -25.80 -31.09 -5.89
N GLN C 385 -25.85 -31.69 -7.09
CA GLN C 385 -24.92 -31.36 -8.17
C GLN C 385 -24.93 -29.86 -8.46
N ILE C 386 -26.13 -29.31 -8.65
CA ILE C 386 -26.28 -27.93 -9.08
C ILE C 386 -25.59 -26.92 -8.15
N TRP C 387 -25.36 -27.32 -6.90
CA TRP C 387 -24.71 -26.44 -5.91
C TRP C 387 -23.19 -26.56 -5.92
N LYS C 388 -22.69 -27.67 -6.43
CA LYS C 388 -21.26 -27.93 -6.39
C LYS C 388 -20.55 -27.67 -7.71
N GLU C 389 -21.22 -28.01 -8.81
CA GLU C 389 -20.55 -28.06 -10.10
C GLU C 389 -20.78 -26.82 -10.93
N GLU C 390 -19.76 -26.48 -11.73
CA GLU C 390 -19.82 -25.40 -12.71
C GLU C 390 -20.82 -25.70 -13.81
N VAL C 391 -21.77 -24.80 -14.02
CA VAL C 391 -22.79 -25.04 -15.04
C VAL C 391 -22.39 -24.34 -16.33
N PHE C 392 -21.83 -23.14 -16.18
CA PHE C 392 -21.35 -22.41 -17.36
C PHE C 392 -22.53 -22.01 -18.25
N GLY C 393 -23.64 -21.67 -17.62
CA GLY C 393 -24.85 -21.30 -18.35
C GLY C 393 -25.64 -20.30 -17.52
N PRO C 394 -26.71 -19.76 -18.08
CA PRO C 394 -27.46 -18.74 -17.34
C PRO C 394 -28.32 -19.38 -16.27
N VAL C 395 -27.68 -19.95 -15.25
CA VAL C 395 -28.36 -20.70 -14.22
C VAL C 395 -27.81 -20.34 -12.84
N LEU C 396 -28.69 -19.81 -12.01
CA LEU C 396 -28.29 -19.31 -10.70
C LEU C 396 -28.88 -20.15 -9.58
N CYS C 397 -28.06 -20.45 -8.57
CA CYS C 397 -28.53 -21.10 -7.35
C CYS C 397 -28.75 -20.10 -6.25
N VAL C 398 -29.82 -20.29 -5.50
CA VAL C 398 -30.16 -19.40 -4.40
C VAL C 398 -30.26 -20.16 -3.09
N LYS C 399 -29.62 -19.65 -2.04
CA LYS C 399 -29.79 -20.19 -0.69
C LYS C 399 -29.75 -19.05 0.33
N THR C 400 -30.46 -19.20 1.45
CA THR C 400 -30.49 -18.15 2.46
C THR C 400 -29.58 -18.47 3.64
N PHE C 401 -29.23 -17.44 4.41
CA PHE C 401 -28.47 -17.60 5.63
C PHE C 401 -29.03 -16.70 6.73
N SER C 402 -28.50 -16.84 7.94
CA SER C 402 -29.02 -16.05 9.06
C SER C 402 -28.00 -15.07 9.60
N SER C 403 -26.75 -15.51 9.70
CA SER C 403 -25.68 -14.62 10.12
C SER C 403 -24.42 -14.87 9.28
N GLU C 404 -23.45 -13.96 9.41
CA GLU C 404 -22.18 -13.99 8.66
C GLU C 404 -21.53 -15.35 8.60
N ASP C 405 -21.30 -15.95 9.76
CA ASP C 405 -20.60 -17.22 9.85
C ASP C 405 -21.28 -18.31 9.02
N GLU C 406 -22.61 -18.31 8.96
CA GLU C 406 -23.28 -19.25 8.07
C GLU C 406 -22.98 -18.88 6.61
N ALA C 407 -22.97 -17.58 6.33
CA ALA C 407 -22.74 -17.07 4.97
C ALA C 407 -21.30 -17.31 4.53
N ILE C 408 -20.35 -17.06 5.43
CA ILE C 408 -18.94 -17.35 5.17
C ILE C 408 -18.75 -18.85 4.94
N ALA C 409 -19.39 -19.66 5.78
CA ALA C 409 -19.35 -21.12 5.62
C ALA C 409 -19.83 -21.49 4.23
N LEU C 410 -21.09 -21.18 3.92
CA LEU C 410 -21.64 -21.48 2.59
C LEU C 410 -20.77 -20.90 1.45
N ALA C 411 -20.20 -19.71 1.65
CA ALA C 411 -19.41 -19.09 0.59
C ALA C 411 -18.18 -19.92 0.26
N ASN C 412 -17.47 -20.36 1.30
CA ASN C 412 -16.23 -21.12 1.19
C ASN C 412 -16.46 -22.63 1.06
N ASP C 413 -17.70 -23.07 1.23
CA ASP C 413 -18.05 -24.50 1.10
C ASP C 413 -18.02 -24.91 -0.38
N THR C 414 -16.81 -24.89 -0.95
CA THR C 414 -16.58 -25.21 -2.35
C THR C 414 -15.12 -25.55 -2.56
N GLU C 415 -14.83 -26.48 -3.47
CA GLU C 415 -13.46 -26.82 -3.78
C GLU C 415 -12.80 -25.67 -4.53
N TYR C 416 -13.63 -24.85 -5.16
CA TYR C 416 -13.16 -23.75 -5.98
C TYR C 416 -12.72 -22.58 -5.12
N GLY C 417 -12.28 -21.50 -5.76
CA GLY C 417 -11.85 -20.29 -5.07
C GLY C 417 -11.38 -19.21 -6.04
N LEU C 418 -12.08 -19.05 -7.16
CA LEU C 418 -11.73 -18.03 -8.14
C LEU C 418 -12.12 -16.64 -7.64
N ALA C 419 -13.42 -16.36 -7.64
CA ALA C 419 -13.90 -15.03 -7.21
C ALA C 419 -15.12 -15.09 -6.30
N ALA C 420 -15.51 -13.92 -5.80
CA ALA C 420 -16.67 -13.77 -4.93
C ALA C 420 -17.13 -12.31 -4.93
N ALA C 421 -18.40 -12.08 -4.60
CA ALA C 421 -18.94 -10.73 -4.42
C ALA C 421 -19.67 -10.60 -3.09
N VAL C 422 -19.46 -9.49 -2.39
CA VAL C 422 -20.17 -9.31 -1.14
C VAL C 422 -20.89 -7.95 -1.10
N PHE C 423 -22.19 -7.99 -0.79
CA PHE C 423 -22.98 -6.77 -0.77
C PHE C 423 -23.43 -6.46 0.65
N SER C 424 -22.98 -5.30 1.13
CA SER C 424 -23.43 -4.76 2.41
C SER C 424 -23.10 -3.27 2.41
N ASN C 425 -24.00 -2.46 2.96
CA ASN C 425 -23.73 -1.05 3.19
C ASN C 425 -22.80 -0.88 4.38
N ASP C 426 -22.91 -1.79 5.34
CA ASP C 426 -21.90 -1.92 6.37
C ASP C 426 -20.59 -2.27 5.68
N LEU C 427 -19.61 -1.37 5.77
CA LEU C 427 -18.35 -1.54 5.05
C LEU C 427 -17.29 -2.26 5.88
N GLU C 428 -17.44 -2.22 7.21
CA GLU C 428 -16.60 -3.04 8.10
C GLU C 428 -16.95 -4.53 7.97
N ARG C 429 -18.24 -4.82 7.80
CA ARG C 429 -18.67 -6.18 7.54
C ARG C 429 -18.14 -6.61 6.16
N CYS C 430 -18.19 -5.70 5.21
CA CYS C 430 -17.62 -5.92 3.89
C CYS C 430 -16.17 -6.36 4.01
N GLU C 431 -15.35 -5.60 4.75
CA GLU C 431 -13.94 -5.95 4.96
C GLU C 431 -13.73 -7.33 5.60
N ARG C 432 -14.48 -7.66 6.65
CA ARG C 432 -14.31 -8.94 7.29
C ARG C 432 -14.62 -10.10 6.32
N ILE C 433 -15.75 -10.03 5.64
CA ILE C 433 -16.10 -11.05 4.64
C ILE C 433 -15.04 -11.14 3.54
N THR C 434 -14.54 -9.99 3.08
CA THR C 434 -13.56 -9.96 1.99
C THR C 434 -12.30 -10.72 2.37
N LYS C 435 -11.88 -10.59 3.64
CA LYS C 435 -10.64 -11.22 4.06
C LYS C 435 -10.78 -12.73 4.21
N ALA C 436 -11.95 -13.17 4.68
CA ALA C 436 -12.17 -14.59 4.94
C ALA C 436 -12.58 -15.36 3.68
N LEU C 437 -12.92 -14.66 2.61
CA LEU C 437 -13.27 -15.37 1.39
C LEU C 437 -12.02 -16.02 0.80
N GLU C 438 -12.08 -17.34 0.57
CA GLU C 438 -10.92 -18.06 0.04
C GLU C 438 -10.97 -17.99 -1.47
N VAL C 439 -10.69 -16.79 -1.98
CA VAL C 439 -10.82 -16.54 -3.39
C VAL C 439 -9.68 -15.65 -3.81
N GLY C 440 -9.43 -15.57 -5.11
CA GLY C 440 -8.39 -14.69 -5.61
C GLY C 440 -8.88 -13.28 -5.90
N ALA C 441 -10.20 -13.15 -6.09
CA ALA C 441 -10.80 -11.89 -6.51
C ALA C 441 -12.09 -11.62 -5.75
N VAL C 442 -12.13 -10.50 -5.03
CA VAL C 442 -13.31 -10.10 -4.28
C VAL C 442 -13.89 -8.80 -4.75
N TRP C 443 -15.14 -8.84 -5.19
CA TRP C 443 -15.84 -7.60 -5.51
C TRP C 443 -16.72 -7.13 -4.33
N VAL C 444 -16.65 -5.83 -4.04
CA VAL C 444 -17.52 -5.23 -3.04
C VAL C 444 -18.60 -4.38 -3.74
N ASN C 445 -19.86 -4.68 -3.38
CA ASN C 445 -21.03 -3.98 -3.91
C ASN C 445 -21.11 -3.91 -5.45
N CYS C 446 -20.49 -4.91 -6.08
CA CYS C 446 -20.68 -5.17 -7.51
C CYS C 446 -20.30 -6.63 -7.83
N SER C 447 -20.35 -7.01 -9.09
CA SER C 447 -19.98 -8.37 -9.48
C SER C 447 -19.53 -8.39 -10.94
N GLN C 448 -18.33 -8.95 -11.16
CA GLN C 448 -17.70 -9.14 -12.48
C GLN C 448 -16.83 -8.01 -13.09
N PRO C 449 -16.68 -6.83 -12.43
CA PRO C 449 -15.78 -5.93 -13.19
C PRO C 449 -14.29 -6.37 -13.22
N CSO C 450 -13.79 -6.85 -14.35
CA CSO C 450 -12.36 -7.19 -14.50
CB CSO C 450 -12.12 -8.49 -15.28
SG CSO C 450 -12.96 -9.93 -14.60
C CSO C 450 -11.63 -6.08 -15.23
O CSO C 450 -11.86 -5.85 -16.42
OD CSO C 450 -13.50 -11.07 -15.87
N PHE C 451 -10.75 -5.39 -14.51
CA PHE C 451 -9.94 -4.35 -15.11
C PHE C 451 -8.54 -4.88 -15.41
N VAL C 452 -7.97 -4.45 -16.53
CA VAL C 452 -6.66 -4.94 -16.97
C VAL C 452 -5.55 -4.47 -16.01
N GLN C 453 -5.84 -3.43 -15.23
CA GLN C 453 -4.87 -2.89 -14.27
C GLN C 453 -4.75 -3.74 -12.99
N ALA C 454 -5.65 -4.71 -12.83
CA ALA C 454 -5.73 -5.47 -11.57
C ALA C 454 -5.33 -6.92 -11.74
N PRO C 455 -4.61 -7.47 -10.74
CA PRO C 455 -4.20 -8.88 -10.70
C PRO C 455 -5.40 -9.85 -10.75
N TRP C 456 -5.29 -10.91 -11.55
CA TRP C 456 -6.40 -11.85 -11.73
C TRP C 456 -5.96 -13.31 -11.67
N GLY C 457 -6.64 -14.08 -10.82
CA GLY C 457 -6.47 -15.51 -10.72
C GLY C 457 -7.14 -16.03 -9.45
N GLY C 458 -7.35 -17.35 -9.39
CA GLY C 458 -7.98 -17.94 -8.22
C GLY C 458 -7.04 -18.68 -7.29
N ILE C 459 -7.63 -19.36 -6.30
CA ILE C 459 -6.90 -20.31 -5.49
C ILE C 459 -7.69 -21.61 -5.43
N LYS C 460 -7.17 -22.57 -4.67
CA LYS C 460 -7.78 -23.90 -4.54
C LYS C 460 -8.02 -24.52 -5.92
N ARG C 461 -9.21 -25.06 -6.16
CA ARG C 461 -9.36 -25.80 -7.40
C ARG C 461 -9.69 -24.89 -8.59
N SER C 462 -9.65 -23.58 -8.34
CA SER C 462 -9.83 -22.62 -9.42
C SER C 462 -8.48 -22.31 -10.09
N GLY C 463 -7.40 -22.86 -9.53
CA GLY C 463 -6.08 -22.70 -10.14
C GLY C 463 -5.05 -21.92 -9.34
N PHE C 464 -4.10 -21.30 -10.03
CA PHE C 464 -3.05 -20.53 -9.36
C PHE C 464 -2.31 -19.66 -10.36
N GLY C 465 -1.54 -18.71 -9.83
CA GLY C 465 -0.91 -17.72 -10.65
C GLY C 465 -1.83 -16.53 -10.85
N ARG C 466 -1.24 -15.39 -11.16
CA ARG C 466 -1.97 -14.14 -11.38
C ARG C 466 -1.68 -13.51 -12.74
N GLU C 467 -2.73 -13.30 -13.53
CA GLU C 467 -2.59 -12.57 -14.78
C GLU C 467 -2.90 -11.09 -14.56
N LEU C 468 -2.65 -10.29 -15.59
CA LEU C 468 -3.03 -8.89 -15.68
C LEU C 468 -2.36 -7.99 -14.63
N GLY C 469 -2.65 -6.69 -14.71
CA GLY C 469 -1.98 -5.71 -13.88
C GLY C 469 -0.46 -5.76 -13.96
N GLU C 470 0.18 -5.40 -12.84
CA GLU C 470 1.61 -5.48 -12.67
C GLU C 470 2.14 -6.91 -12.45
N TRP C 471 1.25 -7.90 -12.54
CA TRP C 471 1.64 -9.32 -12.42
C TRP C 471 1.67 -9.99 -13.80
N GLY C 472 1.07 -9.34 -14.80
CA GLY C 472 0.90 -9.93 -16.12
C GLY C 472 2.18 -10.31 -16.84
N ILE C 473 3.12 -9.38 -16.91
CA ILE C 473 4.41 -9.62 -17.57
C ILE C 473 5.28 -10.67 -16.83
N GLN C 474 5.22 -10.68 -15.50
CA GLN C 474 6.01 -11.59 -14.65
C GLN C 474 5.87 -13.06 -15.04
N ASN C 475 4.68 -13.45 -15.50
CA ASN C 475 4.39 -14.83 -15.87
C ASN C 475 5.23 -15.32 -17.04
N TYR C 476 5.83 -14.38 -17.76
CA TYR C 476 6.56 -14.71 -18.97
C TYR C 476 8.03 -14.28 -18.88
N LEU C 477 8.52 -14.04 -17.66
CA LEU C 477 9.88 -13.59 -17.46
C LEU C 477 10.79 -14.67 -16.91
N ASN C 478 12.04 -14.68 -17.35
CA ASN C 478 13.17 -15.29 -16.62
C ASN C 478 13.79 -14.23 -15.70
N ILE C 479 13.58 -14.36 -14.39
CA ILE C 479 14.22 -13.51 -13.39
C ILE C 479 15.67 -13.97 -13.18
N LYS C 480 16.61 -13.35 -13.89
CA LYS C 480 17.99 -13.79 -13.83
C LYS C 480 18.81 -13.03 -12.77
N GLN C 481 19.35 -13.75 -11.81
CA GLN C 481 20.35 -13.22 -10.90
C GLN C 481 21.72 -13.12 -11.59
N VAL C 482 22.36 -11.95 -11.49
CA VAL C 482 23.71 -11.73 -11.98
C VAL C 482 24.56 -11.26 -10.82
N THR C 483 25.45 -12.10 -10.34
CA THR C 483 26.27 -11.72 -9.20
C THR C 483 27.74 -11.80 -9.56
N GLN C 484 28.43 -10.68 -9.41
CA GLN C 484 29.82 -10.62 -9.83
C GLN C 484 30.80 -10.33 -8.70
N ASP C 485 31.93 -11.00 -8.75
CA ASP C 485 33.05 -10.73 -7.87
C ASP C 485 33.85 -9.57 -8.47
N ILE C 486 33.95 -8.46 -7.73
CA ILE C 486 34.70 -7.30 -8.21
C ILE C 486 36.02 -7.06 -7.48
N SER C 487 36.50 -8.06 -6.73
CA SER C 487 37.67 -7.86 -5.88
C SER C 487 39.00 -8.01 -6.61
N ASP C 488 39.06 -8.93 -7.55
CA ASP C 488 40.33 -9.38 -8.13
C ASP C 488 41.28 -9.80 -7.01
N GLU C 489 40.77 -10.56 -6.06
CA GLU C 489 41.60 -11.17 -5.02
C GLU C 489 41.25 -12.66 -5.02
N PRO C 490 42.14 -13.52 -4.51
CA PRO C 490 41.77 -14.94 -4.47
C PRO C 490 40.57 -15.18 -3.57
N TRP C 491 39.82 -16.24 -3.83
CA TRP C 491 38.68 -16.62 -3.00
C TRP C 491 39.20 -16.98 -1.61
N GLY C 492 40.32 -17.68 -1.58
CA GLY C 492 40.99 -18.04 -0.33
C GLY C 492 40.31 -19.12 0.51
N TRP C 493 39.65 -20.06 -0.16
CA TRP C 493 39.02 -21.15 0.59
C TRP C 493 39.92 -22.38 0.52
N TYR C 494 40.56 -22.55 -0.63
CA TYR C 494 41.43 -23.69 -0.86
C TYR C 494 42.90 -23.32 -0.72
N LYS C 495 43.73 -24.29 -0.36
CA LYS C 495 45.18 -24.09 -0.22
C LYS C 495 45.85 -24.00 -1.58
N SER C 496 46.61 -22.93 -1.82
CA SER C 496 47.12 -22.66 -3.15
C SER C 496 48.32 -23.49 -3.62
N PRO C 497 49.10 -24.02 -2.68
CA PRO C 497 50.45 -24.53 -2.99
C PRO C 497 51.36 -23.40 -3.53
N PHE D 3 31.29 -37.95 19.74
CA PHE D 3 30.32 -37.20 18.93
C PHE D 3 29.01 -37.98 18.78
N PRO D 4 28.10 -37.85 19.75
CA PRO D 4 26.83 -38.59 19.81
C PRO D 4 25.62 -37.91 19.12
N ILE D 5 24.76 -38.72 18.52
CA ILE D 5 23.56 -38.25 17.83
C ILE D 5 22.29 -38.35 18.70
N PRO D 6 21.51 -37.25 18.79
CA PRO D 6 20.24 -37.31 19.52
C PRO D 6 19.29 -38.39 19.00
N ALA D 7 18.25 -38.67 19.78
CA ALA D 7 17.23 -39.61 19.37
C ALA D 7 15.89 -38.93 19.51
N ARG D 8 15.27 -38.61 18.37
CA ARG D 8 14.06 -37.80 18.38
C ARG D 8 12.84 -38.57 17.89
N GLN D 9 11.67 -38.03 18.21
CA GLN D 9 10.47 -38.47 17.54
C GLN D 9 10.15 -37.46 16.42
N LEU D 10 9.00 -37.62 15.78
CA LEU D 10 8.48 -36.62 14.86
C LEU D 10 8.11 -35.37 15.65
N PHE D 11 8.12 -34.22 14.99
CA PHE D 11 7.72 -32.97 15.63
C PHE D 11 6.37 -32.52 15.08
N ILE D 12 5.33 -32.68 15.87
CA ILE D 12 3.98 -32.42 15.39
C ILE D 12 3.20 -31.68 16.45
N ASP D 13 2.57 -30.57 16.04
CA ASP D 13 1.75 -29.78 16.95
C ASP D 13 2.52 -29.43 18.22
N GLY D 14 3.80 -29.09 18.07
CA GLY D 14 4.59 -28.63 19.18
C GLY D 14 5.09 -29.70 20.13
N GLU D 15 4.80 -30.98 19.85
CA GLU D 15 5.31 -32.02 20.73
C GLU D 15 6.01 -33.12 19.94
N TRP D 16 6.68 -34.01 20.67
CA TRP D 16 7.38 -35.10 20.01
C TRP D 16 6.48 -36.32 19.98
N ARG D 17 6.22 -36.80 18.76
CA ARG D 17 5.26 -37.86 18.51
C ARG D 17 5.89 -39.07 17.83
N GLU D 18 5.68 -40.24 18.41
CA GLU D 18 6.11 -41.47 17.77
C GLU D 18 5.32 -41.64 16.48
N PRO D 19 5.94 -42.14 15.40
CA PRO D 19 5.15 -42.43 14.21
C PRO D 19 4.04 -43.41 14.57
N ILE D 20 2.93 -43.39 13.83
CA ILE D 20 1.77 -44.15 14.23
C ILE D 20 2.01 -45.65 13.98
N LYS D 21 2.84 -45.98 13.00
CA LYS D 21 3.20 -47.37 12.74
C LYS D 21 4.57 -47.69 13.35
N LYS D 22 5.16 -46.67 13.98
CA LYS D 22 6.31 -46.82 14.88
C LYS D 22 7.59 -47.26 14.21
N ASN D 23 7.69 -47.02 12.91
CA ASN D 23 8.89 -47.36 12.14
C ASN D 23 10.05 -46.40 12.39
N ARG D 24 11.27 -46.89 12.19
CA ARG D 24 12.48 -46.07 12.32
C ARG D 24 13.54 -46.53 11.32
N ILE D 25 14.36 -45.60 10.88
N ILE D 25 14.38 -45.59 10.90
CA ILE D 25 15.40 -45.92 9.90
CA ILE D 25 15.39 -45.84 9.88
C ILE D 25 16.76 -45.40 10.35
C ILE D 25 16.77 -45.40 10.37
N PRO D 26 17.82 -46.14 10.01
CA PRO D 26 19.20 -45.81 10.37
C PRO D 26 19.71 -44.47 9.87
N VAL D 27 20.52 -43.83 10.71
CA VAL D 27 21.36 -42.71 10.30
C VAL D 27 22.78 -43.21 10.19
N ILE D 28 23.38 -43.02 9.02
CA ILE D 28 24.75 -43.48 8.76
C ILE D 28 25.74 -42.32 8.68
N ASN D 29 26.86 -42.44 9.38
CA ASN D 29 27.98 -41.54 9.13
C ASN D 29 28.69 -41.90 7.83
N PRO D 30 28.55 -41.05 6.79
CA PRO D 30 29.10 -41.39 5.47
C PRO D 30 30.63 -41.49 5.51
N SER D 31 31.22 -41.00 6.60
CA SER D 31 32.65 -40.98 6.78
C SER D 31 33.21 -42.28 7.36
N THR D 32 32.34 -43.04 8.01
CA THR D 32 32.72 -44.29 8.66
C THR D 32 31.87 -45.49 8.21
N GLU D 33 30.81 -45.20 7.46
CA GLU D 33 29.86 -46.21 6.99
C GLU D 33 29.09 -46.89 8.13
N GLU D 34 29.29 -46.39 9.34
CA GLU D 34 28.72 -46.89 10.59
C GLU D 34 27.27 -46.42 10.81
N ILE D 35 26.39 -47.31 11.28
CA ILE D 35 25.11 -46.88 11.83
C ILE D 35 25.36 -46.06 13.09
N ILE D 36 25.01 -44.78 13.09
CA ILE D 36 25.27 -43.97 14.27
C ILE D 36 24.05 -43.53 15.04
N GLY D 37 22.87 -43.82 14.52
CA GLY D 37 21.68 -43.48 15.27
C GLY D 37 20.42 -43.89 14.56
N ASP D 38 19.33 -43.19 14.86
CA ASP D 38 18.00 -43.58 14.48
C ASP D 38 17.10 -42.37 14.26
N ILE D 39 16.34 -42.35 13.17
CA ILE D 39 15.34 -41.29 12.97
C ILE D 39 13.96 -41.88 12.72
N PRO D 40 12.91 -41.19 13.18
CA PRO D 40 11.58 -41.75 12.95
C PRO D 40 11.23 -41.76 11.45
N ALA D 41 10.41 -42.74 11.07
CA ALA D 41 10.02 -42.95 9.69
C ALA D 41 8.52 -42.80 9.53
N ALA D 42 8.10 -41.57 9.23
CA ALA D 42 6.68 -41.25 9.16
C ALA D 42 6.00 -41.92 7.98
N THR D 43 4.71 -42.17 8.15
CA THR D 43 3.83 -42.70 7.11
C THR D 43 2.67 -41.76 6.86
N ALA D 44 1.77 -42.14 5.96
CA ALA D 44 0.67 -41.27 5.56
C ALA D 44 -0.23 -40.97 6.76
N GLU D 45 -0.27 -41.89 7.72
CA GLU D 45 -1.08 -41.65 8.90
C GLU D 45 -0.50 -40.46 9.67
N ASP D 46 0.81 -40.36 9.73
CA ASP D 46 1.46 -39.23 10.43
C ASP D 46 1.29 -37.92 9.66
N VAL D 47 1.21 -38.02 8.34
CA VAL D 47 1.03 -36.85 7.49
C VAL D 47 -0.34 -36.28 7.76
N GLU D 48 -1.33 -37.17 7.77
CA GLU D 48 -2.69 -36.77 8.10
C GLU D 48 -2.74 -35.94 9.39
N VAL D 49 -2.04 -36.40 10.44
CA VAL D 49 -2.07 -35.73 11.74
C VAL D 49 -1.36 -34.36 11.72
N ALA D 50 -0.24 -34.30 10.99
CA ALA D 50 0.53 -33.08 10.83
C ALA D 50 -0.23 -32.01 10.04
N VAL D 51 -0.93 -32.41 8.98
CA VAL D 51 -1.68 -31.46 8.17
C VAL D 51 -2.89 -30.90 8.95
N VAL D 52 -3.62 -31.81 9.59
CA VAL D 52 -4.67 -31.43 10.53
C VAL D 52 -4.14 -30.40 11.54
N ALA D 53 -2.97 -30.66 12.13
CA ALA D 53 -2.38 -29.71 13.10
C ALA D 53 -1.97 -28.35 12.51
N ALA D 54 -1.38 -28.38 11.31
CA ALA D 54 -1.02 -27.17 10.62
C ALA D 54 -2.28 -26.37 10.25
N ARG D 55 -3.32 -27.07 9.82
CA ARG D 55 -4.56 -26.42 9.42
C ARG D 55 -5.25 -25.74 10.61
N ARG D 56 -5.34 -26.46 11.72
CA ARG D 56 -5.83 -25.90 12.98
C ARG D 56 -5.00 -24.68 13.37
N ALA D 57 -3.67 -24.83 13.31
CA ALA D 57 -2.77 -23.75 13.72
C ALA D 57 -2.94 -22.53 12.82
N PHE D 58 -3.25 -22.79 11.54
CA PHE D 58 -3.49 -21.71 10.58
C PHE D 58 -4.79 -20.96 10.85
N ARG D 59 -5.77 -21.67 11.42
CA ARG D 59 -7.05 -21.05 11.72
C ARG D 59 -7.06 -20.30 13.05
N ARG D 60 -6.07 -20.51 13.91
CA ARG D 60 -6.03 -19.81 15.20
C ARG D 60 -5.79 -18.31 14.96
N ASN D 61 -5.91 -17.49 16.00
CA ASN D 61 -5.71 -16.06 15.80
C ASN D 61 -4.36 -15.60 16.33
N ASN D 62 -3.41 -16.52 16.46
CA ASN D 62 -2.12 -16.12 16.95
C ASN D 62 -0.98 -16.21 15.93
N TRP D 63 -1.30 -16.44 14.65
CA TRP D 63 -0.26 -16.57 13.63
C TRP D 63 -0.59 -15.94 12.28
N SER D 64 -1.46 -16.59 11.52
CA SER D 64 -1.61 -16.31 10.09
C SER D 64 -2.28 -14.97 9.76
N ALA D 65 -3.06 -14.41 10.67
CA ALA D 65 -3.68 -13.11 10.44
C ALA D 65 -3.10 -12.04 11.38
N THR D 66 -2.09 -12.42 12.15
CA THR D 66 -1.25 -11.46 12.85
C THR D 66 -0.41 -10.66 11.88
N SER D 67 0.28 -9.64 12.40
CA SER D 67 1.13 -8.78 11.59
C SER D 67 2.43 -9.50 11.21
N GLY D 68 2.97 -9.14 10.05
CA GLY D 68 4.32 -9.55 9.71
C GLY D 68 5.32 -9.21 10.80
N ALA D 69 5.18 -8.04 11.43
CA ALA D 69 6.11 -7.63 12.47
C ALA D 69 6.05 -8.58 13.68
N HIS D 70 4.85 -9.03 14.01
CA HIS D 70 4.70 -9.97 15.11
C HIS D 70 5.39 -11.29 14.79
N ARG D 71 5.14 -11.84 13.60
CA ARG D 71 5.81 -13.09 13.23
C ARG D 71 7.34 -12.86 13.15
N ALA D 72 7.76 -11.64 12.82
CA ALA D 72 9.20 -11.38 12.75
C ALA D 72 9.91 -11.52 14.10
N THR D 73 9.18 -11.37 15.20
CA THR D 73 9.80 -11.53 16.51
C THR D 73 10.24 -12.98 16.68
N TYR D 74 9.42 -13.93 16.22
CA TYR D 74 9.82 -15.34 16.26
C TYR D 74 11.02 -15.60 15.36
N LEU D 75 10.95 -15.11 14.13
CA LEU D 75 12.05 -15.32 13.18
C LEU D 75 13.39 -14.82 13.71
N ARG D 76 13.40 -13.63 14.30
CA ARG D 76 14.65 -13.16 14.92
C ARG D 76 15.09 -14.00 16.12
N ALA D 77 14.13 -14.40 16.95
CA ALA D 77 14.44 -15.26 18.08
C ALA D 77 14.99 -16.60 17.60
N ILE D 78 14.45 -17.09 16.50
CA ILE D 78 14.92 -18.35 15.94
C ILE D 78 16.39 -18.16 15.49
N ALA D 79 16.64 -17.08 14.76
CA ALA D 79 17.99 -16.75 14.30
C ALA D 79 18.93 -16.63 15.50
N ALA D 80 18.45 -16.02 16.59
CA ALA D 80 19.23 -15.94 17.81
C ALA D 80 19.54 -17.32 18.40
N LYS D 81 18.51 -18.16 18.52
CA LYS D 81 18.65 -19.45 19.17
C LYS D 81 19.66 -20.29 18.41
N ILE D 82 19.55 -20.26 17.08
CA ILE D 82 20.50 -20.96 16.22
C ILE D 82 21.95 -20.51 16.46
N THR D 83 22.17 -19.20 16.47
CA THR D 83 23.52 -18.67 16.73
C THR D 83 24.02 -19.10 18.10
N GLU D 84 23.14 -19.08 19.10
CA GLU D 84 23.48 -19.50 20.45
C GLU D 84 23.91 -20.96 20.47
N LYS D 85 23.18 -21.81 19.77
CA LYS D 85 23.52 -23.24 19.71
C LYS D 85 24.34 -23.59 18.46
N LYS D 86 25.15 -22.64 18.02
CA LYS D 86 25.96 -22.79 16.81
C LYS D 86 26.82 -24.06 16.82
N ASP D 87 27.57 -24.28 17.90
CA ASP D 87 28.51 -25.39 17.94
C ASP D 87 27.79 -26.73 17.82
N HIS D 88 26.64 -26.83 18.49
CA HIS D 88 25.85 -28.04 18.48
C HIS D 88 25.36 -28.41 17.08
N PHE D 89 24.77 -27.45 16.37
CA PHE D 89 24.24 -27.69 15.02
C PHE D 89 25.35 -27.97 14.00
N VAL D 90 26.45 -27.24 14.10
CA VAL D 90 27.61 -27.48 13.23
C VAL D 90 28.11 -28.92 13.36
N LYS D 91 28.26 -29.37 14.60
CA LYS D 91 28.79 -30.70 14.85
C LYS D 91 27.83 -31.78 14.32
N LEU D 92 26.52 -31.56 14.48
CA LEU D 92 25.55 -32.52 14.02
C LEU D 92 25.48 -32.56 12.49
N GLU D 93 25.62 -31.39 11.87
CA GLU D 93 25.52 -31.28 10.42
C GLU D 93 26.74 -31.93 9.75
N THR D 94 27.90 -31.73 10.38
CA THR D 94 29.16 -32.31 9.92
C THR D 94 29.07 -33.85 9.96
N ILE D 95 28.64 -34.37 11.10
CA ILE D 95 28.44 -35.80 11.28
C ILE D 95 27.47 -36.42 10.28
N ASP D 96 26.34 -35.75 10.12
CA ASP D 96 25.21 -36.27 9.36
C ASP D 96 25.42 -36.16 7.85
N SER D 97 25.92 -35.01 7.40
CA SER D 97 26.00 -34.72 5.95
C SER D 97 27.32 -35.13 5.31
N GLY D 98 28.36 -35.21 6.14
CA GLY D 98 29.69 -35.56 5.69
C GLY D 98 30.47 -34.45 5.03
N LYS D 99 29.97 -33.22 5.15
CA LYS D 99 30.66 -32.07 4.60
C LYS D 99 31.71 -31.63 5.58
N PRO D 100 32.81 -31.06 5.08
CA PRO D 100 33.90 -30.62 5.96
C PRO D 100 33.37 -29.65 7.02
N PHE D 101 33.83 -29.82 8.26
CA PHE D 101 33.49 -28.93 9.38
C PHE D 101 33.43 -27.45 9.01
N ASP D 102 34.46 -26.97 8.30
CA ASP D 102 34.51 -25.57 7.91
C ASP D 102 33.33 -25.19 7.01
N GLU D 103 32.80 -26.14 6.25
CA GLU D 103 31.66 -25.82 5.39
C GLU D 103 30.42 -25.72 6.28
N ALA D 104 30.29 -26.67 7.20
CA ALA D 104 29.16 -26.70 8.14
C ALA D 104 29.07 -25.42 8.97
N VAL D 105 30.23 -24.89 9.38
CA VAL D 105 30.27 -23.60 10.09
C VAL D 105 29.51 -22.54 9.28
N LEU D 106 29.82 -22.44 7.98
CA LEU D 106 29.20 -21.45 7.09
C LEU D 106 27.68 -21.64 6.99
N ASP D 107 27.28 -22.89 6.76
CA ASP D 107 25.87 -23.29 6.70
C ASP D 107 25.08 -22.76 7.89
N ILE D 108 25.54 -23.09 9.10
CA ILE D 108 24.78 -22.70 10.28
C ILE D 108 24.80 -21.18 10.43
N ASP D 109 25.90 -20.55 10.03
CA ASP D 109 25.90 -19.09 9.99
C ASP D 109 24.84 -18.56 9.01
N ASP D 110 24.64 -19.27 7.90
CA ASP D 110 23.70 -18.84 6.86
C ASP D 110 22.27 -19.13 7.30
N VAL D 111 22.08 -20.12 8.15
CA VAL D 111 20.75 -20.40 8.66
C VAL D 111 20.27 -19.18 9.44
N ALA D 112 21.05 -18.75 10.44
CA ALA D 112 20.72 -17.56 11.21
C ALA D 112 20.46 -16.35 10.33
N SER D 113 21.35 -16.10 9.37
CA SER D 113 21.24 -14.97 8.44
C SER D 113 19.93 -15.02 7.66
N CYS D 114 19.52 -16.22 7.29
CA CYS D 114 18.32 -16.37 6.53
C CYS D 114 17.06 -16.03 7.33
N PHE D 115 16.99 -16.50 8.58
CA PHE D 115 15.87 -16.15 9.43
C PHE D 115 15.85 -14.64 9.70
N GLU D 116 17.03 -14.05 9.86
CA GLU D 116 17.16 -12.60 10.09
C GLU D 116 16.58 -11.80 8.94
N TYR D 117 17.03 -12.15 7.74
CA TYR D 117 16.57 -11.50 6.53
C TYR D 117 15.05 -11.58 6.36
N PHE D 118 14.44 -12.73 6.69
CA PHE D 118 13.01 -12.87 6.46
C PHE D 118 12.18 -12.24 7.57
N ALA D 119 12.78 -12.13 8.74
CA ALA D 119 12.25 -11.20 9.73
C ALA D 119 12.03 -9.83 9.08
N GLY D 120 13.07 -9.32 8.42
CA GLY D 120 13.02 -8.00 7.81
C GLY D 120 11.93 -7.93 6.75
N GLN D 121 11.79 -9.00 5.97
CA GLN D 121 10.77 -9.02 4.93
C GLN D 121 9.36 -9.11 5.52
N ALA D 122 9.21 -9.88 6.60
CA ALA D 122 7.91 -9.97 7.28
C ALA D 122 7.46 -8.58 7.73
N GLU D 123 8.39 -7.82 8.28
CA GLU D 123 8.12 -6.45 8.68
C GLU D 123 7.76 -5.59 7.47
N ALA D 124 8.48 -5.77 6.35
CA ALA D 124 8.17 -5.05 5.13
C ALA D 124 6.77 -5.37 4.60
N LEU D 125 6.35 -6.61 4.80
CA LEU D 125 5.05 -7.07 4.33
C LEU D 125 3.92 -6.20 4.87
N ASP D 126 4.00 -5.84 6.14
CA ASP D 126 3.07 -4.83 6.68
C ASP D 126 3.40 -3.53 5.96
N GLY D 127 2.42 -2.96 5.28
CA GLY D 127 2.71 -1.75 4.54
C GLY D 127 2.69 -2.03 3.06
N LYS D 128 2.72 -3.31 2.70
CA LYS D 128 2.37 -3.70 1.34
C LYS D 128 0.88 -4.03 1.26
N GLN D 129 0.22 -4.06 2.42
CA GLN D 129 -1.19 -4.42 2.51
C GLN D 129 -2.13 -3.32 1.98
N LYS D 130 -3.19 -3.74 1.27
CA LYS D 130 -4.16 -2.82 0.69
C LYS D 130 -3.49 -1.88 -0.31
N ALA D 131 -2.45 -2.37 -0.97
CA ALA D 131 -1.67 -1.56 -1.88
C ALA D 131 -2.60 -1.04 -2.97
N PRO D 132 -2.54 0.28 -3.26
CA PRO D 132 -3.48 0.93 -4.19
C PRO D 132 -3.35 0.47 -5.65
N VAL D 133 -4.48 0.16 -6.30
CA VAL D 133 -4.48 -0.11 -7.75
C VAL D 133 -5.38 0.88 -8.52
N THR D 134 -4.79 1.66 -9.43
CA THR D 134 -5.54 2.73 -10.08
C THR D 134 -6.41 2.21 -11.21
N LEU D 135 -7.67 2.64 -11.22
CA LEU D 135 -8.62 2.23 -12.25
C LEU D 135 -9.08 3.44 -13.06
N PRO D 136 -9.40 3.21 -14.34
CA PRO D 136 -9.97 4.28 -15.18
C PRO D 136 -11.34 4.72 -14.66
N MET D 137 -12.35 3.89 -14.86
CA MET D 137 -13.71 4.17 -14.37
C MET D 137 -13.73 4.57 -12.90
N GLU D 138 -14.17 5.81 -12.63
CA GLU D 138 -14.20 6.37 -11.27
C GLU D 138 -15.23 5.69 -10.38
N ARG D 139 -16.16 4.99 -11.02
CA ARG D 139 -17.17 4.19 -10.32
C ARG D 139 -16.55 3.13 -9.39
N PHE D 140 -15.40 2.61 -9.81
CA PHE D 140 -14.73 1.54 -9.06
C PHE D 140 -13.36 1.94 -8.50
N LYS D 141 -13.06 1.42 -7.32
CA LYS D 141 -11.72 1.52 -6.73
C LYS D 141 -11.18 0.12 -6.44
N SER D 142 -9.85 -0.02 -6.40
CA SER D 142 -9.23 -1.34 -6.28
C SER D 142 -8.01 -1.31 -5.38
N HIS D 143 -7.67 -2.46 -4.81
CA HIS D 143 -6.42 -2.64 -4.07
C HIS D 143 -6.11 -4.12 -3.89
N VAL D 144 -5.00 -4.40 -3.21
CA VAL D 144 -4.48 -5.77 -3.10
C VAL D 144 -4.10 -6.12 -1.66
N LEU D 145 -4.61 -7.26 -1.19
CA LEU D 145 -4.14 -7.84 0.05
C LEU D 145 -3.15 -8.95 -0.26
N ARG D 146 -2.16 -9.08 0.61
CA ARG D 146 -1.22 -10.19 0.55
C ARG D 146 -1.43 -11.15 1.75
N GLN D 147 -2.31 -12.13 1.57
CA GLN D 147 -2.68 -13.06 2.62
C GLN D 147 -1.90 -14.37 2.45
N PRO D 148 -1.68 -15.09 3.55
CA PRO D 148 -0.98 -16.37 3.44
C PRO D 148 -1.84 -17.38 2.69
N LEU D 149 -1.22 -18.17 1.83
CA LEU D 149 -1.95 -19.21 1.13
C LEU D 149 -2.58 -20.27 2.02
N GLY D 150 -1.93 -20.61 3.12
CA GLY D 150 -2.47 -21.59 4.04
C GLY D 150 -1.46 -22.62 4.49
N VAL D 151 -1.78 -23.90 4.30
CA VAL D 151 -0.91 -24.98 4.73
C VAL D 151 0.03 -25.43 3.58
N VAL D 152 1.33 -25.42 3.83
CA VAL D 152 2.26 -25.71 2.74
C VAL D 152 3.17 -26.88 3.10
N GLY D 153 3.46 -27.69 2.11
CA GLY D 153 4.37 -28.78 2.29
C GLY D 153 5.71 -28.35 1.75
N LEU D 154 6.74 -28.47 2.59
CA LEU D 154 8.11 -28.07 2.24
C LEU D 154 8.96 -29.31 2.15
N ILE D 155 9.61 -29.53 1.01
CA ILE D 155 10.44 -30.71 0.87
C ILE D 155 11.86 -30.35 0.43
N SER D 156 12.84 -30.64 1.28
CA SER D 156 14.19 -30.12 1.14
C SER D 156 15.26 -31.22 1.10
N PRO D 157 16.36 -30.98 0.38
CA PRO D 157 17.37 -32.01 0.15
C PRO D 157 18.47 -32.09 1.19
N TRP D 158 19.25 -33.16 1.12
CA TRP D 158 20.26 -33.46 2.13
C TRP D 158 21.59 -32.74 1.98
N ASN D 159 21.88 -32.11 0.85
CA ASN D 159 23.23 -31.59 0.62
C ASN D 159 23.59 -30.36 1.49
N TYR D 160 22.59 -29.58 1.90
CA TYR D 160 22.77 -28.58 2.96
C TYR D 160 21.55 -28.70 3.84
N PRO D 161 21.56 -29.66 4.76
CA PRO D 161 20.35 -30.13 5.46
C PRO D 161 19.51 -29.01 6.07
N LEU D 162 20.07 -28.30 7.03
CA LEU D 162 19.30 -27.29 7.73
C LEU D 162 19.08 -26.06 6.87
N LEU D 163 20.10 -25.69 6.10
CA LEU D 163 20.02 -24.46 5.31
C LEU D 163 18.94 -24.55 4.23
N MET D 164 18.84 -25.69 3.53
CA MET D 164 17.83 -25.77 2.45
C MET D 164 16.41 -25.86 3.05
N ALA D 165 16.29 -26.44 4.24
CA ALA D 165 15.03 -26.43 4.98
C ALA D 165 14.64 -24.98 5.30
N THR D 166 15.61 -24.25 5.83
CA THR D 166 15.42 -22.84 6.20
C THR D 166 15.03 -21.96 5.00
N TRP D 167 15.62 -22.19 3.84
CA TRP D 167 15.25 -21.46 2.62
C TRP D 167 13.75 -21.54 2.30
N LYS D 168 13.09 -22.54 2.86
CA LYS D 168 11.65 -22.72 2.68
C LYS D 168 10.87 -22.31 3.92
N ILE D 169 11.39 -22.69 5.09
CA ILE D 169 10.71 -22.43 6.36
C ILE D 169 10.60 -20.92 6.55
N ALA D 170 11.71 -20.22 6.36
CA ALA D 170 11.78 -18.79 6.74
C ALA D 170 10.77 -17.93 5.97
N PRO D 171 10.77 -17.99 4.62
CA PRO D 171 9.74 -17.21 3.92
C PRO D 171 8.29 -17.66 4.12
N ALA D 172 8.04 -18.97 4.24
CA ALA D 172 6.69 -19.46 4.55
C ALA D 172 6.15 -18.93 5.88
N LEU D 173 6.94 -19.04 6.95
CA LEU D 173 6.55 -18.51 8.25
C LEU D 173 6.38 -16.98 8.18
N ALA D 174 7.32 -16.33 7.50
CA ALA D 174 7.23 -14.88 7.28
C ALA D 174 5.89 -14.49 6.61
N ALA D 175 5.42 -15.32 5.68
CA ALA D 175 4.24 -15.01 4.89
C ALA D 175 2.95 -15.22 5.66
N GLY D 176 3.06 -15.86 6.81
CA GLY D 176 1.89 -16.18 7.62
C GLY D 176 1.38 -17.59 7.43
N CYS D 177 2.09 -18.40 6.67
CA CYS D 177 1.69 -19.79 6.46
C CYS D 177 2.02 -20.66 7.67
N THR D 178 1.47 -21.88 7.68
CA THR D 178 1.91 -22.93 8.60
C THR D 178 2.35 -24.08 7.69
N ALA D 179 3.25 -24.94 8.15
CA ALA D 179 3.97 -25.81 7.23
C ALA D 179 4.23 -27.21 7.76
N VAL D 180 4.31 -28.15 6.83
CA VAL D 180 4.83 -29.48 7.10
C VAL D 180 6.17 -29.66 6.36
N LEU D 181 7.26 -29.89 7.09
CA LEU D 181 8.58 -30.06 6.48
C LEU D 181 8.97 -31.55 6.36
N LYS D 182 9.36 -31.96 5.17
CA LYS D 182 9.83 -33.33 4.95
C LYS D 182 11.28 -33.28 4.44
N PRO D 183 12.22 -33.42 5.37
CA PRO D 183 13.65 -33.40 5.06
C PRO D 183 14.07 -34.76 4.46
N SER D 184 15.20 -34.77 3.78
CA SER D 184 15.75 -35.99 3.21
C SER D 184 16.06 -37.00 4.32
N GLU D 185 15.72 -38.25 4.07
CA GLU D 185 16.09 -39.37 4.91
C GLU D 185 17.59 -39.52 5.08
N LEU D 186 18.36 -39.04 4.10
CA LEU D 186 19.82 -39.10 4.15
C LEU D 186 20.49 -38.14 5.15
N ALA D 187 19.81 -37.03 5.48
CA ALA D 187 20.38 -36.07 6.44
C ALA D 187 19.27 -35.29 7.16
N SER D 188 18.72 -35.93 8.20
CA SER D 188 17.55 -35.44 8.90
C SER D 188 17.84 -34.93 10.30
N VAL D 189 19.08 -35.06 10.77
CA VAL D 189 19.35 -34.85 12.18
C VAL D 189 19.09 -33.42 12.61
N THR D 190 19.74 -32.47 11.96
CA THR D 190 19.62 -31.06 12.38
C THR D 190 18.20 -30.52 12.13
N CYS D 191 17.47 -31.08 11.17
CA CYS D 191 16.10 -30.59 10.91
C CYS D 191 15.15 -30.98 12.05
N LEU D 192 15.30 -32.19 12.56
CA LEU D 192 14.59 -32.59 13.76
C LEU D 192 14.99 -31.76 14.96
N GLU D 193 16.28 -31.50 15.10
CA GLU D 193 16.77 -30.65 16.20
C GLU D 193 16.10 -29.28 16.13
N PHE D 194 15.75 -28.84 14.93
CA PHE D 194 15.10 -27.56 14.76
C PHE D 194 13.75 -27.48 15.50
N GLY D 195 13.09 -28.61 15.69
CA GLY D 195 11.86 -28.66 16.46
C GLY D 195 12.02 -28.16 17.89
N GLU D 196 13.14 -28.50 18.52
CA GLU D 196 13.43 -28.03 19.87
C GLU D 196 13.60 -26.51 19.90
N VAL D 197 14.19 -25.98 18.84
CA VAL D 197 14.33 -24.53 18.69
C VAL D 197 12.97 -23.85 18.56
N CYS D 198 12.08 -24.44 17.77
CA CYS D 198 10.72 -23.96 17.69
C CYS D 198 10.07 -23.89 19.08
N ASN D 199 10.19 -24.94 19.88
CA ASN D 199 9.53 -24.84 21.19
C ASN D 199 10.21 -23.84 22.12
N GLU D 200 11.55 -23.74 22.06
CA GLU D 200 12.30 -22.81 22.90
C GLU D 200 11.92 -21.35 22.64
N VAL D 201 11.60 -20.99 21.40
CA VAL D 201 11.20 -19.62 21.11
C VAL D 201 9.69 -19.47 21.23
N GLY D 202 9.01 -20.58 21.53
CA GLY D 202 7.60 -20.54 21.76
C GLY D 202 6.80 -20.39 20.49
N LEU D 203 7.31 -20.92 19.39
CA LEU D 203 6.51 -21.00 18.16
C LEU D 203 5.15 -21.66 18.48
N PRO D 204 4.05 -21.07 18.04
CA PRO D 204 2.77 -21.71 18.37
C PRO D 204 2.66 -23.13 17.78
N PRO D 205 2.14 -24.09 18.55
CA PRO D 205 2.01 -25.48 18.10
C PRO D 205 1.32 -25.64 16.75
N GLY D 206 1.93 -26.47 15.90
CA GLY D 206 1.35 -26.80 14.60
C GLY D 206 1.77 -25.84 13.50
N VAL D 207 2.39 -24.73 13.87
CA VAL D 207 2.82 -23.78 12.86
C VAL D 207 3.93 -24.36 11.98
N LEU D 208 4.89 -25.06 12.58
CA LEU D 208 5.83 -25.91 11.80
C LEU D 208 5.82 -27.33 12.33
N ASN D 209 5.70 -28.28 11.40
CA ASN D 209 5.65 -29.70 11.72
C ASN D 209 6.74 -30.42 10.92
N ILE D 210 7.47 -31.31 11.58
CA ILE D 210 8.65 -31.92 10.98
C ILE D 210 8.49 -33.43 10.92
N LEU D 211 8.30 -33.93 9.71
CA LEU D 211 8.15 -35.36 9.43
C LEU D 211 9.32 -35.91 8.64
N THR D 212 10.12 -36.73 9.30
CA THR D 212 11.20 -37.44 8.63
C THR D 212 10.74 -38.80 8.10
N GLY D 213 11.47 -39.33 7.13
CA GLY D 213 11.16 -40.65 6.60
C GLY D 213 11.48 -40.82 5.12
N LEU D 214 11.03 -41.93 4.53
CA LEU D 214 11.26 -42.20 3.12
C LEU D 214 10.29 -41.41 2.22
N GLY D 215 10.76 -41.06 1.03
CA GLY D 215 9.94 -40.37 0.05
C GLY D 215 8.54 -40.88 -0.20
N PRO D 216 8.40 -42.20 -0.47
CA PRO D 216 7.07 -42.77 -0.72
C PRO D 216 6.17 -42.77 0.51
N ASP D 217 6.74 -42.86 1.69
CA ASP D 217 5.93 -43.03 2.90
C ASP D 217 5.60 -41.71 3.57
N ALA D 218 6.53 -40.76 3.52
CA ALA D 218 6.33 -39.49 4.19
C ALA D 218 6.06 -38.37 3.18
N GLY D 219 6.92 -38.28 2.17
CA GLY D 219 6.81 -37.20 1.19
C GLY D 219 5.64 -37.30 0.23
N ALA D 220 5.42 -38.49 -0.36
CA ALA D 220 4.34 -38.67 -1.32
C ALA D 220 2.95 -38.34 -0.77
N PRO D 221 2.62 -38.79 0.46
CA PRO D 221 1.29 -38.42 0.98
C PRO D 221 1.11 -36.92 1.24
N LEU D 222 2.22 -36.24 1.56
CA LEU D 222 2.17 -34.79 1.78
C LEU D 222 1.76 -34.08 0.49
N VAL D 223 2.43 -34.38 -0.63
N VAL D 223 2.48 -34.39 -0.60
CA VAL D 223 2.15 -33.65 -1.86
CA VAL D 223 2.23 -33.80 -1.90
C VAL D 223 0.81 -34.06 -2.50
C VAL D 223 0.80 -34.03 -2.35
N SER D 224 0.30 -35.24 -2.17
CA SER D 224 -1.05 -35.57 -2.62
C SER D 224 -2.16 -35.28 -1.58
N HIS D 225 -1.81 -34.74 -0.40
CA HIS D 225 -2.85 -34.46 0.59
C HIS D 225 -3.82 -33.38 0.07
N PRO D 226 -5.14 -33.61 0.18
CA PRO D 226 -6.06 -32.63 -0.42
C PRO D 226 -6.13 -31.31 0.38
N ASP D 227 -5.60 -31.26 1.58
CA ASP D 227 -5.71 -30.00 2.33
C ASP D 227 -4.40 -29.21 2.39
N VAL D 228 -3.39 -29.66 1.67
CA VAL D 228 -2.14 -28.92 1.60
C VAL D 228 -2.28 -28.04 0.38
N ASP D 229 -2.03 -26.74 0.54
CA ASP D 229 -2.39 -25.78 -0.49
C ASP D 229 -1.27 -25.62 -1.50
N LYS D 230 -0.06 -25.97 -1.11
CA LYS D 230 1.10 -25.74 -2.00
C LYS D 230 2.28 -26.59 -1.58
N ILE D 231 3.10 -26.97 -2.56
CA ILE D 231 4.33 -27.67 -2.29
C ILE D 231 5.53 -26.93 -2.81
N ALA D 232 6.53 -26.78 -1.95
CA ALA D 232 7.80 -26.22 -2.34
C ALA D 232 8.82 -27.34 -2.31
N PHE D 233 9.50 -27.57 -3.43
CA PHE D 233 10.36 -28.75 -3.56
C PHE D 233 11.72 -28.42 -4.13
N THR D 234 12.77 -28.94 -3.50
CA THR D 234 14.11 -28.93 -4.10
C THR D 234 14.67 -30.37 -4.09
N GLY D 235 15.25 -30.77 -5.21
CA GLY D 235 15.74 -32.13 -5.39
C GLY D 235 16.08 -32.43 -6.84
N SER D 236 16.05 -33.72 -7.18
CA SER D 236 16.33 -34.17 -8.54
C SER D 236 15.20 -33.82 -9.50
N SER D 237 15.54 -33.56 -10.77
CA SER D 237 14.55 -33.26 -11.79
C SER D 237 13.60 -34.44 -11.93
N ALA D 238 14.16 -35.65 -11.84
CA ALA D 238 13.37 -36.87 -11.90
C ALA D 238 12.27 -36.89 -10.83
N THR D 239 12.64 -36.59 -9.59
CA THR D 239 11.65 -36.59 -8.51
C THR D 239 10.72 -35.37 -8.66
N GLY D 240 11.30 -34.26 -9.12
CA GLY D 240 10.51 -33.06 -9.39
C GLY D 240 9.33 -33.35 -10.31
N SER D 241 9.60 -34.11 -11.37
CA SER D 241 8.54 -34.47 -12.31
C SER D 241 7.45 -35.29 -11.62
N LYS D 242 7.84 -36.11 -10.66
CA LYS D 242 6.88 -36.92 -9.93
C LYS D 242 6.03 -36.08 -9.00
N VAL D 243 6.60 -35.12 -8.30
CA VAL D 243 5.73 -34.43 -7.35
C VAL D 243 4.82 -33.51 -8.15
N MET D 244 5.29 -32.98 -9.26
CA MET D 244 4.43 -32.10 -10.05
C MET D 244 3.28 -32.89 -10.67
N ALA D 245 3.57 -34.08 -11.19
CA ALA D 245 2.52 -34.92 -11.75
C ALA D 245 1.50 -35.25 -10.67
N SER D 246 1.97 -35.51 -9.45
CA SER D 246 1.07 -35.81 -8.35
C SER D 246 0.22 -34.60 -7.97
N ALA D 247 0.87 -33.45 -7.77
CA ALA D 247 0.17 -32.22 -7.43
C ALA D 247 -0.88 -31.88 -8.48
N ALA D 248 -0.61 -32.22 -9.74
CA ALA D 248 -1.52 -31.94 -10.84
C ALA D 248 -2.90 -32.55 -10.66
N GLN D 249 -2.98 -33.77 -10.13
CA GLN D 249 -4.28 -34.40 -9.86
C GLN D 249 -5.21 -33.43 -9.13
N LEU D 250 -4.67 -32.72 -8.18
CA LEU D 250 -5.48 -31.84 -7.38
C LEU D 250 -5.26 -30.35 -7.92
N VAL D 251 -4.59 -29.99 -9.01
N VAL D 251 -4.75 -29.93 -9.12
CA VAL D 251 -4.23 -28.63 -9.44
CA VAL D 251 -4.23 -28.63 -9.41
C VAL D 251 -3.59 -27.83 -8.29
C VAL D 251 -3.67 -27.87 -8.24
N LYS D 252 -2.77 -28.52 -7.51
CA LYS D 252 -1.99 -27.93 -6.43
C LYS D 252 -0.73 -27.25 -6.96
N PRO D 253 -0.55 -25.95 -6.66
CA PRO D 253 0.63 -25.27 -7.18
C PRO D 253 1.89 -25.85 -6.58
N VAL D 254 2.95 -25.67 -7.32
CA VAL D 254 4.22 -26.29 -7.06
C VAL D 254 5.34 -25.31 -7.39
N THR D 255 6.38 -25.22 -6.58
CA THR D 255 7.65 -24.64 -7.02
C THR D 255 8.75 -25.68 -6.97
N LEU D 256 9.68 -25.62 -7.94
CA LEU D 256 10.71 -26.64 -8.08
C LEU D 256 12.06 -26.05 -8.38
N GLU D 257 13.07 -26.39 -7.59
CA GLU D 257 14.43 -26.15 -8.07
C GLU D 257 15.06 -27.51 -8.22
N LEU D 258 15.49 -27.88 -9.42
CA LEU D 258 15.81 -29.27 -9.74
C LEU D 258 17.30 -29.56 -10.07
N GLY D 259 18.19 -28.66 -9.67
CA GLY D 259 19.60 -28.90 -9.88
C GLY D 259 19.91 -28.64 -11.33
N GLY D 260 20.92 -29.30 -11.87
CA GLY D 260 21.28 -29.05 -13.25
C GLY D 260 22.62 -29.58 -13.73
N LYS D 261 23.07 -29.05 -14.86
CA LYS D 261 24.39 -29.38 -15.41
C LYS D 261 25.02 -28.08 -15.86
N SER D 262 25.34 -27.23 -14.88
CA SER D 262 25.69 -25.83 -15.12
C SER D 262 27.10 -25.63 -15.67
N PRO D 263 27.26 -24.67 -16.59
CA PRO D 263 28.60 -24.47 -17.15
C PRO D 263 29.39 -23.37 -16.46
N ILE D 264 30.71 -23.51 -16.40
CA ILE D 264 31.63 -22.42 -16.11
C ILE D 264 32.45 -22.14 -17.38
N VAL D 265 32.27 -20.96 -17.93
N VAL D 265 32.29 -20.93 -17.91
CA VAL D 265 32.94 -20.62 -19.18
CA VAL D 265 32.90 -20.52 -19.17
C VAL D 265 34.11 -19.67 -18.90
C VAL D 265 34.11 -19.61 -18.95
N VAL D 266 35.30 -20.05 -19.37
CA VAL D 266 36.50 -19.29 -19.06
C VAL D 266 37.16 -18.81 -20.33
N PHE D 267 37.27 -17.49 -20.48
CA PHE D 267 37.97 -16.90 -21.61
C PHE D 267 39.45 -16.70 -21.26
N GLU D 268 40.23 -16.24 -22.24
CA GLU D 268 41.69 -16.24 -22.11
C GLU D 268 42.24 -15.09 -21.29
N ASP D 269 41.49 -13.99 -21.17
CA ASP D 269 41.96 -12.84 -20.42
C ASP D 269 41.56 -12.94 -18.95
N VAL D 270 42.20 -13.82 -18.20
CA VAL D 270 41.86 -14.03 -16.80
C VAL D 270 43.11 -14.37 -15.99
N ASP D 271 43.04 -14.12 -14.69
CA ASP D 271 44.06 -14.60 -13.77
C ASP D 271 43.82 -16.09 -13.49
N ILE D 272 44.71 -16.95 -13.97
CA ILE D 272 44.43 -18.39 -13.99
C ILE D 272 44.22 -19.00 -12.61
N ASP D 273 45.11 -18.66 -11.66
CA ASP D 273 45.04 -19.23 -10.32
C ASP D 273 43.75 -18.86 -9.59
N LYS D 274 43.32 -17.62 -9.78
CA LYS D 274 42.08 -17.13 -9.22
C LYS D 274 40.90 -17.93 -9.76
N VAL D 275 40.83 -18.03 -11.08
CA VAL D 275 39.74 -18.72 -11.75
C VAL D 275 39.77 -20.20 -11.39
N VAL D 276 40.98 -20.76 -11.34
CA VAL D 276 41.14 -22.17 -10.99
C VAL D 276 40.57 -22.45 -9.59
N GLU D 277 40.74 -21.52 -8.62
CA GLU D 277 40.20 -21.78 -7.28
C GLU D 277 38.66 -21.81 -7.28
N TRP D 278 38.06 -20.90 -8.05
CA TRP D 278 36.61 -20.83 -8.25
C TRP D 278 36.06 -22.06 -8.97
N THR D 279 36.83 -22.55 -9.93
CA THR D 279 36.43 -23.75 -10.67
C THR D 279 36.35 -24.94 -9.72
N ILE D 280 37.37 -25.09 -8.88
CA ILE D 280 37.36 -26.12 -7.85
C ILE D 280 36.15 -25.97 -6.93
N PHE D 281 35.90 -24.73 -6.49
CA PHE D 281 34.81 -24.43 -5.58
C PHE D 281 33.46 -24.78 -6.23
N GLY D 282 33.38 -24.50 -7.53
CA GLY D 282 32.13 -24.66 -8.26
C GLY D 282 31.79 -26.12 -8.47
N CYS D 283 32.76 -27.01 -8.30
CA CYS D 283 32.44 -28.38 -8.67
C CYS D 283 32.79 -29.40 -7.60
N PHE D 284 33.67 -29.03 -6.68
CA PHE D 284 34.17 -29.99 -5.69
C PHE D 284 33.69 -29.68 -4.27
N TRP D 285 33.36 -28.42 -4.00
CA TRP D 285 32.83 -28.00 -2.71
C TRP D 285 31.52 -28.74 -2.42
N THR D 286 31.18 -28.86 -1.14
CA THR D 286 30.05 -29.66 -0.68
C THR D 286 30.25 -31.12 -1.13
N ASN D 287 31.51 -31.51 -1.28
CA ASN D 287 31.90 -32.83 -1.75
C ASN D 287 31.27 -33.17 -3.09
N GLY D 288 31.09 -32.15 -3.90
CA GLY D 288 30.55 -32.29 -5.24
C GLY D 288 29.03 -32.30 -5.30
N GLN D 289 28.38 -32.18 -4.14
CA GLN D 289 26.93 -32.33 -4.02
C GLN D 289 26.20 -30.99 -4.08
N ILE D 290 26.35 -30.33 -5.21
CA ILE D 290 25.86 -28.98 -5.39
C ILE D 290 24.83 -28.98 -6.49
N CSO D 291 23.60 -28.57 -6.18
CA CSO D 291 22.55 -28.48 -7.20
CB CSO D 291 21.22 -28.03 -6.61
SG CSO D 291 21.29 -26.67 -5.40
C CSO D 291 22.99 -27.56 -8.34
O CSO D 291 22.76 -27.86 -9.52
OD CSO D 291 22.22 -27.17 -4.00
N CYS D 291 23.60 -28.57 -6.20
CA CYS D 291 22.58 -28.48 -7.24
C CYS D 291 23.02 -27.57 -8.36
N SER D 292 23.67 -26.47 -8.00
CA SER D 292 24.12 -25.50 -8.99
C SER D 292 25.60 -25.68 -9.38
N ALA D 293 26.12 -26.90 -9.26
CA ALA D 293 27.52 -27.21 -9.54
C ALA D 293 27.90 -26.74 -10.95
N THR D 294 29.03 -26.04 -11.09
CA THR D 294 29.49 -25.73 -12.45
C THR D 294 30.41 -26.87 -12.87
N SER D 295 29.76 -27.94 -13.35
CA SER D 295 30.36 -29.22 -13.60
C SER D 295 30.82 -29.42 -15.04
N ARG D 296 30.58 -28.40 -15.86
CA ARG D 296 31.09 -28.38 -17.22
C ARG D 296 31.97 -27.17 -17.41
N LEU D 297 33.28 -27.39 -17.35
CA LEU D 297 34.22 -26.33 -17.62
C LEU D 297 34.41 -26.17 -19.12
N LEU D 298 34.18 -24.97 -19.61
CA LEU D 298 34.42 -24.63 -21.00
C LEU D 298 35.53 -23.58 -21.00
N VAL D 299 36.71 -23.95 -21.48
CA VAL D 299 37.86 -23.06 -21.35
C VAL D 299 38.42 -22.71 -22.72
N HIS D 300 38.82 -21.46 -22.93
CA HIS D 300 39.36 -21.07 -24.21
C HIS D 300 40.58 -21.95 -24.57
N GLU D 301 40.63 -22.39 -25.82
CA GLU D 301 41.71 -23.27 -26.27
C GLU D 301 43.08 -22.58 -26.14
N SER D 302 43.10 -21.25 -26.20
CA SER D 302 44.34 -20.49 -26.01
C SER D 302 44.98 -20.81 -24.67
N ILE D 303 44.19 -20.81 -23.59
CA ILE D 303 44.78 -21.03 -22.29
C ILE D 303 44.44 -22.37 -21.73
N ALA D 304 43.82 -23.21 -22.54
CA ALA D 304 43.32 -24.49 -22.05
C ALA D 304 44.39 -25.25 -21.29
N ALA D 305 45.50 -25.51 -21.96
CA ALA D 305 46.56 -26.37 -21.41
C ALA D 305 47.12 -25.83 -20.10
N GLU D 306 47.37 -24.52 -20.05
CA GLU D 306 47.92 -23.87 -18.87
C GLU D 306 46.93 -23.95 -17.74
N PHE D 307 45.66 -23.77 -18.09
CA PHE D 307 44.57 -23.77 -17.12
C PHE D 307 44.46 -25.11 -16.44
N VAL D 308 44.24 -26.17 -17.23
CA VAL D 308 44.01 -27.50 -16.67
C VAL D 308 45.25 -27.99 -15.92
N ASP D 309 46.41 -27.59 -16.39
CA ASP D 309 47.62 -27.91 -15.64
C ASP D 309 47.58 -27.22 -14.27
N LYS D 310 47.20 -25.95 -14.15
CA LYS D 310 47.12 -25.34 -12.83
C LYS D 310 45.88 -25.85 -12.10
N LEU D 311 44.86 -26.30 -12.82
CA LEU D 311 43.70 -26.90 -12.17
C LEU D 311 44.12 -28.19 -11.46
N VAL D 312 44.89 -29.04 -12.12
CA VAL D 312 45.27 -30.31 -11.47
C VAL D 312 46.21 -30.03 -10.27
N LYS D 313 47.09 -29.05 -10.42
CA LYS D 313 47.86 -28.50 -9.30
C LYS D 313 47.03 -28.33 -8.03
N TRP D 314 46.06 -27.43 -8.08
CA TRP D 314 45.19 -27.16 -6.94
C TRP D 314 44.38 -28.39 -6.48
N THR D 315 43.84 -29.14 -7.42
CA THR D 315 43.04 -30.32 -7.06
C THR D 315 43.84 -31.32 -6.22
N LYS D 316 45.13 -31.44 -6.54
CA LYS D 316 46.07 -32.25 -5.78
C LYS D 316 46.28 -31.71 -4.36
N ASN D 317 46.14 -30.41 -4.20
CA ASN D 317 46.32 -29.81 -2.89
C ASN D 317 45.06 -29.80 -2.05
N ILE D 318 44.12 -30.72 -2.33
CA ILE D 318 42.91 -30.71 -1.49
C ILE D 318 42.94 -31.80 -0.42
N LYS D 319 43.01 -31.35 0.84
CA LYS D 319 43.02 -32.28 1.96
C LYS D 319 41.72 -33.09 2.03
N ILE D 320 41.81 -34.35 1.62
CA ILE D 320 40.71 -35.29 1.75
C ILE D 320 40.89 -35.98 3.10
N SER D 321 39.84 -35.98 3.92
CA SER D 321 39.93 -36.54 5.25
C SER D 321 38.56 -36.66 5.91
N ASP D 322 38.56 -37.14 7.14
CA ASP D 322 37.38 -37.05 7.99
C ASP D 322 37.03 -35.58 8.11
N PRO D 323 35.73 -35.25 8.01
CA PRO D 323 35.27 -33.86 8.03
C PRO D 323 35.71 -33.07 9.26
N PHE D 324 35.99 -33.74 10.37
CA PHE D 324 36.36 -33.03 11.61
C PHE D 324 37.85 -32.72 11.73
N GLU D 325 38.67 -33.45 10.97
CA GLU D 325 40.12 -33.25 10.96
C GLU D 325 40.46 -31.85 10.45
N GLU D 326 41.35 -31.17 11.17
CA GLU D 326 41.66 -29.77 10.87
C GLU D 326 42.09 -29.60 9.41
N GLY D 327 41.57 -28.58 8.75
CA GLY D 327 41.93 -28.29 7.37
C GLY D 327 41.35 -29.20 6.31
N CYS D 328 40.36 -30.03 6.66
CA CYS D 328 39.65 -30.85 5.68
C CYS D 328 39.00 -29.95 4.62
N ARG D 329 39.06 -30.38 3.36
CA ARG D 329 38.43 -29.62 2.26
C ARG D 329 37.61 -30.49 1.32
N LEU D 330 37.64 -31.79 1.56
CA LEU D 330 36.78 -32.71 0.83
C LEU D 330 36.43 -33.86 1.77
N GLY D 331 35.13 -34.12 1.93
CA GLY D 331 34.66 -35.21 2.76
C GLY D 331 34.08 -36.31 1.89
N PRO D 332 33.47 -37.32 2.52
CA PRO D 332 32.84 -38.38 1.73
C PRO D 332 31.56 -37.87 1.07
N VAL D 333 31.03 -38.59 0.10
CA VAL D 333 29.71 -38.25 -0.42
C VAL D 333 28.71 -38.90 0.54
N ILE D 334 27.43 -38.58 0.39
CA ILE D 334 26.42 -38.81 1.45
C ILE D 334 26.10 -40.28 1.77
N SER D 335 26.21 -41.17 0.80
CA SER D 335 25.68 -42.51 1.00
C SER D 335 26.30 -43.54 0.07
N LYS D 336 26.05 -44.81 0.35
CA LYS D 336 26.51 -45.93 -0.46
C LYS D 336 25.89 -45.89 -1.85
N GLY D 337 24.58 -45.71 -1.91
CA GLY D 337 23.87 -45.57 -3.18
C GLY D 337 24.44 -44.48 -4.09
N GLN D 338 24.66 -43.29 -3.54
CA GLN D 338 25.25 -42.17 -4.28
C GLN D 338 26.70 -42.43 -4.66
N TYR D 339 27.44 -43.05 -3.74
CA TYR D 339 28.82 -43.48 -3.97
C TYR D 339 28.90 -44.38 -5.18
N ASP D 340 28.07 -45.42 -5.19
CA ASP D 340 28.03 -46.35 -6.30
C ASP D 340 27.62 -45.64 -7.59
N LYS D 341 26.57 -44.79 -7.50
CA LYS D 341 26.14 -43.95 -8.61
C LYS D 341 27.30 -43.22 -9.26
N ILE D 342 28.05 -42.45 -8.46
CA ILE D 342 29.15 -41.64 -8.99
C ILE D 342 30.29 -42.48 -9.60
N MET D 343 30.71 -43.55 -8.92
CA MET D 343 31.70 -44.47 -9.47
C MET D 343 31.25 -45.03 -10.83
N LYS D 344 29.96 -45.35 -10.90
CA LYS D 344 29.34 -45.86 -12.13
C LYS D 344 29.34 -44.80 -13.24
N PHE D 345 29.13 -43.53 -12.90
CA PHE D 345 29.28 -42.46 -13.87
C PHE D 345 30.71 -42.40 -14.40
N ILE D 346 31.70 -42.42 -13.50
CA ILE D 346 33.10 -42.37 -13.89
C ILE D 346 33.47 -43.57 -14.77
N SER D 347 33.07 -44.76 -14.33
CA SER D 347 33.25 -46.00 -15.10
C SER D 347 32.66 -45.93 -16.51
N THR D 348 31.41 -45.52 -16.62
CA THR D 348 30.77 -45.37 -17.92
C THR D 348 31.49 -44.34 -18.81
N ALA D 349 31.98 -43.27 -18.20
CA ALA D 349 32.70 -42.24 -18.95
C ALA D 349 34.02 -42.74 -19.57
N LYS D 350 34.82 -43.47 -18.79
CA LYS D 350 36.08 -43.96 -19.34
C LYS D 350 35.75 -45.03 -20.37
N SER D 351 34.59 -45.66 -20.23
CA SER D 351 34.13 -46.69 -21.17
C SER D 351 33.53 -46.10 -22.45
N GLU D 352 33.07 -44.85 -22.39
CA GLU D 352 32.49 -44.20 -23.56
C GLU D 352 33.56 -43.46 -24.37
N GLY D 353 34.80 -43.54 -23.90
CA GLY D 353 35.92 -43.00 -24.63
C GLY D 353 36.61 -41.78 -24.03
N ALA D 354 36.24 -41.41 -22.81
CA ALA D 354 36.79 -40.20 -22.17
C ALA D 354 38.08 -40.46 -21.38
N THR D 355 38.80 -39.39 -21.07
CA THR D 355 40.04 -39.50 -20.29
C THR D 355 39.88 -39.05 -18.83
N ILE D 356 40.18 -39.94 -17.89
CA ILE D 356 40.26 -39.55 -16.49
C ILE D 356 41.63 -38.94 -16.26
N LEU D 357 41.76 -37.66 -16.55
CA LEU D 357 43.01 -36.95 -16.35
C LEU D 357 43.49 -37.01 -14.91
N TYR D 358 42.56 -36.96 -13.97
CA TYR D 358 42.93 -37.02 -12.57
C TYR D 358 41.83 -37.60 -11.72
N GLY D 359 42.21 -38.29 -10.66
CA GLY D 359 41.26 -38.80 -9.70
C GLY D 359 40.52 -39.99 -10.27
N GLY D 360 39.29 -40.19 -9.82
CA GLY D 360 38.42 -41.21 -10.41
C GLY D 360 38.24 -42.45 -9.58
N SER D 361 38.84 -42.47 -8.40
CA SER D 361 38.67 -43.62 -7.51
C SER D 361 38.80 -43.18 -6.06
N ARG D 362 38.84 -44.14 -5.14
CA ARG D 362 39.06 -43.81 -3.74
C ARG D 362 40.46 -43.26 -3.53
N PRO D 363 40.58 -42.27 -2.64
CA PRO D 363 41.93 -42.07 -2.11
C PRO D 363 42.15 -43.23 -1.16
N GLU D 364 43.40 -43.65 -1.03
CA GLU D 364 43.73 -44.87 -0.30
C GLU D 364 43.96 -44.67 1.20
N HIS D 365 44.32 -43.47 1.63
CA HIS D 365 44.65 -43.31 3.03
C HIS D 365 43.35 -43.54 3.83
N LEU D 366 42.22 -43.46 3.12
CA LEU D 366 40.90 -43.68 3.71
C LEU D 366 40.28 -44.96 3.16
N LYS D 367 40.19 -46.00 3.98
CA LYS D 367 39.73 -47.28 3.41
C LYS D 367 38.28 -47.54 3.80
N LYS D 368 37.77 -46.79 4.77
CA LYS D 368 36.38 -46.76 5.19
C LYS D 368 35.77 -45.40 4.84
N GLY D 369 34.49 -45.36 4.47
CA GLY D 369 33.85 -44.09 4.19
C GLY D 369 33.69 -43.86 2.70
N TYR D 370 32.57 -43.24 2.32
CA TYR D 370 32.28 -43.03 0.90
C TYR D 370 33.10 -41.88 0.35
N TYR D 371 34.43 -42.03 0.39
CA TYR D 371 35.33 -41.00 -0.14
C TYR D 371 35.65 -41.24 -1.60
N ILE D 372 35.62 -40.16 -2.37
CA ILE D 372 35.94 -40.20 -3.78
C ILE D 372 36.89 -39.06 -4.09
N GLU D 373 37.98 -39.38 -4.79
CA GLU D 373 38.94 -38.36 -5.22
C GLU D 373 38.24 -37.34 -6.10
N PRO D 374 38.63 -36.05 -5.97
CA PRO D 374 38.14 -35.04 -6.90
C PRO D 374 38.64 -35.41 -8.28
N THR D 375 37.75 -35.47 -9.26
CA THR D 375 38.04 -36.06 -10.55
C THR D 375 37.90 -35.06 -11.67
N ILE D 376 38.85 -35.10 -12.60
CA ILE D 376 38.85 -34.20 -13.74
C ILE D 376 38.81 -35.06 -14.97
N VAL D 377 37.87 -34.76 -15.86
CA VAL D 377 37.58 -35.63 -16.98
C VAL D 377 37.69 -34.87 -18.29
N THR D 378 38.61 -35.32 -19.14
CA THR D 378 38.91 -34.68 -20.41
C THR D 378 38.61 -35.58 -21.59
N ASP D 379 38.97 -35.11 -22.79
CA ASP D 379 38.61 -35.73 -24.06
C ASP D 379 37.13 -36.11 -24.07
N ILE D 380 36.30 -35.10 -23.86
CA ILE D 380 34.85 -35.24 -23.76
C ILE D 380 34.24 -35.07 -25.13
N SER D 381 33.22 -35.87 -25.44
CA SER D 381 32.35 -35.56 -26.56
C SER D 381 30.96 -35.27 -25.99
N THR D 382 30.22 -34.38 -26.63
CA THR D 382 28.93 -33.97 -26.09
C THR D 382 27.86 -35.06 -26.20
N SER D 383 28.24 -36.26 -26.66
CA SER D 383 27.33 -37.40 -26.68
CA SER D 383 27.29 -37.37 -26.64
C SER D 383 27.49 -38.26 -25.42
N MET D 384 28.52 -37.97 -24.64
CA MET D 384 28.79 -38.77 -23.46
C MET D 384 27.80 -38.48 -22.35
N GLN D 385 27.35 -39.54 -21.70
CA GLN D 385 26.50 -39.45 -20.51
C GLN D 385 27.05 -38.44 -19.49
N ILE D 386 28.36 -38.45 -19.31
CA ILE D 386 29.02 -37.62 -18.29
C ILE D 386 28.82 -36.12 -18.58
N TRP D 387 28.68 -35.78 -19.85
CA TRP D 387 28.46 -34.39 -20.29
C TRP D 387 26.99 -33.97 -20.11
N LYS D 388 26.09 -34.95 -20.10
CA LYS D 388 24.67 -34.69 -20.12
C LYS D 388 24.03 -34.75 -18.74
N GLU D 389 24.47 -35.69 -17.92
CA GLU D 389 23.73 -36.00 -16.71
C GLU D 389 24.35 -35.47 -15.43
N GLU D 390 23.49 -35.09 -14.49
CA GLU D 390 23.93 -34.59 -13.21
C GLU D 390 24.59 -35.69 -12.42
N VAL D 391 25.84 -35.48 -12.06
CA VAL D 391 26.61 -36.52 -11.34
C VAL D 391 26.46 -36.40 -9.83
N PHE D 392 26.41 -35.18 -9.33
CA PHE D 392 26.26 -34.92 -7.91
C PHE D 392 27.41 -35.52 -7.14
N GLY D 393 28.57 -35.48 -7.76
CA GLY D 393 29.80 -35.93 -7.13
C GLY D 393 30.88 -34.92 -7.48
N PRO D 394 32.08 -35.10 -6.92
CA PRO D 394 33.18 -34.18 -7.23
C PRO D 394 33.87 -34.58 -8.52
N VAL D 395 33.18 -34.35 -9.63
CA VAL D 395 33.55 -34.85 -10.95
C VAL D 395 33.34 -33.77 -12.02
N LEU D 396 34.43 -33.23 -12.55
CA LEU D 396 34.38 -32.09 -13.48
C LEU D 396 34.67 -32.53 -14.91
N CYS D 397 33.82 -32.08 -15.83
N CYS D 397 33.83 -32.65 -15.93
CA CYS D 397 34.00 -32.29 -17.28
CA CYS D 397 34.32 -32.72 -17.32
C CYS D 397 34.65 -31.07 -17.89
C CYS D 397 34.68 -31.33 -17.84
N VAL D 398 35.61 -31.29 -18.79
CA VAL D 398 36.37 -30.21 -19.41
C VAL D 398 36.31 -30.27 -20.95
N LYS D 399 36.05 -29.13 -21.58
CA LYS D 399 35.99 -29.03 -23.04
C LYS D 399 36.49 -27.66 -23.46
N THR D 400 37.17 -27.58 -24.61
CA THR D 400 37.72 -26.29 -25.06
C THR D 400 36.78 -25.56 -26.02
N PHE D 401 36.96 -24.25 -26.17
CA PHE D 401 36.26 -23.53 -27.24
C PHE D 401 37.22 -22.56 -27.91
N SER D 402 36.88 -22.12 -29.12
CA SER D 402 37.76 -21.23 -29.87
C SER D 402 37.12 -19.87 -30.15
N SER D 403 35.80 -19.80 -29.99
CA SER D 403 35.10 -18.53 -30.17
C SER D 403 33.99 -18.34 -29.14
N GLU D 404 33.47 -17.12 -29.07
CA GLU D 404 32.40 -16.79 -28.16
C GLU D 404 31.11 -17.55 -28.50
N ASP D 405 30.79 -17.66 -29.78
CA ASP D 405 29.58 -18.35 -30.19
C ASP D 405 29.64 -19.84 -29.84
N GLU D 406 30.85 -20.40 -29.95
CA GLU D 406 31.04 -21.80 -29.61
C GLU D 406 30.88 -21.96 -28.10
N ALA D 407 31.30 -20.95 -27.35
CA ALA D 407 31.21 -21.01 -25.90
C ALA D 407 29.74 -21.07 -25.50
N ILE D 408 28.97 -20.06 -25.92
CA ILE D 408 27.54 -19.99 -25.65
C ILE D 408 26.78 -21.24 -26.09
N ALA D 409 27.01 -21.70 -27.31
CA ALA D 409 26.29 -22.87 -27.82
C ALA D 409 26.59 -24.09 -26.94
N LEU D 410 27.87 -24.26 -26.60
CA LEU D 410 28.24 -25.30 -25.66
C LEU D 410 27.60 -25.12 -24.29
N ALA D 411 27.60 -23.90 -23.77
CA ALA D 411 27.04 -23.66 -22.43
C ALA D 411 25.55 -23.94 -22.40
N ASN D 412 24.84 -23.56 -23.46
CA ASN D 412 23.39 -23.73 -23.56
C ASN D 412 22.96 -25.12 -24.06
N ASP D 413 23.93 -25.94 -24.47
CA ASP D 413 23.62 -27.28 -24.95
C ASP D 413 23.31 -28.21 -23.77
N THR D 414 22.23 -27.91 -23.06
CA THR D 414 21.74 -28.74 -21.98
C THR D 414 20.25 -28.50 -21.86
N GLU D 415 19.52 -29.54 -21.47
CA GLU D 415 18.12 -29.39 -21.13
C GLU D 415 17.92 -28.72 -19.76
N TYR D 416 19.01 -28.65 -18.99
CA TYR D 416 18.96 -27.99 -17.70
C TYR D 416 19.10 -26.49 -17.87
N GLY D 417 19.00 -25.77 -16.77
CA GLY D 417 19.24 -24.34 -16.79
C GLY D 417 19.22 -23.62 -15.47
N LEU D 418 19.87 -24.18 -14.46
CA LEU D 418 19.89 -23.52 -13.16
C LEU D 418 20.81 -22.31 -13.13
N ALA D 419 22.12 -22.53 -13.28
CA ALA D 419 23.10 -21.46 -13.09
C ALA D 419 24.22 -21.58 -14.12
N ALA D 420 25.05 -20.56 -14.18
CA ALA D 420 26.30 -20.61 -14.95
C ALA D 420 27.27 -19.61 -14.37
N ALA D 421 28.55 -19.76 -14.72
CA ALA D 421 29.56 -18.82 -14.32
C ALA D 421 30.36 -18.42 -15.55
N VAL D 422 30.77 -17.16 -15.63
CA VAL D 422 31.53 -16.67 -16.76
C VAL D 422 32.71 -15.87 -16.22
N PHE D 423 33.89 -16.16 -16.75
CA PHE D 423 35.13 -15.51 -16.32
C PHE D 423 35.84 -14.77 -17.46
N SER D 424 36.01 -13.46 -17.32
CA SER D 424 36.71 -12.66 -18.31
C SER D 424 36.91 -11.28 -17.69
N ASN D 425 38.06 -10.65 -17.94
CA ASN D 425 38.28 -9.27 -17.45
C ASN D 425 37.66 -8.27 -18.42
N ASP D 426 37.24 -8.75 -19.58
CA ASP D 426 36.48 -7.92 -20.51
C ASP D 426 35.03 -7.93 -20.04
N LEU D 427 34.57 -6.79 -19.54
CA LEU D 427 33.28 -6.76 -18.86
C LEU D 427 32.13 -6.65 -19.86
N GLU D 428 32.37 -6.03 -21.01
CA GLU D 428 31.40 -6.09 -22.10
C GLU D 428 31.19 -7.53 -22.55
N ARG D 429 32.26 -8.31 -22.60
CA ARG D 429 32.10 -9.73 -22.96
C ARG D 429 31.28 -10.45 -21.89
N CYS D 430 31.63 -10.22 -20.62
CA CYS D 430 30.88 -10.73 -19.48
C CYS D 430 29.38 -10.46 -19.60
N GLU D 431 29.02 -9.24 -19.98
CA GLU D 431 27.61 -8.91 -20.18
C GLU D 431 26.92 -9.65 -21.33
N ARG D 432 27.55 -9.70 -22.50
CA ARG D 432 27.02 -10.43 -23.64
C ARG D 432 26.73 -11.89 -23.28
N ILE D 433 27.66 -12.49 -22.55
CA ILE D 433 27.57 -13.92 -22.21
C ILE D 433 26.47 -14.12 -21.18
N THR D 434 26.38 -13.20 -20.24
CA THR D 434 25.42 -13.31 -19.14
C THR D 434 24.01 -13.32 -19.68
N LYS D 435 23.71 -12.41 -20.61
CA LYS D 435 22.38 -12.32 -21.21
C LYS D 435 22.05 -13.54 -22.04
N ALA D 436 23.07 -14.10 -22.67
CA ALA D 436 22.90 -15.18 -23.63
C ALA D 436 22.67 -16.56 -22.99
N LEU D 437 23.09 -16.69 -21.73
CA LEU D 437 23.02 -17.96 -21.01
C LEU D 437 21.59 -18.24 -20.61
N GLU D 438 21.13 -19.47 -20.85
CA GLU D 438 19.74 -19.89 -20.60
C GLU D 438 19.67 -20.52 -19.21
N VAL D 439 19.66 -19.63 -18.24
CA VAL D 439 19.98 -20.00 -16.89
C VAL D 439 19.26 -19.03 -15.94
N GLY D 440 19.06 -19.40 -14.68
CA GLY D 440 18.36 -18.49 -13.77
C GLY D 440 19.29 -17.60 -12.97
N ALA D 441 20.54 -18.01 -12.88
CA ALA D 441 21.52 -17.28 -12.10
C ALA D 441 22.89 -17.34 -12.77
N VAL D 442 23.51 -16.18 -12.95
CA VAL D 442 24.86 -16.13 -13.55
C VAL D 442 25.87 -15.52 -12.60
N TRP D 443 26.91 -16.27 -12.28
CA TRP D 443 28.03 -15.66 -11.55
C TRP D 443 29.05 -15.12 -12.53
N VAL D 444 29.58 -13.93 -12.22
CA VAL D 444 30.64 -13.33 -13.04
C VAL D 444 31.92 -13.20 -12.24
N ASN D 445 32.94 -13.88 -12.73
CA ASN D 445 34.26 -13.94 -12.10
C ASN D 445 34.22 -14.54 -10.69
N CYS D 446 33.23 -15.40 -10.48
CA CYS D 446 33.16 -16.31 -9.34
C CYS D 446 32.20 -17.47 -9.71
N SER D 447 32.04 -18.42 -8.80
CA SER D 447 31.12 -19.54 -8.97
C SER D 447 30.65 -19.97 -7.58
N GLN D 448 29.32 -19.98 -7.41
CA GLN D 448 28.60 -20.44 -6.22
C GLN D 448 28.27 -19.49 -5.08
N PRO D 449 28.67 -18.25 -5.07
CA PRO D 449 28.21 -17.54 -3.85
C PRO D 449 26.69 -17.29 -3.87
N CYS D 450 25.98 -17.64 -2.79
CA CYS D 450 24.52 -17.62 -2.76
C CYS D 450 24.01 -16.81 -1.58
N PHE D 451 23.63 -15.57 -1.84
CA PHE D 451 23.17 -14.70 -0.78
C PHE D 451 21.67 -14.70 -0.70
N VAL D 452 21.17 -14.69 0.53
CA VAL D 452 19.75 -14.73 0.77
C VAL D 452 19.07 -13.49 0.18
N GLN D 453 19.83 -12.42 -0.05
CA GLN D 453 19.28 -11.15 -0.57
C GLN D 453 18.78 -11.23 -2.02
N ALA D 454 19.15 -12.28 -2.74
CA ALA D 454 19.02 -12.28 -4.20
C ALA D 454 18.15 -13.46 -4.66
N PRO D 455 17.40 -13.30 -5.77
CA PRO D 455 16.43 -14.37 -6.10
C PRO D 455 17.16 -15.56 -6.69
N TRP D 456 16.61 -16.76 -6.43
CA TRP D 456 17.26 -18.01 -6.75
C TRP D 456 16.26 -19.04 -7.29
N GLY D 457 16.50 -19.47 -8.51
CA GLY D 457 15.74 -20.55 -9.12
C GLY D 457 16.24 -20.74 -10.53
N GLY D 458 15.84 -21.82 -11.19
CA GLY D 458 16.31 -22.07 -12.54
C GLY D 458 15.26 -21.89 -13.61
N ILE D 459 15.64 -22.25 -14.85
CA ILE D 459 14.68 -22.36 -15.94
C ILE D 459 14.85 -23.73 -16.61
N LYS D 460 14.08 -23.96 -17.67
CA LYS D 460 14.13 -25.24 -18.40
C LYS D 460 14.01 -26.46 -17.47
N ARG D 461 14.81 -27.52 -17.63
CA ARG D 461 14.53 -28.70 -16.81
C ARG D 461 15.11 -28.58 -15.39
N SER D 462 15.56 -27.38 -15.02
CA SER D 462 16.01 -27.16 -13.66
C SER D 462 14.89 -26.62 -12.76
N GLY D 463 13.67 -26.51 -13.30
CA GLY D 463 12.53 -26.12 -12.50
C GLY D 463 12.05 -24.70 -12.76
N PHE D 464 11.26 -24.16 -11.85
CA PHE D 464 10.71 -22.81 -11.99
C PHE D 464 10.37 -22.21 -10.63
N GLY D 465 10.09 -20.91 -10.61
CA GLY D 465 9.87 -20.25 -9.35
C GLY D 465 11.16 -19.67 -8.82
N ARG D 466 11.05 -18.55 -8.13
CA ARG D 466 12.21 -17.90 -7.52
C ARG D 466 12.08 -17.88 -6.01
N GLU D 467 13.14 -18.29 -5.33
CA GLU D 467 13.19 -18.29 -3.88
C GLU D 467 14.09 -17.14 -3.43
N LEU D 468 14.11 -16.88 -2.13
CA LEU D 468 15.03 -15.92 -1.52
C LEU D 468 14.82 -14.49 -2.00
N GLY D 469 15.60 -13.55 -1.44
CA GLY D 469 15.42 -12.16 -1.77
C GLY D 469 13.98 -11.67 -1.62
N GLU D 470 13.59 -10.71 -2.43
CA GLU D 470 12.25 -10.16 -2.35
C GLU D 470 11.24 -11.01 -3.12
N TRP D 471 11.68 -12.20 -3.52
CA TRP D 471 10.82 -13.13 -4.24
C TRP D 471 10.33 -14.27 -3.32
N GLY D 472 11.07 -14.52 -2.25
CA GLY D 472 10.79 -15.63 -1.35
C GLY D 472 9.37 -15.67 -0.77
N ILE D 473 8.95 -14.56 -0.19
CA ILE D 473 7.66 -14.51 0.47
C ILE D 473 6.47 -14.69 -0.48
N GLN D 474 6.58 -14.23 -1.73
CA GLN D 474 5.41 -14.24 -2.61
C GLN D 474 5.02 -15.65 -3.06
N ASN D 475 5.94 -16.59 -2.92
CA ASN D 475 5.63 -17.99 -3.19
C ASN D 475 4.56 -18.52 -2.25
N TYR D 476 4.40 -17.83 -1.12
CA TYR D 476 3.57 -18.33 -0.04
C TYR D 476 2.36 -17.44 0.21
N LEU D 477 2.02 -16.64 -0.79
CA LEU D 477 0.96 -15.66 -0.67
C LEU D 477 -0.20 -15.87 -1.62
N ASN D 478 -1.37 -15.53 -1.13
CA ASN D 478 -2.57 -15.32 -1.96
C ASN D 478 -2.68 -13.82 -2.23
N ILE D 479 -2.30 -13.41 -3.44
CA ILE D 479 -2.54 -12.06 -3.92
C ILE D 479 -4.02 -11.87 -4.19
N LYS D 480 -4.68 -11.07 -3.35
CA LYS D 480 -6.14 -10.95 -3.40
C LYS D 480 -6.55 -9.58 -3.94
N GLN D 481 -7.17 -9.57 -5.11
CA GLN D 481 -7.72 -8.31 -5.63
C GLN D 481 -9.03 -7.96 -4.95
N VAL D 482 -9.12 -6.73 -4.43
CA VAL D 482 -10.34 -6.24 -3.79
C VAL D 482 -10.86 -4.98 -4.48
N THR D 483 -11.87 -5.11 -5.34
CA THR D 483 -12.39 -3.93 -6.06
C THR D 483 -13.83 -3.57 -5.71
N GLN D 484 -14.00 -2.29 -5.40
CA GLN D 484 -15.20 -1.74 -4.79
C GLN D 484 -16.03 -0.89 -5.77
N ASP D 485 -17.36 -1.02 -5.70
CA ASP D 485 -18.26 -0.06 -6.36
C ASP D 485 -18.66 0.97 -5.31
N ILE D 486 -18.07 2.16 -5.40
CA ILE D 486 -18.29 3.19 -4.40
C ILE D 486 -19.42 4.14 -4.82
N SER D 487 -19.77 4.07 -6.09
CA SER D 487 -20.95 4.68 -6.69
C SER D 487 -22.22 4.12 -6.07
N ASP D 488 -23.34 4.82 -6.16
CA ASP D 488 -24.63 4.24 -5.77
C ASP D 488 -25.61 4.37 -6.95
N GLU D 489 -25.03 4.60 -8.12
CA GLU D 489 -25.63 4.53 -9.44
C GLU D 489 -25.99 3.08 -9.70
N PRO D 490 -27.14 2.75 -10.30
CA PRO D 490 -27.31 1.38 -10.80
C PRO D 490 -26.34 1.10 -11.95
N TRP D 491 -26.04 -0.17 -12.17
CA TRP D 491 -25.12 -0.60 -13.22
C TRP D 491 -25.63 -0.11 -14.58
N GLY D 492 -26.95 -0.10 -14.75
CA GLY D 492 -27.57 0.39 -15.97
C GLY D 492 -27.30 -0.42 -17.23
N TRP D 493 -27.14 -1.74 -17.08
CA TRP D 493 -26.90 -2.59 -18.24
C TRP D 493 -28.21 -3.24 -18.73
N TYR D 494 -29.02 -3.71 -17.78
CA TYR D 494 -30.32 -4.27 -18.10
C TYR D 494 -31.42 -3.22 -17.89
N LYS D 495 -32.63 -3.54 -18.36
CA LYS D 495 -33.80 -2.69 -18.18
C LYS D 495 -34.61 -3.11 -16.97
N SER D 496 -34.93 -2.15 -16.10
CA SER D 496 -35.59 -2.43 -14.82
C SER D 496 -37.03 -2.95 -15.00
N PRO D 497 -37.54 -3.61 -13.96
CA PRO D 497 -38.90 -4.15 -13.99
C PRO D 497 -39.42 -4.39 -12.57
I IOD E . 3.02 3.70 14.49
I IOD F . -16.76 44.89 14.31
I IOD G . -20.75 29.88 27.33
I IOD H . -1.14 -12.61 18.82
I IOD I . -4.43 28.51 23.49
C4 CHT J . 15.38 20.29 19.15
C5 CHT J . 14.45 19.13 18.77
C6 CHT J . 13.94 16.91 18.61
C7 CHT J . 15.77 17.57 19.98
C8 CHT J . 15.97 17.38 17.74
O6 CHT J . 16.58 20.16 19.07
N1 CHT J . 15.06 17.79 18.76
C1 PG4 K . -0.28 33.37 20.14
C2 PG4 K . 0.18 32.58 18.94
O2 PG4 K . -0.33 31.27 19.04
C3 PG4 K . -1.75 31.16 18.80
C4 PG4 K . -1.95 30.66 17.35
O3 PG4 K . -3.35 30.57 17.08
C5 PG4 K . -3.95 31.81 16.71
C6 PG4 K . -5.43 31.78 17.13
O4 PG4 K . -6.00 33.05 16.87
C7 PG4 K . -5.45 34.07 17.61
C8 PG4 K . -6.42 34.40 18.79
O5 PG4 K . -5.69 35.12 19.79
I IOD L . -13.36 18.06 -5.56
I IOD M . 14.78 37.19 10.58
I IOD N . -1.87 35.59 12.00
I IOD O . -10.46 20.96 15.17
C4 CHT P . -23.21 30.79 8.38
C5 CHT P . -22.27 29.72 7.85
C6 CHT P . -23.95 28.75 6.53
C7 CHT P . -22.54 30.46 5.63
C8 CHT P . -21.78 28.27 5.86
O6 CHT P . -24.35 30.47 8.66
N1 CHT P . -22.61 29.29 6.49
C1 GOL Q . -26.76 37.27 8.77
O1 GOL Q . -27.03 35.89 8.45
C2 GOL Q . -25.32 37.53 9.18
O2 GOL Q . -25.37 38.47 10.21
C3 GOL Q . -24.56 38.10 8.01
O3 GOL Q . -23.20 38.37 8.31
I IOD R . -6.31 -28.16 -24.45
I IOD S . 24.48 -8.07 -17.13
I IOD T . 8.07 -7.03 -13.98
C1 PG4 U . 10.41 -5.13 -5.95
C2 PG4 U . 10.15 -6.37 -6.75
O2 PG4 U . 10.14 -7.48 -5.86
C3 PG4 U . 9.80 -8.73 -6.47
C4 PG4 U . 8.26 -8.79 -6.63
O3 PG4 U . 7.93 -9.93 -7.44
C5 PG4 U . 6.53 -10.12 -7.62
C6 PG4 U . 5.99 -9.00 -8.53
O4 PG4 U . 4.62 -8.79 -8.22
C7 PG4 U . 4.15 -7.54 -8.58
C8 PG4 U . 4.92 -6.47 -7.74
O5 PG4 U . 4.11 -5.29 -7.67
C2 ETX V . -35.51 -19.93 -2.21
O2 ETX V . -35.03 -21.15 -1.69
C3 ETX V . -33.68 -21.40 -1.99
C4 ETX V . -33.18 -22.49 -1.07
O1 ETX V . -36.02 -17.71 -1.57
C1 ETX V . -35.81 -19.01 -1.06
I IOD W . -10.38 -5.27 2.42
I IOD X . 9.73 -36.61 -1.73
I IOD Y . 5.55 -9.67 -1.35
C4 CHT Z . 24.36 -21.52 -3.66
C5 CHT Z . 23.21 -22.53 -3.67
C6 CHT Z . 22.52 -24.70 -3.20
C7 CHT Z . 23.77 -23.45 -1.60
C8 CHT Z . 24.82 -24.44 -3.43
O6 CHT Z . 25.45 -21.84 -4.14
N1 CHT Z . 23.60 -23.76 -3.00
C1 PG4 AA . 10.77 -25.08 -16.22
C2 PG4 AA . 11.07 -23.76 -16.86
O2 PG4 AA . 11.15 -22.72 -15.91
C3 PG4 AA . 10.82 -21.47 -16.48
C4 PG4 AA . 10.11 -20.57 -15.49
O3 PG4 AA . 11.08 -20.15 -14.56
C5 PG4 AA . 10.71 -18.99 -13.83
C6 PG4 AA . 11.59 -17.81 -14.33
O4 PG4 AA . 11.32 -16.58 -13.59
C7 PG4 AA . 10.89 -16.85 -12.26
C8 PG4 AA . 9.48 -16.25 -11.88
O5 PG4 AA . 8.49 -17.26 -12.15
C1 GOL BA . 29.77 -18.58 -0.24
O1 GOL BA . 29.16 -17.30 -0.04
C2 GOL BA . 28.71 -19.66 -0.16
O2 GOL BA . 29.25 -20.90 -0.67
C3 GOL BA . 27.50 -19.26 -1.00
O3 GOL BA . 26.43 -20.17 -0.76
#